data_5T20
#
_entry.id   5T20
#
_cell.length_a   78.280
_cell.length_b   78.828
_cell.length_c   92.935
_cell.angle_alpha   76.190
_cell.angle_beta   70.440
_cell.angle_gamma   59.800
#
_symmetry.space_group_name_H-M   'P 1'
#
loop_
_entity.id
_entity.type
_entity.pdbx_description
1 polymer Lectin
2 polymer Lectin
3 branched alpha-D-mannopyranose-(1-3)-[alpha-D-mannopyranose-(1-6)]alpha-D-mannopyranose
4 branched alpha-D-mannopyranose-(1-6)-alpha-D-mannopyranose
5 non-polymer alpha-D-mannopyranose
6 non-polymer 1,2-ETHANEDIOL
7 water water
#
loop_
_entity_poly.entity_id
_entity_poly.type
_entity_poly.pdbx_seq_one_letter_code
_entity_poly.pdbx_strand_id
1 'polypeptide(L)'
;LGTNYLLSGQTLNTDGHLKNGDFDLVMQNDCNLVLYNGNWQSNTANNGRDCKLTLTDYGELVIKNGDGSTVWRSRAKSVK
GNYAAVLHPDGRLVVFGPSVFKIDPWVPGL
;
A,C,E,G,I,K,M,O
2 'polypeptide(L)'
;NIPFTDNLLFSGQVLYGDGRLTAKNHQLVMQGDCNLVLYGGKYGWQSNTHGNGEHCFLRLNHKGELIIKDDDFKTIWSSN
SSSKQGDYVLILRDDGFAVIYGPAIWETSA
;
B,D,F,H,J,L,N,P
#
loop_
_chem_comp.id
_chem_comp.type
_chem_comp.name
_chem_comp.formula
EDO non-polymer 1,2-ETHANEDIOL 'C2 H6 O2'
MAN D-saccharide, alpha linking alpha-D-mannopyranose 'C6 H12 O6'
#
# COMPACT_ATOMS: atom_id res chain seq x y z
N LEU A 1 4.69 -25.33 27.23
CA LEU A 1 5.48 -24.28 26.57
C LEU A 1 4.94 -22.89 26.82
N GLY A 2 5.79 -21.88 26.64
CA GLY A 2 5.34 -20.50 26.64
C GLY A 2 4.46 -20.26 25.42
N THR A 3 3.57 -19.27 25.48
CA THR A 3 2.67 -19.05 24.34
C THR A 3 3.35 -18.29 23.18
N ASN A 4 4.46 -17.60 23.42
CA ASN A 4 5.10 -16.76 22.39
C ASN A 4 6.62 -16.91 22.37
N TYR A 5 7.17 -17.90 23.09
CA TYR A 5 8.60 -18.16 23.04
C TYR A 5 8.91 -19.66 23.10
N LEU A 6 10.06 -20.03 22.56
CA LEU A 6 10.59 -21.40 22.57
C LEU A 6 12.01 -21.32 23.12
N LEU A 7 12.32 -22.05 24.22
CA LEU A 7 13.68 -22.03 24.81
C LEU A 7 14.54 -23.17 24.25
N SER A 8 15.87 -23.04 24.36
CA SER A 8 16.74 -24.14 23.94
C SER A 8 16.46 -25.33 24.88
N GLY A 9 16.32 -26.52 24.29
CA GLY A 9 15.99 -27.72 25.05
C GLY A 9 14.50 -28.01 25.08
N GLN A 10 13.67 -27.16 24.42
CA GLN A 10 12.22 -27.34 24.30
C GLN A 10 11.86 -27.61 22.84
N THR A 11 10.59 -27.95 22.58
CA THR A 11 10.17 -28.22 21.22
C THR A 11 8.75 -27.70 20.96
N LEU A 12 8.53 -27.11 19.79
CA LEU A 12 7.19 -26.70 19.37
C LEU A 12 6.67 -27.92 18.63
N ASN A 13 5.71 -28.61 19.23
CA ASN A 13 5.18 -29.89 18.73
C ASN A 13 4.34 -29.73 17.46
N THR A 14 4.07 -30.84 16.77
CA THR A 14 3.27 -30.84 15.52
C THR A 14 1.92 -30.19 15.78
N ASP A 15 1.56 -29.20 14.95
CA ASP A 15 0.30 -28.42 15.03
C ASP A 15 0.31 -27.46 16.22
N GLY A 16 1.48 -27.24 16.81
CA GLY A 16 1.67 -26.31 17.93
C GLY A 16 1.83 -24.88 17.42
N HIS A 17 1.48 -23.92 18.27
CA HIS A 17 1.52 -22.49 17.94
C HIS A 17 2.39 -21.68 18.87
N LEU A 18 3.01 -20.62 18.33
CA LEU A 18 3.62 -19.49 19.03
C LEU A 18 2.86 -18.30 18.50
N LYS A 19 2.23 -17.50 19.38
CA LYS A 19 1.36 -16.44 18.89
C LYS A 19 1.54 -15.10 19.63
N ASN A 20 1.55 -13.98 18.87
CA ASN A 20 1.64 -12.64 19.44
C ASN A 20 0.73 -11.74 18.62
N GLY A 21 -0.45 -11.45 19.15
CA GLY A 21 -1.46 -10.70 18.42
C GLY A 21 -1.92 -11.52 17.21
N ASP A 22 -1.90 -10.88 16.04
CA ASP A 22 -2.30 -11.44 14.74
C ASP A 22 -1.28 -12.43 14.17
N PHE A 23 -0.03 -12.37 14.64
CA PHE A 23 1.06 -13.23 14.16
C PHE A 23 0.99 -14.59 14.82
N ASP A 24 0.93 -15.63 13.99
CA ASP A 24 0.69 -16.99 14.46
C ASP A 24 1.63 -17.96 13.79
N LEU A 25 2.65 -18.38 14.51
CA LEU A 25 3.66 -19.30 14.00
C LEU A 25 3.24 -20.73 14.28
N VAL A 26 3.05 -21.52 13.23
CA VAL A 26 2.55 -22.88 13.38
C VAL A 26 3.55 -23.87 12.80
N MET A 27 3.91 -24.88 13.60
CA MET A 27 4.71 -26.04 13.18
C MET A 27 3.65 -27.01 12.66
N GLN A 28 3.38 -27.00 11.35
CA GLN A 28 2.24 -27.72 10.82
C GLN A 28 2.44 -29.22 10.66
N ASN A 29 1.30 -29.94 10.50
CA ASN A 29 1.25 -31.39 10.28
C ASN A 29 1.95 -31.78 8.97
N ASP A 30 2.04 -30.86 8.00
CA ASP A 30 2.70 -31.08 6.69
C ASP A 30 4.21 -30.73 6.69
N CYS A 31 4.79 -30.47 7.89
CA CYS A 31 6.22 -30.15 8.13
C CYS A 31 6.62 -28.71 7.71
N ASN A 32 5.67 -27.89 7.28
CA ASN A 32 5.98 -26.51 6.93
C ASN A 32 5.83 -25.67 8.18
N LEU A 33 6.81 -24.83 8.48
CA LEU A 33 6.75 -23.92 9.60
C LEU A 33 6.28 -22.59 9.04
N VAL A 34 5.02 -22.16 9.33
CA VAL A 34 4.45 -20.98 8.71
C VAL A 34 4.16 -19.90 9.75
N LEU A 35 4.62 -18.67 9.47
CA LEU A 35 4.37 -17.49 10.29
C LEU A 35 3.23 -16.72 9.65
N TYR A 36 1.98 -17.14 10.00
CA TYR A 36 0.77 -16.53 9.46
C TYR A 36 0.72 -15.07 9.80
N ASN A 37 0.45 -14.24 8.75
CA ASN A 37 0.40 -12.77 8.76
C ASN A 37 1.81 -12.14 8.86
N GLY A 38 2.85 -12.98 8.95
CA GLY A 38 4.24 -12.55 9.07
C GLY A 38 5.09 -12.67 7.82
N ASN A 39 4.49 -13.14 6.70
CA ASN A 39 5.14 -13.30 5.39
C ASN A 39 6.45 -14.13 5.49
N TRP A 40 6.37 -15.30 6.13
CA TRP A 40 7.54 -16.18 6.29
C TRP A 40 7.09 -17.61 6.50
N GLN A 41 7.85 -18.54 5.93
CA GLN A 41 7.67 -19.98 6.07
C GLN A 41 9.02 -20.65 5.81
N SER A 42 9.24 -21.81 6.42
CA SER A 42 10.47 -22.60 6.17
C SER A 42 10.49 -23.11 4.76
N ASN A 43 9.27 -23.26 4.15
CA ASN A 43 9.06 -23.72 2.79
C ASN A 43 9.48 -25.20 2.69
N THR A 44 8.99 -26.01 3.66
CA THR A 44 9.31 -27.43 3.78
C THR A 44 8.03 -28.29 3.85
N ALA A 45 6.93 -27.87 3.16
CA ALA A 45 5.67 -28.62 3.08
C ALA A 45 5.89 -30.03 2.52
N ASN A 46 5.25 -31.04 3.14
CA ASN A 46 5.30 -32.48 2.84
C ASN A 46 6.73 -33.11 2.98
N ASN A 47 7.64 -32.49 3.78
CA ASN A 47 8.98 -33.05 4.02
C ASN A 47 9.00 -34.03 5.22
N GLY A 48 7.82 -34.33 5.75
CA GLY A 48 7.68 -35.28 6.85
C GLY A 48 6.40 -35.19 7.63
N ARG A 49 6.23 -36.15 8.54
CA ARG A 49 5.09 -36.23 9.45
C ARG A 49 5.60 -36.05 10.87
N ASP A 50 4.75 -35.59 11.79
CA ASP A 50 5.07 -35.41 13.21
C ASP A 50 6.34 -34.57 13.40
N CYS A 51 6.48 -33.51 12.58
CA CYS A 51 7.62 -32.59 12.65
C CYS A 51 7.53 -31.70 13.89
N LYS A 52 8.69 -31.36 14.42
CA LYS A 52 8.88 -30.57 15.64
C LYS A 52 9.98 -29.52 15.41
N LEU A 53 9.81 -28.33 16.00
CA LEU A 53 10.79 -27.26 15.92
C LEU A 53 11.59 -27.29 17.20
N THR A 54 12.91 -27.33 17.07
CA THR A 54 13.82 -27.42 18.22
C THR A 54 14.77 -26.23 18.19
N LEU A 55 15.36 -25.91 19.33
CA LEU A 55 16.32 -24.81 19.43
C LEU A 55 17.57 -25.35 20.12
N THR A 56 18.72 -25.32 19.43
CA THR A 56 19.96 -25.92 19.96
C THR A 56 20.58 -25.05 21.07
N ASP A 57 21.59 -25.60 21.76
CA ASP A 57 22.34 -24.89 22.80
C ASP A 57 23.32 -23.87 22.15
N TYR A 58 23.26 -23.71 20.81
CA TYR A 58 24.06 -22.76 20.03
C TYR A 58 23.14 -21.72 19.35
N GLY A 59 21.86 -21.80 19.67
CA GLY A 59 20.85 -20.87 19.18
C GLY A 59 20.33 -21.14 17.79
N GLU A 60 20.48 -22.36 17.29
CA GLU A 60 20.00 -22.66 15.95
C GLU A 60 18.61 -23.27 15.98
N LEU A 61 17.71 -22.79 15.12
CA LEU A 61 16.36 -23.37 15.04
C LEU A 61 16.45 -24.54 14.10
N VAL A 62 15.90 -25.69 14.50
CA VAL A 62 16.04 -26.90 13.66
C VAL A 62 14.70 -27.61 13.56
N ILE A 63 14.23 -27.88 12.34
CA ILE A 63 13.00 -28.67 12.18
C ILE A 63 13.44 -30.12 11.99
N LYS A 64 12.90 -31.01 12.82
CA LYS A 64 13.14 -32.45 12.80
C LYS A 64 11.85 -33.14 12.45
N ASN A 65 11.87 -34.12 11.53
CA ASN A 65 10.64 -34.85 11.24
C ASN A 65 10.51 -36.05 12.20
N GLY A 66 9.45 -36.84 12.03
CA GLY A 66 9.12 -38.01 12.86
C GLY A 66 10.15 -39.14 12.84
N ASP A 67 11.06 -39.15 11.85
CA ASP A 67 12.12 -40.17 11.72
C ASP A 67 13.44 -39.73 12.40
N GLY A 68 13.51 -38.47 12.79
CA GLY A 68 14.72 -37.89 13.34
C GLY A 68 15.59 -37.20 12.30
N SER A 69 15.07 -37.06 11.07
CA SER A 69 15.80 -36.38 9.98
C SER A 69 15.69 -34.86 10.13
N THR A 70 16.77 -34.14 9.73
CA THR A 70 16.85 -32.68 9.81
C THR A 70 16.26 -32.11 8.52
N VAL A 71 15.13 -31.43 8.65
CA VAL A 71 14.37 -30.90 7.54
C VAL A 71 14.82 -29.50 7.16
N TRP A 72 15.08 -28.64 8.15
CA TRP A 72 15.44 -27.24 7.92
C TRP A 72 16.21 -26.75 9.11
N ARG A 73 17.13 -25.81 8.90
CA ARG A 73 17.87 -25.19 10.00
C ARG A 73 18.13 -23.71 9.67
N SER A 74 18.14 -22.84 10.70
CA SER A 74 18.31 -21.38 10.58
C SER A 74 19.77 -20.98 10.31
N ARG A 75 20.70 -21.96 10.50
CA ARG A 75 22.14 -21.90 10.23
C ARG A 75 22.94 -20.89 11.08
N ALA A 76 22.30 -19.81 11.58
CA ALA A 76 23.00 -18.84 12.44
C ALA A 76 23.23 -19.44 13.82
N LYS A 77 24.49 -19.38 14.30
CA LYS A 77 24.86 -19.97 15.58
C LYS A 77 25.76 -19.04 16.39
N SER A 78 25.73 -19.20 17.72
CA SER A 78 26.63 -18.43 18.59
C SER A 78 27.22 -19.40 19.65
N VAL A 79 27.68 -18.89 20.78
CA VAL A 79 28.34 -19.70 21.80
C VAL A 79 27.37 -20.65 22.51
N LYS A 80 27.92 -21.70 23.14
CA LYS A 80 27.09 -22.65 23.87
C LYS A 80 26.44 -21.95 25.06
N GLY A 81 25.14 -22.13 25.23
CA GLY A 81 24.40 -21.50 26.31
C GLY A 81 22.91 -21.71 26.21
N ASN A 82 22.15 -20.81 26.86
CA ASN A 82 20.67 -20.82 26.89
C ASN A 82 20.15 -19.79 25.92
N TYR A 83 19.28 -20.21 24.99
CA TYR A 83 18.70 -19.34 23.97
C TYR A 83 17.17 -19.29 24.05
N ALA A 84 16.58 -18.26 23.43
CA ALA A 84 15.13 -18.11 23.35
C ALA A 84 14.73 -17.60 21.97
N ALA A 85 13.81 -18.32 21.33
CA ALA A 85 13.22 -17.90 20.05
C ALA A 85 11.96 -17.21 20.43
N VAL A 86 11.84 -15.90 20.17
CA VAL A 86 10.67 -15.13 20.61
C VAL A 86 9.89 -14.56 19.46
N LEU A 87 8.54 -14.70 19.53
CA LEU A 87 7.68 -14.09 18.54
C LEU A 87 7.40 -12.62 18.96
N HIS A 88 8.14 -11.67 18.34
CA HIS A 88 8.06 -10.23 18.52
C HIS A 88 6.66 -9.71 18.09
N PRO A 89 6.05 -8.71 18.81
CA PRO A 89 4.71 -8.22 18.42
C PRO A 89 4.66 -7.56 17.03
N ASP A 90 5.83 -7.22 16.43
CA ASP A 90 5.93 -6.68 15.06
C ASP A 90 5.86 -7.83 14.01
N GLY A 91 5.79 -9.07 14.49
CA GLY A 91 5.62 -10.23 13.63
C GLY A 91 6.86 -10.95 13.17
N ARG A 92 8.01 -10.62 13.72
CA ARG A 92 9.24 -11.33 13.39
C ARG A 92 9.53 -12.40 14.43
N LEU A 93 10.02 -13.56 14.02
CA LEU A 93 10.50 -14.56 14.98
C LEU A 93 11.98 -14.26 15.15
N VAL A 94 12.42 -14.07 16.39
CA VAL A 94 13.82 -13.66 16.66
C VAL A 94 14.49 -14.58 17.68
N VAL A 95 15.71 -15.05 17.37
CA VAL A 95 16.47 -15.90 18.30
C VAL A 95 17.42 -14.98 19.08
N PHE A 96 17.30 -14.98 20.39
CA PHE A 96 18.14 -14.21 21.32
C PHE A 96 18.97 -15.14 22.17
N GLY A 97 20.22 -14.77 22.37
CA GLY A 97 21.08 -15.54 23.25
C GLY A 97 22.57 -15.31 23.14
N PRO A 98 23.34 -15.86 24.10
CA PRO A 98 22.88 -16.69 25.23
C PRO A 98 22.30 -15.84 26.36
N SER A 99 21.80 -16.50 27.40
CA SER A 99 21.29 -15.81 28.57
C SER A 99 22.44 -15.11 29.27
N VAL A 100 22.23 -13.89 29.75
CA VAL A 100 23.30 -13.11 30.41
C VAL A 100 22.95 -12.82 31.87
N PHE A 101 21.70 -13.06 32.26
CA PHE A 101 21.22 -12.75 33.63
C PHE A 101 19.98 -13.51 33.91
N LYS A 102 19.80 -13.94 35.16
CA LYS A 102 18.66 -14.71 35.61
C LYS A 102 18.26 -14.26 37.01
N ILE A 103 16.95 -14.11 37.24
CA ILE A 103 16.35 -13.85 38.54
C ILE A 103 15.69 -15.18 38.92
N ASP A 104 16.12 -15.77 40.05
CA ASP A 104 15.63 -17.05 40.53
C ASP A 104 14.72 -16.88 41.76
N PRO A 105 13.39 -17.01 41.60
CA PRO A 105 12.47 -16.89 42.76
C PRO A 105 12.26 -18.21 43.52
N TRP A 106 12.98 -19.29 43.13
CA TRP A 106 12.85 -20.63 43.70
C TRP A 106 13.92 -20.91 44.77
N VAL A 107 14.91 -20.02 44.92
CA VAL A 107 16.00 -20.12 45.92
C VAL A 107 15.94 -18.87 46.86
N PRO A 108 16.30 -18.97 48.18
CA PRO A 108 16.26 -17.78 49.02
C PRO A 108 17.47 -16.86 48.81
N ASN B 1 7.99 3.35 19.43
CA ASN B 1 7.76 2.47 20.58
C ASN B 1 7.33 1.08 20.13
N ILE B 2 7.72 0.07 20.91
CA ILE B 2 7.43 -1.34 20.68
C ILE B 2 6.08 -1.68 21.39
N PRO B 3 5.11 -2.36 20.72
CA PRO B 3 3.87 -2.78 21.43
C PRO B 3 4.20 -3.69 22.61
N PHE B 4 3.43 -3.61 23.66
CA PHE B 4 3.72 -4.41 24.85
C PHE B 4 3.19 -5.85 24.77
N THR B 5 3.97 -6.78 25.32
CA THR B 5 3.59 -8.19 25.48
C THR B 5 3.72 -8.48 27.02
N ASP B 6 2.72 -9.12 27.62
CA ASP B 6 2.64 -9.30 29.09
C ASP B 6 3.86 -9.96 29.74
N ASN B 7 4.47 -10.97 29.10
CA ASN B 7 5.60 -11.71 29.70
C ASN B 7 6.97 -11.24 29.17
N LEU B 8 7.01 -10.20 28.29
CA LEU B 8 8.28 -9.77 27.71
C LEU B 8 8.65 -8.30 27.92
N LEU B 9 9.95 -8.02 27.89
CA LEU B 9 10.47 -6.65 27.90
C LEU B 9 11.66 -6.59 26.96
N PHE B 10 11.46 -6.01 25.76
CA PHE B 10 12.55 -5.87 24.78
C PHE B 10 13.43 -4.69 25.17
N SER B 11 14.67 -4.59 24.60
CA SER B 11 15.57 -3.43 24.82
C SER B 11 14.84 -2.14 24.41
N GLY B 12 14.94 -1.10 25.23
CA GLY B 12 14.29 0.19 24.99
C GLY B 12 12.93 0.32 25.65
N GLN B 13 12.25 -0.81 25.96
CA GLN B 13 10.96 -0.73 26.64
C GLN B 13 11.20 -0.35 28.09
N VAL B 14 10.20 0.31 28.67
CA VAL B 14 10.29 0.80 30.04
CA VAL B 14 10.27 0.85 30.02
C VAL B 14 9.06 0.37 30.85
N LEU B 15 9.28 0.08 32.15
CA LEU B 15 8.25 -0.28 33.13
C LEU B 15 8.40 0.70 34.30
N TYR B 16 7.28 1.27 34.80
CA TYR B 16 7.26 2.22 35.91
C TYR B 16 5.85 2.27 36.54
N GLY B 17 5.74 2.89 37.72
CA GLY B 17 4.49 3.04 38.46
C GLY B 17 3.61 1.81 38.52
N ASP B 18 4.18 0.68 38.96
CA ASP B 18 3.53 -0.63 39.15
C ASP B 18 3.30 -1.37 37.82
N GLY B 19 3.93 -0.88 36.74
CA GLY B 19 3.95 -1.57 35.45
C GLY B 19 4.62 -2.90 35.69
N ARG B 20 4.14 -3.99 35.06
CA ARG B 20 4.68 -5.31 35.36
C ARG B 20 4.66 -6.29 34.19
N LEU B 21 5.49 -7.34 34.32
CA LEU B 21 5.44 -8.49 33.42
C LEU B 21 4.63 -9.57 34.15
N THR B 22 3.87 -10.38 33.43
CA THR B 22 3.06 -11.44 34.04
C THR B 22 3.17 -12.73 33.25
N ALA B 23 3.18 -13.87 33.97
CA ALA B 23 3.25 -15.24 33.43
C ALA B 23 2.68 -16.18 34.46
N LYS B 24 1.48 -16.73 34.18
CA LYS B 24 0.75 -17.60 35.11
C LYS B 24 0.56 -16.78 36.42
N ASN B 25 0.97 -17.32 37.56
CA ASN B 25 0.85 -16.65 38.85
C ASN B 25 2.03 -15.69 39.13
N HIS B 26 3.07 -15.73 38.27
CA HIS B 26 4.26 -14.88 38.48
C HIS B 26 4.07 -13.45 37.96
N GLN B 27 4.59 -12.49 38.72
CA GLN B 27 4.55 -11.07 38.37
C GLN B 27 5.88 -10.45 38.68
N LEU B 28 6.44 -9.70 37.74
CA LEU B 28 7.67 -8.94 37.95
C LEU B 28 7.22 -7.48 37.85
N VAL B 29 7.18 -6.79 38.99
CA VAL B 29 6.62 -5.44 39.12
C VAL B 29 7.64 -4.35 39.42
N MET B 30 7.67 -3.29 38.56
CA MET B 30 8.49 -2.09 38.85
C MET B 30 7.59 -1.18 39.70
N GLN B 31 7.65 -1.33 41.02
CA GLN B 31 6.74 -0.65 41.92
C GLN B 31 6.97 0.84 42.06
N GLY B 32 5.89 1.52 42.40
CA GLY B 32 5.89 2.96 42.67
C GLY B 32 6.81 3.36 43.82
N ASP B 33 7.12 2.40 44.73
CA ASP B 33 8.02 2.61 45.88
C ASP B 33 9.52 2.37 45.52
N CYS B 34 9.84 2.24 44.20
CA CYS B 34 11.20 2.05 43.63
C CYS B 34 11.75 0.61 43.86
N ASN B 35 10.94 -0.31 44.41
CA ASN B 35 11.37 -1.70 44.54
C ASN B 35 10.96 -2.56 43.32
N LEU B 36 11.87 -3.39 42.77
CA LEU B 36 11.57 -4.33 41.67
C LEU B 36 11.36 -5.65 42.32
N VAL B 37 10.12 -6.17 42.24
CA VAL B 37 9.72 -7.35 42.98
C VAL B 37 9.11 -8.39 42.08
N LEU B 38 9.64 -9.61 42.18
CA LEU B 38 9.10 -10.77 41.50
C LEU B 38 8.24 -11.49 42.53
N TYR B 39 6.91 -11.43 42.35
CA TYR B 39 5.96 -12.16 43.20
C TYR B 39 5.64 -13.46 42.48
N GLY B 40 6.16 -14.56 42.99
CA GLY B 40 6.00 -15.87 42.38
C GLY B 40 7.09 -16.82 42.82
N GLY B 41 7.19 -17.96 42.15
CA GLY B 41 8.14 -19.01 42.50
C GLY B 41 7.79 -19.56 43.85
N LYS B 42 8.75 -19.61 44.75
CA LYS B 42 8.51 -20.06 46.11
C LYS B 42 8.82 -18.92 47.10
N TYR B 43 9.96 -18.24 46.92
CA TYR B 43 10.43 -17.16 47.80
C TYR B 43 10.22 -15.79 47.18
N GLY B 44 10.07 -15.75 45.86
CA GLY B 44 10.02 -14.50 45.13
C GLY B 44 11.43 -13.92 45.10
N TRP B 45 11.54 -12.66 44.68
CA TRP B 45 12.80 -11.92 44.59
C TRP B 45 12.48 -10.43 44.68
N GLN B 46 13.41 -9.64 45.22
CA GLN B 46 13.29 -8.20 45.26
C GLN B 46 14.66 -7.56 45.00
N SER B 47 14.67 -6.36 44.40
CA SER B 47 15.91 -5.59 44.17
C SER B 47 16.40 -4.97 45.50
N ASN B 48 15.49 -4.90 46.49
CA ASN B 48 15.73 -4.38 47.84
C ASN B 48 16.04 -2.86 47.77
N THR B 49 15.21 -2.14 47.03
CA THR B 49 15.45 -0.72 46.78
C THR B 49 14.23 0.13 47.14
N HIS B 50 13.34 -0.40 48.03
CA HIS B 50 12.14 0.34 48.49
C HIS B 50 12.58 1.69 49.08
N GLY B 51 11.99 2.76 48.56
CA GLY B 51 12.27 4.14 49.00
C GLY B 51 13.58 4.78 48.57
N ASN B 52 14.40 4.11 47.75
CA ASN B 52 15.72 4.63 47.32
C ASN B 52 15.64 5.81 46.29
N GLY B 53 14.49 5.97 45.65
CA GLY B 53 14.25 7.02 44.68
C GLY B 53 12.78 7.30 44.40
N GLU B 54 12.49 8.36 43.66
CA GLU B 54 11.11 8.72 43.32
C GLU B 54 10.89 8.55 41.82
N HIS B 55 9.69 8.09 41.44
CA HIS B 55 9.26 7.91 40.04
C HIS B 55 10.26 7.05 39.26
N CYS B 56 10.77 5.98 39.91
CA CYS B 56 11.75 5.08 39.30
C CYS B 56 11.19 4.33 38.08
N PHE B 57 12.04 4.00 37.12
CA PHE B 57 11.63 3.22 35.97
C PHE B 57 12.65 2.14 35.71
N LEU B 58 12.20 1.08 35.07
CA LEU B 58 13.01 -0.06 34.68
C LEU B 58 13.24 -0.02 33.19
N ARG B 59 14.46 -0.22 32.71
CA ARG B 59 14.75 -0.24 31.28
C ARG B 59 15.91 -1.19 30.97
N LEU B 60 15.72 -2.01 29.93
CA LEU B 60 16.74 -2.92 29.43
C LEU B 60 17.44 -2.24 28.26
N ASN B 61 18.78 -2.16 28.30
CA ASN B 61 19.46 -1.46 27.20
C ASN B 61 19.88 -2.44 26.08
N HIS B 62 20.63 -1.94 25.10
CA HIS B 62 21.10 -2.70 23.95
C HIS B 62 22.51 -3.36 24.19
N LYS B 63 22.81 -3.61 25.47
CA LYS B 63 24.00 -4.36 25.92
C LYS B 63 23.56 -5.43 26.91
N GLY B 64 22.26 -5.55 27.13
CA GLY B 64 21.69 -6.55 28.02
C GLY B 64 21.77 -6.26 29.50
N GLU B 65 21.97 -4.98 29.86
CA GLU B 65 21.96 -4.55 31.25
C GLU B 65 20.58 -4.05 31.59
N LEU B 66 19.99 -4.57 32.68
CA LEU B 66 18.68 -4.16 33.18
C LEU B 66 18.93 -3.16 34.30
N ILE B 67 18.36 -1.96 34.17
CA ILE B 67 18.66 -0.91 35.15
C ILE B 67 17.40 -0.24 35.68
N ILE B 68 17.44 0.11 36.98
CA ILE B 68 16.45 0.94 37.65
C ILE B 68 17.06 2.31 37.75
N LYS B 69 16.34 3.32 37.25
CA LYS B 69 16.74 4.72 37.31
C LYS B 69 15.69 5.47 38.06
N ASP B 70 16.08 6.50 38.84
CA ASP B 70 15.06 7.34 39.47
C ASP B 70 14.68 8.43 38.46
N ASP B 71 13.85 9.38 38.87
CA ASP B 71 13.36 10.46 37.99
C ASP B 71 14.47 11.34 37.42
N ASP B 72 15.61 11.47 38.14
CA ASP B 72 16.74 12.30 37.71
C ASP B 72 17.82 11.47 37.02
N PHE B 73 17.51 10.23 36.61
CA PHE B 73 18.41 9.28 35.95
C PHE B 73 19.59 8.83 36.86
N LYS B 74 19.37 8.80 38.20
CA LYS B 74 20.34 8.25 39.16
C LYS B 74 20.14 6.74 39.19
N THR B 75 21.23 5.95 39.08
CA THR B 75 21.13 4.48 39.09
C THR B 75 20.73 4.02 40.48
N ILE B 76 19.67 3.22 40.57
CA ILE B 76 19.16 2.67 41.82
C ILE B 76 19.63 1.22 41.97
N TRP B 77 19.65 0.49 40.86
CA TRP B 77 20.00 -0.92 40.79
C TRP B 77 20.33 -1.25 39.38
N SER B 78 21.24 -2.21 39.21
CA SER B 78 21.64 -2.74 37.92
C SER B 78 21.80 -4.25 38.02
N SER B 79 21.47 -4.97 36.92
CA SER B 79 21.66 -6.42 36.81
C SER B 79 23.16 -6.74 36.62
N ASN B 80 23.99 -5.71 36.29
CA ASN B 80 25.43 -5.79 36.03
C ASN B 80 25.71 -6.97 35.07
N SER B 81 24.92 -7.07 33.98
CA SER B 81 25.01 -8.17 33.01
C SER B 81 25.36 -7.66 31.60
N SER B 82 26.01 -6.50 31.51
CA SER B 82 26.39 -5.88 30.24
C SER B 82 27.21 -6.85 29.37
N SER B 83 26.87 -6.91 28.08
CA SER B 83 27.47 -7.85 27.13
C SER B 83 27.64 -7.15 25.76
N LYS B 84 27.69 -7.93 24.66
CA LYS B 84 27.82 -7.43 23.29
C LYS B 84 26.66 -6.51 22.89
N GLN B 85 26.94 -5.53 22.04
CA GLN B 85 25.91 -4.64 21.51
C GLN B 85 24.93 -5.46 20.66
N GLY B 86 23.63 -5.25 20.90
CA GLY B 86 22.58 -5.88 20.12
C GLY B 86 21.21 -5.68 20.72
N ASP B 87 20.25 -6.44 20.22
CA ASP B 87 18.88 -6.43 20.72
C ASP B 87 18.73 -7.53 21.76
N TYR B 88 18.15 -7.20 22.92
CA TYR B 88 17.97 -8.16 24.02
C TYR B 88 16.54 -8.23 24.42
N VAL B 89 16.20 -9.27 25.17
CA VAL B 89 14.84 -9.43 25.70
C VAL B 89 14.93 -9.99 27.11
N LEU B 90 14.05 -9.51 27.98
CA LEU B 90 13.81 -10.02 29.32
C LEU B 90 12.50 -10.81 29.25
N ILE B 91 12.54 -12.08 29.64
CA ILE B 91 11.34 -12.90 29.62
C ILE B 91 11.00 -13.35 31.04
N LEU B 92 9.74 -13.14 31.46
CA LEU B 92 9.22 -13.70 32.68
C LEU B 92 8.61 -15.04 32.23
N ARG B 93 9.41 -16.11 32.41
CA ARG B 93 9.08 -17.44 31.92
C ARG B 93 7.95 -18.09 32.67
N GLN B 93 9.41 -16.11 32.41
CA GLN B 93 9.08 -17.44 31.92
C GLN B 93 7.95 -18.09 32.67
N ASP B 94 7.31 -19.08 32.04
CA ASP B 94 6.23 -19.82 32.70
C ASP B 94 6.74 -20.57 33.92
N ASP B 95 8.04 -20.89 33.93
CA ASP B 95 8.67 -21.61 35.05
C ASP B 95 9.15 -20.65 36.18
N GLY B 96 8.78 -19.37 36.10
CA GLY B 96 9.06 -18.42 37.16
C GLY B 96 10.34 -17.61 37.07
N PHE B 97 11.35 -18.14 36.37
CA PHE B 97 12.61 -17.41 36.19
C PHE B 97 12.40 -16.19 35.30
N ALA B 98 13.08 -15.07 35.61
CA ALA B 98 13.11 -13.88 34.79
C ALA B 98 14.50 -13.85 34.18
N VAL B 99 14.61 -14.02 32.85
CA VAL B 99 15.91 -14.17 32.21
C VAL B 99 16.14 -13.19 31.06
N ILE B 100 17.35 -12.60 30.99
CA ILE B 100 17.76 -11.69 29.91
C ILE B 100 18.51 -12.53 28.87
N TYR B 101 18.07 -12.49 27.62
CA TYR B 101 18.72 -13.21 26.50
C TYR B 101 19.16 -12.23 25.50
N GLY B 102 20.29 -12.49 24.87
CA GLY B 102 20.76 -11.63 23.79
C GLY B 102 22.26 -11.71 23.58
N PRO B 103 22.79 -11.07 22.52
CA PRO B 103 22.05 -10.28 21.50
C PRO B 103 21.22 -11.15 20.56
N ALA B 104 20.34 -10.51 19.76
CA ALA B 104 19.57 -11.23 18.74
C ALA B 104 20.57 -11.74 17.69
N ILE B 105 20.48 -13.04 17.30
CA ILE B 105 21.48 -13.63 16.39
C ILE B 105 20.86 -14.07 15.05
N TRP B 106 19.52 -14.10 14.97
CA TRP B 106 18.78 -14.54 13.80
C TRP B 106 17.39 -14.00 13.86
N GLU B 107 16.84 -13.63 12.69
CA GLU B 107 15.47 -13.13 12.54
C GLU B 107 14.86 -13.63 11.21
N THR B 108 13.52 -13.70 11.13
CA THR B 108 12.80 -14.08 9.90
C THR B 108 12.96 -12.97 8.83
N SER B 109 13.02 -11.69 9.25
CA SER B 109 13.27 -10.57 8.35
C SER B 109 14.00 -9.43 9.06
N LEU C 1 26.23 -15.05 -13.23
CA LEU C 1 26.54 -14.04 -14.23
C LEU C 1 25.50 -12.95 -14.23
N GLY C 2 25.97 -11.71 -14.41
CA GLY C 2 25.08 -10.56 -14.56
C GLY C 2 24.28 -10.72 -15.84
N THR C 3 23.11 -10.07 -15.92
CA THR C 3 22.25 -10.17 -17.08
C THR C 3 22.79 -9.35 -18.25
N ASN C 4 23.63 -8.32 -18.02
CA ASN C 4 24.06 -7.46 -19.13
C ASN C 4 25.55 -7.14 -19.12
N TYR C 5 26.31 -7.89 -18.37
CA TYR C 5 27.74 -7.66 -18.35
C TYR C 5 28.48 -8.97 -18.16
N LEU C 6 29.76 -8.96 -18.54
CA LEU C 6 30.65 -10.10 -18.36
C LEU C 6 31.96 -9.56 -17.81
N LEU C 7 32.45 -10.14 -16.70
CA LEU C 7 33.70 -9.74 -16.06
C LEU C 7 34.84 -10.61 -16.49
N SER C 8 36.07 -10.10 -16.41
CA SER C 8 37.23 -10.93 -16.75
C SER C 8 37.30 -12.11 -15.76
N GLY C 9 37.58 -13.29 -16.29
CA GLY C 9 37.61 -14.51 -15.50
C GLY C 9 36.29 -15.27 -15.58
N GLN C 10 35.21 -14.59 -16.06
CA GLN C 10 33.88 -15.20 -16.18
C GLN C 10 33.66 -15.79 -17.58
N THR C 11 32.68 -16.68 -17.73
CA THR C 11 32.43 -17.32 -19.02
C THR C 11 30.96 -17.18 -19.37
N LEU C 12 30.66 -16.78 -20.63
CA LEU C 12 29.29 -16.79 -21.14
C LEU C 12 29.22 -18.12 -21.88
N ASN C 13 28.55 -19.09 -21.24
CA ASN C 13 28.48 -20.46 -21.72
C ASN C 13 27.66 -20.56 -22.99
N THR C 14 27.74 -21.73 -23.70
CA THR C 14 27.00 -22.01 -24.93
C THR C 14 25.49 -21.77 -24.69
N ASP C 15 24.82 -21.08 -25.63
CA ASP C 15 23.39 -20.69 -25.62
C ASP C 15 23.07 -19.62 -24.51
N GLY C 16 24.12 -19.01 -23.96
CA GLY C 16 23.97 -17.99 -22.94
C GLY C 16 23.74 -16.60 -23.54
N HIS C 17 23.00 -15.75 -22.78
CA HIS C 17 22.64 -14.39 -23.17
C HIS C 17 23.16 -13.30 -22.24
N LEU C 18 23.39 -12.12 -22.83
CA LEU C 18 23.58 -10.80 -22.23
C LEU C 18 22.50 -9.98 -22.89
N LYS C 19 21.64 -9.34 -22.11
CA LYS C 19 20.47 -8.67 -22.67
C LYS C 19 20.26 -7.29 -22.04
N ASN C 20 19.92 -6.29 -22.87
CA ASN C 20 19.58 -4.95 -22.38
C ASN C 20 18.46 -4.43 -23.26
N GLY C 21 17.22 -4.56 -22.79
CA GLY C 21 16.03 -4.21 -23.56
C GLY C 21 15.92 -5.12 -24.78
N ASP C 22 15.80 -4.51 -25.97
CA ASP C 22 15.65 -5.23 -27.23
C ASP C 22 16.98 -5.87 -27.74
N PHE C 23 18.14 -5.42 -27.24
CA PHE C 23 19.44 -5.95 -27.67
C PHE C 23 19.76 -7.22 -26.90
N ASP C 24 19.93 -8.32 -27.64
CA ASP C 24 20.12 -9.65 -27.08
C ASP C 24 21.37 -10.31 -27.67
N LEU C 25 22.44 -10.40 -26.86
CA LEU C 25 23.72 -10.99 -27.24
C LEU C 25 23.72 -12.46 -26.91
N VAL C 26 23.88 -13.32 -27.93
CA VAL C 26 23.83 -14.76 -27.70
C VAL C 26 25.11 -15.44 -28.16
N MET C 27 25.73 -16.24 -27.28
CA MET C 27 26.87 -17.10 -27.60
C MET C 27 26.22 -18.42 -28.03
N GLN C 28 25.96 -18.56 -29.31
CA GLN C 28 25.15 -19.64 -29.85
C GLN C 28 25.83 -21.00 -29.91
N ASN C 29 24.99 -22.05 -30.06
CA ASN C 29 25.39 -23.45 -30.20
C ASN C 29 26.19 -23.68 -31.48
N ASP C 30 25.95 -22.85 -32.53
CA ASP C 30 26.68 -22.94 -33.79
C ASP C 30 28.00 -22.13 -33.77
N CYS C 31 28.41 -21.59 -32.59
CA CYS C 31 29.68 -20.82 -32.35
C CYS C 31 29.59 -19.35 -32.78
N ASN C 32 28.45 -18.92 -33.32
CA ASN C 32 28.34 -17.51 -33.72
C ASN C 32 27.90 -16.68 -32.53
N LEU C 33 28.63 -15.60 -32.25
CA LEU C 33 28.26 -14.69 -31.16
C LEU C 33 27.48 -13.58 -31.81
N VAL C 34 26.15 -13.56 -31.58
CA VAL C 34 25.28 -12.64 -32.30
C VAL C 34 24.59 -11.66 -31.37
N LEU C 35 24.70 -10.36 -31.71
CA LEU C 35 24.05 -9.25 -31.03
C LEU C 35 22.75 -8.96 -31.78
N TYR C 36 21.67 -9.65 -31.40
CA TYR C 36 20.38 -9.49 -32.05
C TYR C 36 19.85 -8.09 -31.84
N ASN C 37 19.42 -7.46 -32.96
CA ASN C 37 18.92 -6.09 -33.11
C ASN C 37 20.04 -5.06 -33.04
N GLY C 38 21.29 -5.51 -32.96
CA GLY C 38 22.45 -4.64 -32.87
C GLY C 38 23.34 -4.66 -34.09
N ASN C 39 22.90 -5.34 -35.17
CA ASN C 39 23.59 -5.46 -36.47
C ASN C 39 25.08 -5.81 -36.26
N TRP C 40 25.33 -6.82 -35.43
CA TRP C 40 26.70 -7.25 -35.17
C TRP C 40 26.73 -8.71 -34.82
N GLN C 41 27.74 -9.40 -35.35
CA GLN C 41 28.04 -10.81 -35.07
C GLN C 41 29.54 -11.02 -35.20
N SER C 42 30.08 -12.06 -34.54
CA SER C 42 31.51 -12.44 -34.65
C SER C 42 31.79 -13.08 -36.01
N ASN C 43 30.72 -13.54 -36.72
CA ASN C 43 30.81 -14.20 -38.04
C ASN C 43 31.60 -15.51 -37.96
N THR C 44 31.30 -16.31 -36.92
CA THR C 44 31.96 -17.56 -36.65
C THR C 44 30.97 -18.72 -36.58
N ALA C 45 29.88 -18.66 -37.36
CA ALA C 45 28.90 -19.74 -37.44
C ALA C 45 29.57 -21.00 -38.02
N ASN C 46 29.34 -22.17 -37.38
CA ASN C 46 29.88 -23.49 -37.73
C ASN C 46 31.41 -23.59 -37.52
N ASN C 47 32.02 -22.66 -36.75
CA ASN C 47 33.48 -22.65 -36.51
C ASN C 47 33.89 -23.51 -35.30
N GLY C 48 32.93 -24.19 -34.71
CA GLY C 48 33.16 -25.05 -33.55
C GLY C 48 31.90 -25.43 -32.81
N ARG C 49 32.06 -26.32 -31.82
CA ARG C 49 30.98 -26.81 -30.98
C ARG C 49 31.30 -26.47 -29.54
N ASP C 50 30.23 -26.29 -28.71
CA ASP C 50 30.29 -25.97 -27.28
C ASP C 50 31.14 -24.73 -27.03
N CYS C 51 31.00 -23.73 -27.91
CA CYS C 51 31.79 -22.50 -27.85
C CYS C 51 31.38 -21.67 -26.66
N LYS C 52 32.33 -20.90 -26.12
CA LYS C 52 32.15 -20.09 -24.92
C LYS C 52 32.82 -18.74 -25.08
N LEU C 53 32.20 -17.69 -24.50
CA LEU C 53 32.74 -16.35 -24.57
C LEU C 53 33.46 -16.02 -23.26
N THR C 54 34.75 -15.69 -23.36
CA THR C 54 35.50 -15.28 -22.17
C THR C 54 36.06 -13.85 -22.37
N LEU C 55 36.58 -13.26 -21.27
CA LEU C 55 37.15 -11.91 -21.26
C LEU C 55 38.46 -12.02 -20.51
N THR C 56 39.59 -11.72 -21.17
CA THR C 56 40.91 -11.90 -20.54
C THR C 56 41.22 -10.81 -19.53
N ASP C 57 42.35 -10.95 -18.80
CA ASP C 57 42.82 -9.95 -17.84
C ASP C 57 43.48 -8.76 -18.57
N TYR C 58 43.41 -8.74 -19.92
CA TYR C 58 43.95 -7.64 -20.77
C TYR C 58 42.79 -6.96 -21.54
N GLY C 59 41.56 -7.37 -21.22
CA GLY C 59 40.34 -6.84 -21.81
C GLY C 59 39.98 -7.35 -23.19
N GLU C 60 40.46 -8.55 -23.54
CA GLU C 60 40.16 -9.09 -24.85
C GLU C 60 39.05 -10.09 -24.75
N LEU C 61 38.04 -9.94 -25.61
CA LEU C 61 36.94 -10.90 -25.69
C LEU C 61 37.44 -12.07 -26.52
N VAL C 62 37.23 -13.30 -26.03
CA VAL C 62 37.72 -14.50 -26.73
C VAL C 62 36.60 -15.53 -26.86
N ILE C 63 36.44 -16.08 -28.05
CA ILE C 63 35.52 -17.19 -28.28
C ILE C 63 36.41 -18.41 -28.44
N LYS C 64 36.18 -19.43 -27.61
CA LYS C 64 36.89 -20.70 -27.65
C LYS C 64 35.92 -21.83 -27.90
N ASN C 65 36.31 -22.86 -28.65
CA ASN C 65 35.44 -24.03 -28.85
C ASN C 65 35.50 -24.90 -27.56
N GLY C 66 34.84 -26.05 -27.58
CA GLY C 66 34.78 -26.97 -26.44
C GLY C 66 36.13 -27.46 -25.92
N ASP C 67 37.10 -27.68 -26.84
CA ASP C 67 38.46 -28.14 -26.55
C ASP C 67 39.38 -26.99 -26.07
N GLY C 68 38.85 -25.77 -26.04
CA GLY C 68 39.59 -24.59 -25.61
C GLY C 68 40.42 -23.91 -26.69
N SER C 69 40.20 -24.28 -27.97
CA SER C 69 40.89 -23.65 -29.10
C SER C 69 40.22 -22.31 -29.42
N THR C 70 41.03 -21.25 -29.63
CA THR C 70 40.55 -19.90 -29.94
C THR C 70 39.93 -19.85 -31.34
N VAL C 71 38.65 -19.50 -31.41
CA VAL C 71 37.87 -19.38 -32.63
C VAL C 71 37.88 -17.90 -33.08
N TRP C 72 37.80 -16.95 -32.12
CA TRP C 72 37.72 -15.52 -32.43
C TRP C 72 38.21 -14.71 -31.25
N ARG C 73 38.78 -13.53 -31.50
CA ARG C 73 39.23 -12.62 -30.43
C ARG C 73 39.02 -11.17 -30.86
N SER C 74 38.70 -10.28 -29.91
CA SER C 74 38.44 -8.87 -30.19
C SER C 74 39.71 -8.08 -30.58
N ARG C 75 40.92 -8.66 -30.35
CA ARG C 75 42.23 -8.11 -30.69
C ARG C 75 42.65 -6.93 -29.80
N ALA C 76 41.74 -5.99 -29.50
CA ALA C 76 42.05 -4.86 -28.63
C ALA C 76 42.42 -5.35 -27.21
N LYS C 77 43.59 -4.93 -26.73
CA LYS C 77 44.10 -5.31 -25.42
C LYS C 77 44.64 -4.10 -24.69
N SER C 78 44.67 -4.16 -23.36
CA SER C 78 45.23 -3.10 -22.55
C SER C 78 46.03 -3.75 -21.40
N VAL C 79 46.26 -3.03 -20.31
CA VAL C 79 47.08 -3.48 -19.18
C VAL C 79 46.44 -4.62 -18.40
N LYS C 80 47.27 -5.44 -17.71
CA LYS C 80 46.74 -6.52 -16.87
C LYS C 80 45.83 -5.92 -15.78
N GLY C 81 44.63 -6.47 -15.63
CA GLY C 81 43.67 -5.98 -14.65
C GLY C 81 42.33 -6.65 -14.76
N ASN C 82 41.30 -6.04 -14.17
CA ASN C 82 39.91 -6.49 -14.16
C ASN C 82 39.08 -5.68 -15.15
N TYR C 83 38.49 -6.35 -16.13
CA TYR C 83 37.72 -5.69 -17.18
C TYR C 83 36.26 -6.04 -17.09
N ALA C 84 35.43 -5.30 -17.80
CA ALA C 84 33.98 -5.57 -17.89
C ALA C 84 33.48 -5.32 -19.29
N ALA C 85 32.83 -6.32 -19.89
CA ALA C 85 32.19 -6.18 -21.20
C ALA C 85 30.71 -5.92 -20.90
N VAL C 86 30.22 -4.75 -21.29
CA VAL C 86 28.86 -4.29 -20.95
C VAL C 86 28.01 -4.11 -22.22
N LEU C 87 26.76 -4.60 -22.15
CA LEU C 87 25.81 -4.38 -23.23
C LEU C 87 25.10 -3.06 -22.94
N HIS C 88 25.58 -2.01 -23.62
CA HIS C 88 25.08 -0.65 -23.51
C HIS C 88 23.62 -0.60 -24.00
N PRO C 89 22.71 0.20 -23.36
CA PRO C 89 21.29 0.23 -23.78
C PRO C 89 21.07 0.75 -25.21
N ASP C 90 22.08 1.41 -25.81
CA ASP C 90 21.94 1.90 -27.19
C ASP C 90 22.35 0.80 -28.21
N GLY C 91 22.68 -0.38 -27.70
CA GLY C 91 22.94 -1.57 -28.50
C GLY C 91 24.32 -1.87 -29.00
N ARG C 92 25.31 -1.53 -28.20
CA ARG C 92 26.71 -1.85 -28.47
C ARG C 92 27.22 -2.70 -27.34
N LEU C 93 28.11 -3.65 -27.63
CA LEU C 93 28.78 -4.38 -26.55
C LEU C 93 30.13 -3.67 -26.41
N VAL C 94 30.45 -3.21 -25.18
CA VAL C 94 31.64 -2.38 -24.93
C VAL C 94 32.50 -2.98 -23.84
N VAL C 95 33.82 -3.05 -24.08
CA VAL C 95 34.77 -3.53 -23.07
C VAL C 95 35.35 -2.31 -22.38
N PHE C 96 35.22 -2.27 -21.07
CA PHE C 96 35.73 -1.17 -20.26
C PHE C 96 36.76 -1.71 -19.30
N GLY C 97 37.85 -1.00 -19.12
CA GLY C 97 38.82 -1.46 -18.15
C GLY C 97 40.16 -0.78 -18.23
N PRO C 98 41.02 -1.00 -17.22
CA PRO C 98 40.80 -1.83 -16.02
C PRO C 98 39.94 -1.11 -14.97
N SER C 99 39.63 -1.80 -13.86
CA SER C 99 38.89 -1.21 -12.74
C SER C 99 39.78 -0.13 -12.10
N VAL C 100 39.20 1.01 -11.72
CA VAL C 100 39.93 2.12 -11.10
C VAL C 100 39.42 2.38 -9.68
N PHE C 101 38.24 1.86 -9.31
CA PHE C 101 37.63 2.08 -8.00
C PHE C 101 36.60 1.03 -7.68
N LYS C 102 36.46 0.70 -6.38
CA LYS C 102 35.50 -0.30 -5.91
C LYS C 102 34.93 0.09 -4.54
N ILE C 103 33.60 -0.02 -4.41
CA ILE C 103 32.91 0.15 -3.14
C ILE C 103 32.73 -1.27 -2.61
N ASP C 104 33.21 -1.53 -1.40
CA ASP C 104 33.16 -2.86 -0.79
C ASP C 104 32.18 -2.86 0.40
N PRO C 105 30.92 -3.36 0.23
CA PRO C 105 30.00 -3.42 1.38
C PRO C 105 30.11 -4.74 2.18
N TRP C 106 31.13 -5.55 1.88
CA TRP C 106 31.36 -6.86 2.54
C TRP C 106 32.36 -6.73 3.68
N VAL C 107 33.15 -5.66 3.65
CA VAL C 107 34.22 -5.31 4.60
C VAL C 107 33.95 -3.84 5.05
N PRO C 108 34.01 -3.53 6.37
CA PRO C 108 33.67 -2.18 6.86
C PRO C 108 34.29 -0.99 6.10
N GLY C 109 35.46 -1.18 5.49
CA GLY C 109 36.14 -0.15 4.70
C GLY C 109 35.36 0.38 3.50
N ASN D 1 21.29 12.64 -23.90
CA ASN D 1 21.26 11.79 -22.71
C ASN D 1 21.24 10.33 -23.07
N ILE D 2 21.71 9.50 -22.15
CA ILE D 2 21.83 8.06 -22.27
C ILE D 2 20.66 7.39 -21.54
N PRO D 3 19.97 6.39 -22.16
CA PRO D 3 18.89 5.67 -21.44
C PRO D 3 19.42 5.00 -20.16
N PHE D 4 18.57 4.87 -19.15
CA PHE D 4 19.00 4.31 -17.86
C PHE D 4 18.92 2.78 -17.84
N THR D 5 19.90 2.12 -17.18
CA THR D 5 19.92 0.65 -16.94
C THR D 5 20.07 0.51 -15.41
N ASP D 6 19.19 -0.28 -14.75
CA ASP D 6 19.10 -0.37 -13.28
C ASP D 6 20.42 -0.59 -12.56
N ASN D 7 21.37 -1.39 -13.12
CA ASN D 7 22.62 -1.72 -12.43
C ASN D 7 23.85 -0.96 -12.98
N LEU D 8 23.64 -0.01 -13.87
CA LEU D 8 24.73 0.71 -14.53
C LEU D 8 24.65 2.22 -14.42
N LEU D 9 25.82 2.88 -14.38
CA LEU D 9 25.91 4.33 -14.45
C LEU D 9 27.10 4.67 -15.35
N PHE D 10 26.81 5.15 -16.57
CA PHE D 10 27.85 5.49 -17.54
C PHE D 10 28.33 6.89 -17.32
N SER D 11 29.53 7.21 -17.83
CA SER D 11 30.04 8.57 -17.77
C SER D 11 29.00 9.57 -18.32
N GLY D 12 28.79 10.65 -17.57
CA GLY D 12 27.85 11.71 -17.94
C GLY D 12 26.50 11.59 -17.29
N GLN D 13 26.14 10.37 -16.86
CA GLN D 13 24.83 10.12 -16.23
C GLN D 13 24.82 10.64 -14.80
N VAL D 14 23.65 11.07 -14.32
CA VAL D 14 23.57 11.61 -12.95
C VAL D 14 22.49 10.91 -12.12
N LEU D 15 22.77 10.70 -10.81
CA LEU D 15 21.76 10.20 -9.88
C LEU D 15 21.55 11.23 -8.82
N TYR D 16 20.30 11.38 -8.36
CA TYR D 16 19.94 12.33 -7.30
C TYR D 16 18.53 12.03 -6.80
N GLY D 17 18.11 12.72 -5.72
CA GLY D 17 16.78 12.63 -5.14
C GLY D 17 16.28 11.22 -4.91
N ASP D 18 17.16 10.36 -4.34
CA ASP D 18 16.94 8.94 -4.05
C ASP D 18 16.99 8.06 -5.32
N GLY D 19 17.53 8.60 -6.42
CA GLY D 19 17.77 7.83 -7.64
C GLY D 19 18.80 6.77 -7.31
N ARG D 20 18.69 5.58 -7.91
CA ARG D 20 19.59 4.52 -7.46
C ARG D 20 19.90 3.45 -8.51
N LEU D 21 20.95 2.69 -8.21
CA LEU D 21 21.34 1.47 -8.93
C LEU D 21 20.88 0.34 -8.08
N THR D 22 20.38 -0.76 -8.70
CA THR D 22 19.92 -1.94 -7.96
C THR D 22 20.39 -3.21 -8.69
N ALA D 23 20.71 -4.25 -7.92
CA ALA D 23 21.10 -5.57 -8.42
C ALA D 23 20.82 -6.53 -7.29
N LYS D 24 19.89 -7.49 -7.50
CA LYS D 24 19.48 -8.44 -6.46
C LYS D 24 18.98 -7.63 -5.22
N ASN D 25 19.53 -7.89 -4.03
CA ASN D 25 19.15 -7.18 -2.81
C ASN D 25 19.95 -5.88 -2.65
N HIS D 26 20.98 -5.67 -3.50
CA HIS D 26 21.86 -4.50 -3.35
C HIS D 26 21.28 -3.28 -3.99
N GLN D 27 21.47 -2.14 -3.33
CA GLN D 27 21.02 -0.82 -3.82
C GLN D 27 22.09 0.21 -3.58
N LEU D 28 22.42 1.04 -4.56
CA LEU D 28 23.38 2.15 -4.38
C LEU D 28 22.57 3.42 -4.61
N VAL D 29 22.26 4.15 -3.54
CA VAL D 29 21.33 5.28 -3.56
C VAL D 29 21.98 6.65 -3.31
N MET D 30 21.73 7.61 -4.23
CA MET D 30 22.12 9.02 -4.00
C MET D 30 20.93 9.65 -3.32
N GLN D 31 20.93 9.64 -2.01
CA GLN D 31 19.79 10.08 -1.23
C GLN D 31 19.58 11.58 -1.23
N GLY D 32 18.34 11.97 -0.91
CA GLY D 32 17.93 13.37 -0.81
C GLY D 32 18.64 14.12 0.30
N ASP D 33 19.20 13.39 1.28
CA ASP D 33 19.91 13.99 2.42
C ASP D 33 21.44 14.16 2.12
N CYS D 34 21.85 13.99 0.84
CA CYS D 34 23.24 14.14 0.33
C CYS D 34 24.15 12.95 0.70
N ASN D 35 23.61 11.87 1.28
CA ASN D 35 24.43 10.69 1.62
C ASN D 35 24.34 9.67 0.50
N LEU D 36 25.48 9.15 0.04
CA LEU D 36 25.49 8.11 -0.98
C LEU D 36 25.58 6.77 -0.23
N VAL D 37 24.52 5.94 -0.29
CA VAL D 37 24.46 4.74 0.54
C VAL D 37 24.31 3.46 -0.28
N LEU D 38 25.17 2.50 0.01
CA LEU D 38 25.03 1.19 -0.57
C LEU D 38 24.37 0.30 0.48
N TYR D 39 23.09 -0.08 0.22
CA TYR D 39 22.31 -1.00 1.09
C TYR D 39 22.48 -2.38 0.52
N GLY D 40 23.26 -3.21 1.20
CA GLY D 40 23.53 -4.56 0.72
C GLY D 40 24.87 -5.05 1.24
N GLY D 41 25.33 -6.17 0.69
CA GLY D 41 26.56 -6.80 1.15
C GLY D 41 26.31 -7.34 2.54
N LYS D 42 27.26 -7.12 3.48
CA LYS D 42 27.15 -7.54 4.89
C LYS D 42 27.02 -6.31 5.81
N TYR D 43 27.85 -5.28 5.57
CA TYR D 43 27.89 -4.07 6.38
C TYR D 43 27.31 -2.86 5.68
N GLY D 44 27.12 -2.99 4.37
CA GLY D 44 26.71 -1.87 3.55
C GLY D 44 27.87 -0.90 3.42
N TRP D 45 27.59 0.29 2.89
CA TRP D 45 28.59 1.35 2.74
C TRP D 45 27.89 2.69 2.66
N GLN D 46 28.59 3.73 3.11
CA GLN D 46 28.07 5.09 3.00
C GLN D 46 29.22 6.05 2.74
N SER D 47 28.89 7.17 2.06
CA SER D 47 29.83 8.25 1.85
C SER D 47 29.98 9.04 3.16
N ASN D 48 28.97 8.90 4.06
CA ASN D 48 28.90 9.52 5.38
C ASN D 48 28.86 11.05 5.18
N THR D 49 27.95 11.48 4.30
CA THR D 49 27.84 12.89 3.94
C THR D 49 26.41 13.42 4.17
N HIS D 50 25.67 12.85 5.14
CA HIS D 50 24.30 13.33 5.46
C HIS D 50 24.34 14.83 5.81
N GLY D 51 23.48 15.62 5.17
CA GLY D 51 23.34 17.07 5.42
C GLY D 51 24.51 17.96 5.06
N ASN D 52 25.49 17.46 4.31
CA ASN D 52 26.67 18.24 3.94
C ASN D 52 26.37 19.25 2.80
N GLY D 53 25.23 19.06 2.14
CA GLY D 53 24.78 19.93 1.07
C GLY D 53 23.30 19.74 0.77
N GLU D 54 22.76 20.58 -0.10
CA GLU D 54 21.36 20.50 -0.52
C GLU D 54 21.31 20.13 -1.97
N HIS D 55 20.29 19.33 -2.35
CA HIS D 55 20.00 18.88 -3.72
C HIS D 55 21.27 18.34 -4.39
N CYS D 56 21.96 17.43 -3.69
CA CYS D 56 23.21 16.84 -4.17
C CYS D 56 22.95 15.87 -5.31
N PHE D 57 23.96 15.65 -6.15
CA PHE D 57 23.85 14.69 -7.24
C PHE D 57 25.14 13.95 -7.39
N LEU D 58 25.04 12.73 -7.92
CA LEU D 58 26.18 11.86 -8.23
C LEU D 58 26.46 11.89 -9.70
N ARG D 59 27.73 11.98 -10.10
CA ARG D 59 28.08 11.97 -11.52
C ARG D 59 29.45 11.34 -11.72
N LEU D 60 29.53 10.42 -12.66
CA LEU D 60 30.77 9.77 -13.09
C LEU D 60 31.28 10.56 -14.29
N ASN D 61 32.52 11.07 -14.22
CA ASN D 61 33.03 11.86 -15.33
C ASN D 61 33.72 10.94 -16.39
N HIS D 62 34.47 11.56 -17.34
CA HIS D 62 35.16 10.85 -18.42
C HIS D 62 36.64 10.60 -18.11
N LYS D 63 36.97 10.55 -16.82
CA LYS D 63 38.33 10.21 -16.35
C LYS D 63 38.19 9.14 -15.26
N GLY D 64 36.96 8.71 -15.03
CA GLY D 64 36.67 7.67 -14.06
C GLY D 64 36.53 8.10 -12.62
N GLU D 65 36.30 9.40 -12.42
CA GLU D 65 36.11 9.92 -11.08
C GLU D 65 34.61 10.04 -10.82
N LEU D 66 34.17 9.54 -9.67
CA LEU D 66 32.76 9.58 -9.27
C LEU D 66 32.59 10.65 -8.21
N ILE D 67 31.73 11.64 -8.46
CA ILE D 67 31.68 12.79 -7.54
C ILE D 67 30.27 13.14 -7.07
N ILE D 68 30.17 13.52 -5.79
CA ILE D 68 28.91 14.06 -5.26
C ILE D 68 29.10 15.57 -5.24
N LYS D 69 28.22 16.28 -5.94
CA LYS D 69 28.18 17.74 -5.95
C LYS D 69 26.91 18.20 -5.29
N ASP D 70 26.93 19.38 -4.66
CA ASP D 70 25.70 19.95 -4.13
C ASP D 70 25.11 20.84 -5.24
N ASP D 71 23.98 21.51 -4.94
CA ASP D 71 23.26 22.38 -5.89
C ASP D 71 24.12 23.51 -6.49
N ASP D 72 25.19 23.93 -5.77
CA ASP D 72 26.13 25.00 -6.18
C ASP D 72 27.46 24.49 -6.74
N PHE D 73 27.56 23.16 -6.97
CA PHE D 73 28.75 22.48 -7.53
C PHE D 73 29.94 22.45 -6.54
N LYS D 74 29.63 22.44 -5.24
CA LYS D 74 30.65 22.25 -4.22
C LYS D 74 30.86 20.75 -4.09
N THR D 75 32.14 20.30 -4.08
CA THR D 75 32.43 18.88 -3.96
C THR D 75 32.08 18.42 -2.54
N ILE D 76 31.25 17.37 -2.46
CA ILE D 76 30.82 16.79 -1.19
C ILE D 76 31.63 15.53 -0.91
N TRP D 77 31.87 14.74 -1.97
CA TRP D 77 32.61 13.49 -1.89
C TRP D 77 33.14 13.15 -3.27
N SER D 78 34.29 12.47 -3.31
CA SER D 78 34.88 12.00 -4.55
C SER D 78 35.54 10.63 -4.36
N SER D 79 35.45 9.76 -5.38
CA SER D 79 36.10 8.44 -5.39
C SER D 79 37.62 8.61 -5.48
N ASN D 80 38.10 9.80 -5.98
CA ASN D 80 39.53 10.15 -6.16
C ASN D 80 40.23 9.06 -7.00
N SER D 81 39.54 8.56 -8.04
CA SER D 81 40.01 7.48 -8.91
C SER D 81 40.27 7.95 -10.37
N SER D 82 40.64 9.23 -10.56
CA SER D 82 40.90 9.85 -11.87
C SER D 82 41.99 9.08 -12.64
N SER D 83 41.69 8.76 -13.90
CA SER D 83 42.54 7.94 -14.77
C SER D 83 42.56 8.54 -16.20
N LYS D 84 42.85 7.71 -17.22
CA LYS D 84 42.93 8.15 -18.62
C LYS D 84 41.59 8.68 -19.13
N GLN D 85 41.65 9.66 -20.05
CA GLN D 85 40.46 10.23 -20.68
C GLN D 85 39.75 9.15 -21.51
N GLY D 86 38.43 9.06 -21.38
CA GLY D 86 37.66 8.07 -22.13
C GLY D 86 36.30 7.84 -21.52
N ASP D 87 35.59 6.78 -21.96
CA ASP D 87 34.27 6.43 -21.43
C ASP D 87 34.38 5.38 -20.31
N TYR D 88 33.73 5.62 -19.22
CA TYR D 88 33.73 4.73 -18.06
C TYR D 88 32.31 4.25 -17.73
N VAL D 89 32.21 3.24 -16.85
CA VAL D 89 30.94 2.73 -16.39
C VAL D 89 31.10 2.35 -14.93
N LEU D 90 30.08 2.67 -14.13
CA LEU D 90 29.97 2.23 -12.76
C LEU D 90 28.97 1.07 -12.76
N ILE D 91 29.38 -0.11 -12.27
CA ILE D 91 28.48 -1.25 -12.24
C ILE D 91 28.21 -1.63 -10.78
N LEU D 92 26.93 -1.71 -10.41
CA LEU D 92 26.54 -2.30 -9.13
C LEU D 92 26.42 -3.79 -9.46
N ARG D 93 27.50 -4.55 -9.21
CA ARG D 93 27.58 -5.98 -9.61
C ARG D 93 26.67 -6.87 -8.82
N GLN D 93 27.50 -4.55 -9.21
CA GLN D 93 27.58 -5.98 -9.61
C GLN D 93 26.67 -6.87 -8.82
N ASP D 94 26.35 -8.07 -9.36
CA ASP D 94 25.50 -9.05 -8.66
C ASP D 94 26.12 -9.49 -7.33
N ASP D 95 27.45 -9.34 -7.19
CA ASP D 95 28.12 -9.77 -5.96
C ASP D 95 28.25 -8.65 -4.93
N GLY D 96 27.55 -7.53 -5.14
CA GLY D 96 27.51 -6.43 -4.17
C GLY D 96 28.52 -5.33 -4.28
N PHE D 97 29.64 -5.61 -4.97
CA PHE D 97 30.66 -4.57 -5.18
C PHE D 97 30.16 -3.58 -6.22
N ALA D 98 30.40 -2.27 -6.03
CA ALA D 98 30.09 -1.24 -7.03
C ALA D 98 31.45 -0.81 -7.56
N VAL D 99 31.73 -1.11 -8.84
CA VAL D 99 33.06 -0.97 -9.41
C VAL D 99 33.05 -0.03 -10.62
N ILE D 100 34.07 0.82 -10.72
CA ILE D 100 34.23 1.72 -11.87
C ILE D 100 35.24 1.10 -12.81
N TYR D 101 34.83 0.91 -14.08
CA TYR D 101 35.69 0.35 -15.13
C TYR D 101 35.87 1.33 -16.27
N GLY D 102 37.05 1.37 -16.82
CA GLY D 102 37.34 2.23 -17.95
C GLY D 102 38.80 2.52 -18.11
N PRO D 103 39.17 3.21 -19.21
CA PRO D 103 38.27 3.65 -20.30
C PRO D 103 37.77 2.48 -21.16
N ALA D 104 36.81 2.77 -22.06
CA ALA D 104 36.31 1.83 -23.05
C ALA D 104 37.46 1.55 -24.04
N ILE D 105 37.79 0.26 -24.28
CA ILE D 105 38.91 -0.08 -25.18
C ILE D 105 38.43 -0.74 -26.48
N TRP D 106 37.19 -1.23 -26.50
CA TRP D 106 36.67 -1.93 -27.67
C TRP D 106 35.18 -1.85 -27.68
N GLU D 107 34.59 -1.75 -28.88
CA GLU D 107 33.14 -1.72 -29.04
C GLU D 107 32.73 -2.38 -30.36
N THR D 108 31.49 -2.89 -30.43
CA THR D 108 30.94 -3.52 -31.63
C THR D 108 30.65 -2.48 -32.72
N SER D 109 30.35 -1.22 -32.37
CA SER D 109 30.10 -0.22 -33.42
C SER D 109 30.57 1.17 -32.99
N LEU E 1 -11.15 24.00 19.62
CA LEU E 1 -10.82 23.42 20.92
C LEU E 1 -10.26 22.02 20.74
N GLY E 2 -9.24 21.68 21.53
CA GLY E 2 -8.69 20.34 21.57
C GLY E 2 -9.76 19.36 22.05
N THR E 3 -9.68 18.09 21.61
CA THR E 3 -10.65 17.08 21.98
C THR E 3 -10.54 16.64 23.46
N ASN E 4 -9.35 16.80 24.08
CA ASN E 4 -9.14 16.28 25.45
C ASN E 4 -8.42 17.26 26.39
N TYR E 5 -8.36 18.53 26.01
CA TYR E 5 -7.76 19.53 26.89
C TYR E 5 -8.45 20.88 26.71
N LEU E 6 -8.34 21.72 27.74
CA LEU E 6 -8.86 23.07 27.74
C LEU E 6 -7.76 24.01 28.20
N LEU E 7 -7.44 25.07 27.40
CA LEU E 7 -6.36 26.01 27.74
C LEU E 7 -6.91 27.24 28.38
N SER E 8 -6.14 27.89 29.26
CA SER E 8 -6.63 29.13 29.89
C SER E 8 -6.93 30.18 28.78
N GLY E 9 -8.08 30.83 28.87
CA GLY E 9 -8.52 31.78 27.85
C GLY E 9 -9.53 31.14 26.90
N GLN E 10 -9.59 29.79 26.87
CA GLN E 10 -10.54 29.08 26.02
C GLN E 10 -11.79 28.79 26.82
N THR E 11 -12.88 28.45 26.14
CA THR E 11 -14.16 28.18 26.80
C THR E 11 -14.68 26.84 26.34
N LEU E 12 -15.13 25.98 27.29
CA LEU E 12 -15.83 24.77 26.93
C LEU E 12 -17.30 25.16 27.00
N ASN E 13 -17.88 25.42 25.82
CA ASN E 13 -19.24 25.93 25.72
C ASN E 13 -20.30 24.91 26.17
N THR E 14 -21.57 25.39 26.33
CA THR E 14 -22.73 24.59 26.74
C THR E 14 -22.86 23.36 25.83
N ASP E 15 -23.03 22.16 26.42
CA ASP E 15 -23.12 20.82 25.78
C ASP E 15 -21.80 20.39 25.11
N GLY E 16 -20.72 21.09 25.43
CA GLY E 16 -19.40 20.73 24.89
C GLY E 16 -18.77 19.57 25.64
N HIS E 17 -17.89 18.82 24.95
CA HIS E 17 -17.17 17.68 25.51
C HIS E 17 -15.64 17.82 25.47
N LEU E 18 -14.98 17.12 26.40
CA LEU E 18 -13.57 16.74 26.46
C LEU E 18 -13.62 15.23 26.63
N LYS E 19 -12.94 14.49 25.79
CA LYS E 19 -13.08 13.05 25.80
C LYS E 19 -11.75 12.34 25.66
N ASN E 20 -11.56 11.27 26.44
CA ASN E 20 -10.35 10.44 26.35
C ASN E 20 -10.77 9.00 26.60
N GLY E 21 -11.02 8.29 25.50
CA GLY E 21 -11.49 6.91 25.55
C GLY E 21 -12.90 6.89 26.08
N ASP E 22 -13.12 6.12 27.15
CA ASP E 22 -14.44 5.97 27.77
C ASP E 22 -14.85 7.17 28.64
N PHE E 23 -13.87 8.02 29.02
CA PHE E 23 -14.11 9.15 29.90
C PHE E 23 -14.52 10.35 29.10
N ASP E 24 -15.72 10.83 29.40
CA ASP E 24 -16.40 11.88 28.67
C ASP E 24 -16.86 12.97 29.62
N LEU E 25 -16.11 14.09 29.59
CA LEU E 25 -16.39 15.27 30.39
C LEU E 25 -17.35 16.18 29.64
N VAL E 26 -18.51 16.46 30.22
CA VAL E 26 -19.52 17.28 29.53
C VAL E 26 -19.95 18.48 30.37
N MET E 27 -19.83 19.69 29.80
CA MET E 27 -20.37 20.94 30.37
C MET E 27 -21.83 20.98 29.94
N GLN E 28 -22.72 20.45 30.77
CA GLN E 28 -24.11 20.25 30.39
C GLN E 28 -24.98 21.52 30.39
N ASN E 29 -26.11 21.40 29.69
CA ASN E 29 -27.15 22.41 29.53
C ASN E 29 -27.82 22.71 30.89
N ASP E 30 -27.79 21.74 31.82
CA ASP E 30 -28.38 21.91 33.16
C ASP E 30 -27.35 22.51 34.13
N CYS E 31 -26.17 22.94 33.61
CA CYS E 31 -25.07 23.56 34.37
C CYS E 31 -24.24 22.55 35.17
N ASN E 32 -24.54 21.25 35.04
CA ASN E 32 -23.71 20.29 35.74
C ASN E 32 -22.53 19.87 34.86
N LEU E 33 -21.32 19.93 35.41
CA LEU E 33 -20.11 19.50 34.68
C LEU E 33 -19.86 18.06 35.11
N VAL E 34 -20.11 17.08 34.20
CA VAL E 34 -20.04 15.67 34.56
C VAL E 34 -18.93 14.95 33.84
N LEU E 35 -18.12 14.21 34.59
CA LEU E 35 -17.07 13.35 34.05
C LEU E 35 -17.65 11.92 34.00
N TYR E 36 -18.34 11.58 32.89
CA TYR E 36 -18.96 10.26 32.69
C TYR E 36 -17.90 9.17 32.69
N ASN E 37 -18.14 8.15 33.54
CA ASN E 37 -17.32 6.97 33.84
C ASN E 37 -16.15 7.33 34.79
N GLY E 38 -16.04 8.61 35.14
CA GLY E 38 -14.97 9.09 36.02
C GLY E 38 -15.37 9.34 37.47
N ASN E 39 -16.62 8.99 37.86
CA ASN E 39 -17.15 9.14 39.22
C ASN E 39 -16.96 10.58 39.75
N TRP E 40 -17.16 11.60 38.88
CA TRP E 40 -16.99 12.97 39.32
C TRP E 40 -17.97 13.88 38.61
N GLN E 41 -18.45 14.90 39.32
CA GLN E 41 -19.33 15.95 38.81
C GLN E 41 -19.12 17.19 39.66
N SER E 42 -19.39 18.39 39.08
CA SER E 42 -19.30 19.66 39.81
C SER E 42 -20.46 19.78 40.81
N ASN E 43 -21.54 18.97 40.60
CA ASN E 43 -22.72 18.89 41.48
C ASN E 43 -23.42 20.27 41.49
N THR E 44 -23.61 20.82 40.28
CA THR E 44 -24.23 22.12 40.05
C THR E 44 -25.40 21.98 39.05
N ALA E 45 -26.09 20.83 39.04
CA ALA E 45 -27.26 20.66 38.17
C ALA E 45 -28.35 21.68 38.55
N ASN E 46 -29.02 22.29 37.53
CA ASN E 46 -30.06 23.34 37.67
C ASN E 46 -29.55 24.61 38.36
N ASN E 47 -28.20 24.84 38.42
CA ASN E 47 -27.67 26.05 39.06
C ASN E 47 -27.59 27.24 38.09
N GLY E 48 -27.96 27.01 36.84
CA GLY E 48 -27.93 28.05 35.83
C GLY E 48 -28.19 27.54 34.43
N ARG E 49 -28.29 28.48 33.49
CA ARG E 49 -28.57 28.19 32.09
C ARG E 49 -27.47 28.72 31.21
N ASP E 50 -27.20 28.02 30.08
CA ASP E 50 -26.17 28.33 29.08
C ASP E 50 -24.79 28.44 29.75
N CYS E 51 -24.51 27.51 30.66
CA CYS E 51 -23.28 27.50 31.45
C CYS E 51 -22.07 27.12 30.61
N LYS E 52 -20.94 27.69 30.98
CA LYS E 52 -19.66 27.53 30.27
C LYS E 52 -18.52 27.26 31.22
N LEU E 53 -17.60 26.38 30.83
CA LEU E 53 -16.42 26.10 31.64
C LEU E 53 -15.24 26.89 31.11
N THR E 54 -14.59 27.67 31.99
CA THR E 54 -13.38 28.39 31.63
C THR E 54 -12.23 28.06 32.61
N LEU E 55 -11.04 28.54 32.29
CA LEU E 55 -9.84 28.32 33.08
C LEU E 55 -9.14 29.66 33.21
N THR E 56 -8.99 30.15 34.44
CA THR E 56 -8.37 31.44 34.73
C THR E 56 -6.87 31.39 34.48
N ASP E 57 -6.24 32.59 34.46
CA ASP E 57 -4.80 32.74 34.28
C ASP E 57 -4.03 32.32 35.54
N TYR E 58 -4.75 31.84 36.60
CA TYR E 58 -4.15 31.32 37.84
C TYR E 58 -4.41 29.81 37.96
N GLY E 59 -4.94 29.23 36.89
CA GLY E 59 -5.25 27.81 36.82
C GLY E 59 -6.50 27.34 37.52
N GLU E 60 -7.43 28.23 37.78
CA GLU E 60 -8.67 27.85 38.44
C GLU E 60 -9.71 27.52 37.40
N LEU E 61 -10.43 26.39 37.56
CA LEU E 61 -11.54 26.04 36.66
C LEU E 61 -12.78 26.75 37.14
N VAL E 62 -13.50 27.40 36.24
CA VAL E 62 -14.68 28.17 36.63
C VAL E 62 -15.86 27.85 35.73
N ILE E 63 -17.02 27.61 36.32
CA ILE E 63 -18.28 27.45 35.62
C ILE E 63 -19.04 28.73 35.84
N LYS E 64 -19.41 29.40 34.74
CA LYS E 64 -20.21 30.62 34.78
C LYS E 64 -21.50 30.36 34.02
N ASN E 65 -22.59 30.98 34.42
CA ASN E 65 -23.86 30.81 33.71
C ASN E 65 -23.88 31.77 32.49
N GLY E 66 -25.00 31.83 31.76
CA GLY E 66 -25.15 32.70 30.59
C GLY E 66 -24.83 34.18 30.82
N ASP E 67 -25.22 34.71 31.99
CA ASP E 67 -25.01 36.11 32.39
C ASP E 67 -23.58 36.40 32.87
N GLY E 68 -22.79 35.34 33.10
CA GLY E 68 -21.40 35.46 33.53
C GLY E 68 -21.20 35.40 35.02
N SER E 69 -22.22 34.93 35.77
CA SER E 69 -22.12 34.74 37.24
C SER E 69 -21.42 33.42 37.53
N THR E 70 -20.52 33.41 38.55
CA THR E 70 -19.79 32.20 38.91
C THR E 70 -20.71 31.25 39.67
N VAL E 71 -20.85 30.06 39.12
CA VAL E 71 -21.68 28.98 39.64
C VAL E 71 -20.80 28.03 40.48
N TRP E 72 -19.56 27.77 40.01
CA TRP E 72 -18.63 26.84 40.66
C TRP E 72 -17.19 27.18 40.28
N ARG E 73 -16.25 26.90 41.19
CA ARG E 73 -14.82 27.11 40.91
C ARG E 73 -14.00 26.01 41.62
N SER E 74 -12.87 25.61 41.04
CA SER E 74 -12.04 24.52 41.57
C SER E 74 -11.28 24.91 42.88
N ARG E 75 -11.26 26.22 43.24
CA ARG E 75 -10.63 26.80 44.44
C ARG E 75 -9.10 26.87 44.29
N ALA E 76 -8.46 25.77 43.85
CA ALA E 76 -7.01 25.67 43.66
C ALA E 76 -6.50 26.69 42.63
N LYS E 77 -5.51 27.49 43.05
CA LYS E 77 -4.90 28.54 42.22
C LYS E 77 -3.40 28.52 42.38
N SER E 78 -2.67 28.98 41.37
CA SER E 78 -1.21 29.09 41.46
C SER E 78 -0.80 30.45 40.87
N VAL E 79 0.42 30.58 40.32
CA VAL E 79 0.92 31.83 39.76
C VAL E 79 0.21 32.19 38.44
N LYS E 80 0.20 33.50 38.08
CA LYS E 80 -0.39 33.93 36.80
C LYS E 80 0.43 33.34 35.64
N GLY E 81 -0.27 32.72 34.69
CA GLY E 81 0.38 32.11 33.53
C GLY E 81 -0.60 31.38 32.64
N ASN E 82 -0.08 30.50 31.80
CA ASN E 82 -0.89 29.70 30.87
C ASN E 82 -1.10 28.31 31.46
N TYR E 83 -2.36 27.89 31.56
CA TYR E 83 -2.68 26.62 32.16
C TYR E 83 -3.35 25.71 31.17
N ALA E 84 -3.38 24.42 31.48
CA ALA E 84 -4.05 23.43 30.66
C ALA E 84 -4.79 22.42 31.55
N ALA E 85 -6.10 22.25 31.32
CA ALA E 85 -6.93 21.24 31.99
C ALA E 85 -7.01 20.08 31.02
N VAL E 86 -6.42 18.95 31.41
CA VAL E 86 -6.28 17.77 30.56
C VAL E 86 -7.10 16.60 31.08
N LEU E 87 -7.83 15.94 30.17
CA LEU E 87 -8.55 14.72 30.54
C LEU E 87 -7.58 13.55 30.37
N HIS E 88 -7.04 13.09 31.50
CA HIS E 88 -6.07 12.01 31.61
C HIS E 88 -6.73 10.69 31.19
N PRO E 89 -6.01 9.78 30.47
CA PRO E 89 -6.62 8.50 30.05
C PRO E 89 -7.07 7.59 31.21
N ASP E 90 -6.61 7.83 32.46
CA ASP E 90 -7.04 7.02 33.60
C ASP E 90 -8.34 7.61 34.24
N GLY E 91 -8.95 8.59 33.57
CA GLY E 91 -10.24 9.14 33.96
C GLY E 91 -10.30 10.25 34.97
N ARG E 92 -9.27 11.06 35.02
CA ARG E 92 -9.22 12.24 35.91
C ARG E 92 -9.07 13.48 35.08
N LEU E 93 -9.74 14.57 35.45
CA LEU E 93 -9.50 15.87 34.80
C LEU E 93 -8.45 16.55 35.67
N VAL E 94 -7.31 16.93 35.09
CA VAL E 94 -6.17 17.50 35.83
C VAL E 94 -5.76 18.86 35.29
N VAL E 95 -5.60 19.86 36.18
CA VAL E 95 -5.13 21.19 35.78
C VAL E 95 -3.60 21.24 35.97
N PHE E 96 -2.88 21.54 34.89
CA PHE E 96 -1.42 21.63 34.91
C PHE E 96 -0.98 23.01 34.56
N GLY E 97 0.00 23.50 35.27
CA GLY E 97 0.54 24.80 34.93
C GLY E 97 1.36 25.46 36.00
N PRO E 98 2.00 26.59 35.64
CA PRO E 98 1.97 27.26 34.33
C PRO E 98 2.85 26.57 33.29
N SER E 99 2.79 27.03 32.02
CA SER E 99 3.65 26.51 30.98
C SER E 99 5.10 26.89 31.31
N VAL E 100 6.03 25.96 31.12
CA VAL E 100 7.45 26.14 31.43
C VAL E 100 8.32 26.04 30.18
N PHE E 101 7.76 25.62 29.03
CA PHE E 101 8.53 25.46 27.80
C PHE E 101 7.61 25.38 26.61
N LYS E 102 8.06 25.88 25.45
CA LYS E 102 7.29 25.86 24.21
C LYS E 102 8.21 25.62 23.00
N ILE E 103 7.76 24.74 22.11
CA ILE E 103 8.36 24.50 20.80
C ILE E 103 7.47 25.26 19.83
N ASP E 104 8.05 26.23 19.12
CA ASP E 104 7.33 27.07 18.18
C ASP E 104 7.70 26.69 16.72
N PRO E 105 6.83 25.93 15.98
CA PRO E 105 7.17 25.61 14.57
C PRO E 105 6.68 26.65 13.57
N TRP E 106 6.24 27.81 14.06
CA TRP E 106 5.70 28.89 13.22
C TRP E 106 6.75 29.99 12.96
N VAL E 107 7.85 29.99 13.74
CA VAL E 107 8.94 30.95 13.62
C VAL E 107 10.27 30.16 13.42
N PRO E 108 11.25 30.63 12.62
CA PRO E 108 12.49 29.84 12.44
C PRO E 108 13.33 29.78 13.72
N GLY E 109 14.15 28.74 13.84
CA GLY E 109 15.03 28.52 14.99
C GLY E 109 16.37 29.19 14.83
N ASN F 1 2.59 1.82 34.24
CA ASN F 1 2.64 2.62 33.03
C ASN F 1 1.31 3.26 32.74
N ILE F 2 1.38 4.41 32.09
CA ILE F 2 0.25 5.23 31.72
C ILE F 2 -0.17 4.91 30.28
N PRO F 3 -1.48 4.69 30.01
CA PRO F 3 -1.95 4.47 28.63
C PRO F 3 -1.58 5.65 27.71
N PHE F 4 -1.32 5.38 26.42
CA PHE F 4 -0.94 6.44 25.50
C PHE F 4 -2.18 7.24 24.97
N THR F 5 -2.01 8.55 24.77
CA THR F 5 -2.95 9.49 24.12
C THR F 5 -2.13 10.18 23.02
N ASP F 6 -2.62 10.17 21.77
CA ASP F 6 -1.89 10.66 20.60
C ASP F 6 -1.25 12.06 20.72
N ASN F 7 -1.91 13.04 21.40
CA ASN F 7 -1.40 14.42 21.48
C ASN F 7 -0.80 14.76 22.86
N LEU F 8 -0.57 13.77 23.71
CA LEU F 8 -0.06 14.00 25.07
C LEU F 8 1.14 13.15 25.46
N LEU F 9 2.00 13.71 26.34
CA LEU F 9 3.08 12.95 26.93
C LEU F 9 3.17 13.36 28.38
N PHE F 10 2.78 12.46 29.31
CA PHE F 10 2.82 12.78 30.74
C PHE F 10 4.17 12.46 31.29
N SER F 11 4.48 13.02 32.46
CA SER F 11 5.73 12.75 33.14
C SER F 11 5.90 11.21 33.32
N GLY F 12 7.10 10.73 33.02
CA GLY F 12 7.40 9.30 33.12
C GLY F 12 7.24 8.54 31.81
N GLN F 13 6.40 9.04 30.89
CA GLN F 13 6.19 8.34 29.62
C GLN F 13 7.38 8.52 28.71
N VAL F 14 7.62 7.54 27.83
CA VAL F 14 8.79 7.66 26.95
C VAL F 14 8.40 7.51 25.46
N LEU F 15 9.08 8.28 24.59
CA LEU F 15 8.93 8.11 23.14
C LEU F 15 10.26 7.72 22.56
N TYR F 16 10.28 6.80 21.58
CA TYR F 16 11.53 6.35 20.91
C TYR F 16 11.18 5.61 19.63
N GLY F 17 12.20 5.30 18.82
CA GLY F 17 12.04 4.52 17.59
C GLY F 17 10.92 4.97 16.68
N ASP F 18 10.83 6.30 16.46
CA ASP F 18 9.82 6.97 15.61
C ASP F 18 8.48 7.09 16.32
N GLY F 19 8.46 6.85 17.64
CA GLY F 19 7.26 7.08 18.45
C GLY F 19 6.94 8.55 18.37
N ARG F 20 5.65 8.91 18.36
CA ARG F 20 5.32 10.31 18.15
C ARG F 20 4.00 10.78 18.76
N LEU F 21 3.89 12.10 18.89
CA LEU F 21 2.66 12.79 19.23
C LEU F 21 2.09 13.30 17.92
N THR F 22 0.74 13.31 17.79
CA THR F 22 0.09 13.81 16.57
C THR F 22 -1.14 14.62 16.94
N ALA F 23 -1.39 15.69 16.17
CA ALA F 23 -2.56 16.57 16.29
C ALA F 23 -2.77 17.23 14.94
N LYS F 24 -3.89 16.94 14.27
CA LYS F 24 -4.16 17.52 12.93
C LYS F 24 -3.03 17.09 11.97
N ASN F 25 -2.35 18.05 11.31
CA ASN F 25 -1.22 17.81 10.40
C ASN F 25 0.13 17.81 11.15
N HIS F 26 0.12 18.15 12.44
CA HIS F 26 1.34 18.24 13.24
C HIS F 26 1.75 16.90 13.82
N GLN F 27 3.06 16.65 13.86
CA GLN F 27 3.70 15.44 14.40
C GLN F 27 4.96 15.83 15.13
N LEU F 28 5.13 15.35 16.36
CA LEU F 28 6.35 15.58 17.14
C LEU F 28 6.97 14.15 17.30
N VAL F 29 8.01 13.84 16.52
CA VAL F 29 8.58 12.48 16.40
C VAL F 29 9.98 12.34 17.02
N MET F 30 10.13 11.37 17.95
CA MET F 30 11.45 11.02 18.49
C MET F 30 11.97 9.95 17.55
N GLN F 31 12.73 10.38 16.55
CA GLN F 31 13.17 9.47 15.47
C GLN F 31 14.26 8.49 15.91
N GLY F 32 14.39 7.42 15.12
CA GLY F 32 15.40 6.40 15.31
C GLY F 32 16.80 6.92 15.03
N ASP F 33 16.93 8.10 14.38
CA ASP F 33 18.25 8.71 14.09
C ASP F 33 18.69 9.70 15.21
N CYS F 34 17.95 9.71 16.36
CA CYS F 34 18.19 10.51 17.57
C CYS F 34 17.77 12.00 17.40
N ASN F 35 17.08 12.33 16.29
CA ASN F 35 16.62 13.69 16.08
C ASN F 35 15.14 13.80 16.48
N LEU F 36 14.81 14.77 17.34
CA LEU F 36 13.44 15.05 17.75
C LEU F 36 12.89 16.10 16.78
N VAL F 37 11.90 15.75 15.96
CA VAL F 37 11.44 16.66 14.91
C VAL F 37 9.94 16.94 15.02
N LEU F 38 9.58 18.21 14.91
CA LEU F 38 8.20 18.62 14.86
C LEU F 38 7.86 18.91 13.39
N TYR F 39 7.12 18.01 12.73
CA TYR F 39 6.65 18.19 11.35
C TYR F 39 5.33 18.89 11.43
N GLY F 40 5.32 20.17 11.11
CA GLY F 40 4.11 20.98 11.20
C GLY F 40 4.42 22.44 11.35
N GLY F 41 3.37 23.22 11.59
CA GLY F 41 3.48 24.67 11.68
C GLY F 41 3.82 25.21 10.30
N LYS F 42 4.80 26.10 10.21
CA LYS F 42 5.23 26.67 8.94
C LYS F 42 6.64 26.18 8.58
N TYR F 43 7.55 26.25 9.55
CA TYR F 43 8.96 25.88 9.38
C TYR F 43 9.31 24.55 10.00
N GLY F 44 8.42 24.05 10.86
CA GLY F 44 8.70 22.86 11.64
C GLY F 44 9.70 23.22 12.72
N TRP F 45 10.30 22.21 13.35
CA TRP F 45 11.31 22.38 14.38
C TRP F 45 12.07 21.07 14.50
N GLN F 46 13.33 21.16 14.90
CA GLN F 46 14.16 19.99 15.14
C GLN F 46 15.13 20.26 16.29
N SER F 47 15.55 19.19 17.00
CA SER F 47 16.54 19.31 18.07
C SER F 47 17.91 19.41 17.45
N ASN F 48 18.02 19.01 16.15
CA ASN F 48 19.24 19.02 15.32
C ASN F 48 20.27 18.10 15.98
N THR F 49 19.81 16.88 16.32
CA THR F 49 20.68 15.93 17.01
C THR F 49 20.78 14.61 16.24
N HIS F 50 20.65 14.67 14.89
CA HIS F 50 20.81 13.47 14.03
C HIS F 50 22.17 12.81 14.27
N GLY F 51 22.15 11.51 14.51
CA GLY F 51 23.33 10.68 14.72
C GLY F 51 24.12 10.94 16.00
N ASN F 52 23.61 11.77 16.94
CA ASN F 52 24.35 12.10 18.17
C ASN F 52 24.39 10.96 19.19
N GLY F 53 23.59 9.92 18.99
CA GLY F 53 23.56 8.75 19.87
C GLY F 53 22.76 7.60 19.27
N GLU F 54 22.78 6.44 19.95
CA GLU F 54 22.06 5.27 19.47
C GLU F 54 20.90 4.95 20.38
N HIS F 55 19.77 4.49 19.77
CA HIS F 55 18.55 4.05 20.46
C HIS F 55 18.12 5.11 21.48
N CYS F 56 18.06 6.36 21.02
CA CYS F 56 17.68 7.49 21.85
C CYS F 56 16.21 7.44 22.25
N PHE F 57 15.88 8.04 23.40
CA PHE F 57 14.48 8.08 23.84
C PHE F 57 14.22 9.45 24.44
N LEU F 58 12.95 9.86 24.36
CA LEU F 58 12.48 11.15 24.91
C LEU F 58 11.70 10.89 26.17
N ARG F 59 11.95 11.65 27.25
CA ARG F 59 11.21 11.43 28.50
C ARG F 59 10.98 12.73 29.23
N LEU F 60 9.75 13.00 29.63
CA LEU F 60 9.43 14.18 30.40
C LEU F 60 9.57 13.80 31.90
N ASN F 61 10.42 14.52 32.71
CA ASN F 61 10.55 14.15 34.12
C ASN F 61 9.46 14.84 35.00
N HIS F 62 9.61 14.79 36.36
CA HIS F 62 8.64 15.33 37.32
C HIS F 62 9.06 16.70 37.86
N LYS F 63 9.89 17.40 37.06
CA LYS F 63 10.33 18.78 37.29
C LYS F 63 10.08 19.60 36.00
N GLY F 64 9.41 18.96 35.04
CA GLY F 64 9.07 19.59 33.77
C GLY F 64 10.18 19.72 32.77
N GLU F 65 11.22 18.93 32.92
CA GLU F 65 12.34 18.95 31.98
C GLU F 65 12.17 17.80 31.01
N LEU F 66 12.21 18.13 29.69
CA LEU F 66 12.05 17.16 28.60
C LEU F 66 13.43 16.77 28.12
N ILE F 67 13.75 15.48 28.18
CA ILE F 67 15.13 15.10 27.86
C ILE F 67 15.23 14.01 26.81
N ILE F 68 16.22 14.15 25.91
CA ILE F 68 16.59 13.07 24.98
C ILE F 68 17.80 12.39 25.60
N LYS F 69 17.71 11.06 25.79
CA LYS F 69 18.82 10.28 26.32
C LYS F 69 19.24 9.26 25.29
N ASP F 70 20.53 8.89 25.24
CA ASP F 70 20.92 7.78 24.35
C ASP F 70 20.78 6.47 25.16
N ASP F 71 21.09 5.31 24.53
CA ASP F 71 20.96 4.00 25.19
C ASP F 71 21.80 3.90 26.50
N ASP F 72 22.87 4.71 26.63
CA ASP F 72 23.75 4.74 27.81
C ASP F 72 23.42 5.83 28.82
N PHE F 73 22.29 6.54 28.61
CA PHE F 73 21.75 7.60 29.46
C PHE F 73 22.61 8.88 29.39
N LYS F 74 23.27 9.09 28.25
CA LYS F 74 23.97 10.35 28.00
C LYS F 74 22.94 11.34 27.49
N THR F 75 22.95 12.59 28.02
CA THR F 75 22.04 13.62 27.59
C THR F 75 22.42 14.11 26.20
N ILE F 76 21.45 13.98 25.29
CA ILE F 76 21.61 14.38 23.91
C ILE F 76 21.07 15.80 23.75
N TRP F 77 19.92 16.07 24.39
CA TRP F 77 19.24 17.36 24.33
C TRP F 77 18.36 17.55 25.54
N SER F 78 18.16 18.80 25.96
CA SER F 78 17.25 19.11 27.05
C SER F 78 16.51 20.42 26.77
N SER F 79 15.22 20.49 27.17
CA SER F 79 14.37 21.69 27.11
C SER F 79 14.90 22.73 28.09
N ASN F 80 15.69 22.29 29.12
CA ASN F 80 16.32 23.12 30.16
C ASN F 80 15.23 23.97 30.87
N SER F 81 14.08 23.35 31.13
CA SER F 81 12.88 23.96 31.72
C SER F 81 12.54 23.39 33.12
N SER F 82 13.57 22.96 33.88
CA SER F 82 13.36 22.38 35.22
C SER F 82 12.68 23.41 36.14
N SER F 83 11.61 22.97 36.79
CA SER F 83 10.77 23.79 37.67
C SER F 83 10.42 23.03 38.98
N LYS F 84 9.28 23.35 39.62
CA LYS F 84 8.86 22.71 40.87
C LYS F 84 8.51 21.24 40.66
N GLN F 85 8.77 20.40 41.67
CA GLN F 85 8.46 18.98 41.66
C GLN F 85 6.96 18.77 41.55
N GLY F 86 6.56 17.83 40.72
CA GLY F 86 5.15 17.56 40.51
C GLY F 86 4.89 16.83 39.22
N ASP F 87 3.60 16.65 38.87
CA ASP F 87 3.23 15.98 37.63
C ASP F 87 3.12 16.99 36.49
N TYR F 88 3.73 16.70 35.35
CA TYR F 88 3.75 17.58 34.17
C TYR F 88 3.16 16.88 32.95
N VAL F 89 2.83 17.67 31.92
CA VAL F 89 2.35 17.11 30.68
C VAL F 89 2.89 17.93 29.52
N LEU F 90 3.29 17.23 28.45
CA LEU F 90 3.67 17.81 27.17
C LEU F 90 2.47 17.68 26.25
N ILE F 91 2.01 18.80 25.70
CA ILE F 91 0.88 18.73 24.79
C ILE F 91 1.31 19.20 23.40
N LEU F 92 1.06 18.36 22.38
CA LEU F 92 1.20 18.81 21.01
C LEU F 92 -0.19 19.41 20.66
N ARG F 93 -0.33 20.73 20.83
CA ARG F 93 -1.62 21.44 20.67
C ARG F 93 -2.11 21.47 19.24
N GLN F 93 -0.33 20.73 20.83
CA GLN F 93 -1.62 21.44 20.67
C GLN F 93 -2.11 21.47 19.24
N ASP F 94 -3.43 21.68 19.04
CA ASP F 94 -4.03 21.78 17.72
C ASP F 94 -3.47 22.97 16.92
N ASP F 95 -2.89 23.97 17.60
CA ASP F 95 -2.35 25.14 16.88
C ASP F 95 -0.88 24.93 16.53
N GLY F 96 -0.37 23.71 16.73
CA GLY F 96 1.00 23.35 16.36
C GLY F 96 2.08 23.55 17.39
N PHE F 97 1.82 24.36 18.43
CA PHE F 97 2.80 24.54 19.50
C PHE F 97 2.87 23.27 20.37
N ALA F 98 4.10 22.87 20.79
CA ALA F 98 4.30 21.74 21.72
C ALA F 98 4.68 22.40 23.02
N VAL F 99 3.79 22.29 24.02
CA VAL F 99 3.97 23.04 25.27
C VAL F 99 4.02 22.12 26.50
N ILE F 100 4.96 22.39 27.39
CA ILE F 100 5.08 21.69 28.67
C ILE F 100 4.36 22.49 29.75
N TYR F 101 3.38 21.86 30.41
CA TYR F 101 2.62 22.47 31.50
C TYR F 101 2.83 21.70 32.75
N GLY F 102 2.88 22.40 33.86
CA GLY F 102 2.98 21.75 35.15
C GLY F 102 3.55 22.65 36.21
N PRO F 103 3.55 22.21 37.49
CA PRO F 103 3.01 20.95 37.97
C PRO F 103 1.48 20.92 37.98
N ALA F 104 0.90 19.72 38.15
CA ALA F 104 -0.52 19.52 38.37
C ALA F 104 -0.89 20.25 39.69
N ILE F 105 -1.92 21.12 39.67
CA ILE F 105 -2.32 21.90 40.86
C ILE F 105 -3.69 21.47 41.36
N TRP F 106 -4.44 20.74 40.53
CA TRP F 106 -5.80 20.31 40.88
C TRP F 106 -6.20 19.12 40.04
N GLU F 107 -6.96 18.21 40.64
CA GLU F 107 -7.44 17.00 39.97
C GLU F 107 -8.80 16.59 40.54
N THR F 108 -9.59 15.86 39.74
CA THR F 108 -10.88 15.34 40.15
C THR F 108 -10.69 14.17 41.13
N SER F 109 -9.60 13.39 40.97
CA SER F 109 -9.33 12.26 41.87
C SER F 109 -7.88 12.26 42.33
N LEU G 1 -2.90 26.45 -26.41
CA LEU G 1 -2.29 26.22 -25.10
C LEU G 1 -1.21 25.16 -25.14
N GLY G 2 -0.29 25.19 -24.19
CA GLY G 2 0.67 24.09 -24.02
C GLY G 2 -0.10 22.88 -23.51
N THR G 3 0.41 21.66 -23.73
CA THR G 3 -0.33 20.45 -23.32
C THR G 3 -0.22 20.16 -21.80
N ASN G 4 0.79 20.71 -21.13
CA ASN G 4 1.05 20.40 -19.70
C ASN G 4 1.35 21.64 -18.86
N TYR G 5 1.13 22.85 -19.40
CA TYR G 5 1.34 24.08 -18.63
C TYR G 5 0.33 25.15 -19.02
N LEU G 6 0.07 26.05 -18.09
CA LEU G 6 -0.78 27.22 -18.27
C LEU G 6 0.02 28.45 -17.85
N LEU G 7 0.12 29.46 -18.73
CA LEU G 7 0.83 30.69 -18.39
C LEU G 7 -0.12 31.78 -17.90
N SER G 8 0.42 32.78 -17.20
CA SER G 8 -0.41 33.90 -16.78
C SER G 8 -0.90 34.63 -18.04
N GLY G 9 -2.17 34.99 -18.07
CA GLY G 9 -2.74 35.65 -19.25
C GLY G 9 -3.35 34.67 -20.22
N GLN G 10 -3.31 33.36 -19.90
CA GLN G 10 -3.93 32.29 -20.69
C GLN G 10 -5.07 31.67 -19.89
N THR G 11 -5.95 30.90 -20.53
CA THR G 11 -7.00 30.18 -19.83
C THR G 11 -7.08 28.71 -20.27
N LEU G 12 -7.37 27.81 -19.32
CA LEU G 12 -7.68 26.42 -19.60
C LEU G 12 -9.20 26.43 -19.76
N ASN G 13 -9.69 26.21 -20.97
CA ASN G 13 -11.12 26.38 -21.26
C ASN G 13 -11.96 25.22 -20.78
N THR G 14 -13.28 25.38 -20.78
CA THR G 14 -14.22 24.35 -20.33
C THR G 14 -13.97 23.03 -21.07
N ASP G 15 -13.79 21.94 -20.33
CA ASP G 15 -13.55 20.57 -20.80
C ASP G 15 -12.12 20.42 -21.37
N GLY G 16 -11.27 21.40 -21.11
CA GLY G 16 -9.88 21.41 -21.54
C GLY G 16 -9.00 20.62 -20.60
N HIS G 17 -7.87 20.10 -21.10
CA HIS G 17 -6.96 19.26 -20.34
C HIS G 17 -5.56 19.83 -20.28
N LEU G 18 -4.87 19.53 -19.17
CA LEU G 18 -3.44 19.60 -18.95
C LEU G 18 -3.09 18.16 -18.61
N LYS G 19 -2.11 17.57 -19.33
CA LYS G 19 -1.82 16.15 -19.13
C LYS G 19 -0.32 15.85 -19.09
N ASN G 20 0.10 14.95 -18.19
CA ASN G 20 1.50 14.48 -18.09
C ASN G 20 1.48 13.03 -17.64
N GLY G 21 1.64 12.12 -18.61
CA GLY G 21 1.55 10.69 -18.34
C GLY G 21 0.12 10.33 -18.00
N ASP G 22 -0.09 9.63 -16.89
CA ASP G 22 -1.41 9.20 -16.42
C ASP G 22 -2.19 10.33 -15.72
N PHE G 23 -1.49 11.39 -15.35
CA PHE G 23 -2.10 12.53 -14.65
C PHE G 23 -2.79 13.47 -15.64
N ASP G 24 -4.10 13.68 -15.43
CA ASP G 24 -4.93 14.43 -16.36
C ASP G 24 -5.77 15.47 -15.61
N LEU G 25 -5.39 16.73 -15.73
CA LEU G 25 -6.09 17.85 -15.11
C LEU G 25 -7.14 18.38 -16.07
N VAL G 26 -8.41 18.37 -15.66
CA VAL G 26 -9.52 18.75 -16.54
C VAL G 26 -10.34 19.84 -15.87
N MET G 27 -10.56 20.95 -16.59
CA MET G 27 -11.44 22.05 -16.18
C MET G 27 -12.82 21.60 -16.68
N GLN G 28 -13.60 20.94 -15.84
CA GLN G 28 -14.81 20.29 -16.33
C GLN G 28 -15.99 21.21 -16.60
N ASN G 29 -16.93 20.69 -17.41
CA ASN G 29 -18.20 21.34 -17.75
C ASN G 29 -19.02 21.65 -16.50
N ASP G 30 -18.84 20.86 -15.42
CA ASP G 30 -19.60 21.04 -14.17
C ASP G 30 -18.87 21.98 -13.18
N CYS G 31 -17.83 22.70 -13.64
CA CYS G 31 -17.02 23.69 -12.92
C CYS G 31 -16.03 23.06 -11.91
N ASN G 32 -15.92 21.74 -11.86
CA ASN G 32 -14.96 21.12 -10.94
C ASN G 32 -13.64 20.96 -11.66
N LEU G 33 -12.54 21.41 -11.04
CA LEU G 33 -11.22 21.23 -11.62
C LEU G 33 -10.66 19.97 -10.99
N VAL G 34 -10.54 18.87 -11.77
CA VAL G 34 -10.16 17.57 -11.22
C VAL G 34 -8.82 17.10 -11.80
N LEU G 35 -7.91 16.68 -10.90
CA LEU G 35 -6.62 16.14 -11.30
C LEU G 35 -6.74 14.60 -11.27
N TYR G 36 -7.21 14.01 -12.39
CA TYR G 36 -7.42 12.57 -12.48
C TYR G 36 -6.13 11.83 -12.28
N ASN G 37 -6.15 10.84 -11.34
CA ASN G 37 -5.05 9.99 -10.86
C ASN G 37 -4.08 10.76 -9.92
N GLY G 38 -4.37 12.03 -9.64
CA GLY G 38 -3.56 12.90 -8.80
C GLY G 38 -4.11 13.22 -7.43
N ASN G 39 -5.27 12.63 -7.07
CA ASN G 39 -5.94 12.80 -5.75
C ASN G 39 -6.11 14.31 -5.35
N TRP G 40 -6.66 15.12 -6.26
CA TRP G 40 -6.91 16.55 -6.06
C TRP G 40 -8.04 17.03 -6.97
N GLN G 41 -8.88 17.90 -6.43
CA GLN G 41 -9.97 18.58 -7.11
C GLN G 41 -10.22 19.90 -6.40
N SER G 42 -10.70 20.91 -7.13
CA SER G 42 -11.06 22.22 -6.54
C SER G 42 -12.27 22.06 -5.63
N ASN G 43 -13.06 20.97 -5.84
CA ASN G 43 -14.25 20.62 -5.04
C ASN G 43 -15.34 21.69 -5.21
N THR G 44 -15.55 22.07 -6.47
CA THR G 44 -16.49 23.13 -6.87
C THR G 44 -17.49 22.61 -7.95
N ALA G 45 -17.86 21.31 -7.90
CA ALA G 45 -18.85 20.74 -8.84
C ALA G 45 -20.19 21.48 -8.74
N ASN G 46 -20.75 21.82 -9.91
CA ASN G 46 -22.03 22.51 -10.16
C ASN G 46 -22.03 23.97 -9.64
N ASN G 47 -20.85 24.64 -9.56
CA ASN G 47 -20.75 26.06 -9.14
C ASN G 47 -20.83 27.01 -10.34
N GLY G 48 -21.08 26.45 -11.52
CA GLY G 48 -21.22 27.21 -12.75
C GLY G 48 -21.13 26.38 -14.01
N ARG G 49 -21.33 27.06 -15.14
CA ARG G 49 -21.24 26.53 -16.49
C ARG G 49 -20.18 27.34 -17.20
N ASP G 50 -19.56 26.75 -18.26
CA ASP G 50 -18.55 27.41 -19.10
C ASP G 50 -17.40 28.00 -18.25
N CYS G 51 -17.01 27.28 -17.18
CA CYS G 51 -15.93 27.71 -16.27
C CYS G 51 -14.58 27.59 -16.96
N LYS G 52 -13.67 28.51 -16.60
CA LYS G 52 -12.31 28.57 -17.15
C LYS G 52 -11.30 28.75 -16.03
N LEU G 53 -10.13 28.13 -16.15
CA LEU G 53 -9.05 28.29 -15.16
C LEU G 53 -8.10 29.36 -15.67
N THR G 54 -7.85 30.37 -14.85
CA THR G 54 -6.99 31.49 -15.22
C THR G 54 -5.79 31.56 -14.28
N LEU G 55 -4.74 32.26 -14.68
CA LEU G 55 -3.54 32.43 -13.86
C LEU G 55 -3.19 33.92 -13.87
N THR G 56 -3.23 34.55 -12.70
CA THR G 56 -3.02 36.00 -12.58
C THR G 56 -1.54 36.38 -12.73
N ASP G 57 -1.29 37.70 -12.81
CA ASP G 57 0.05 38.29 -12.88
C ASP G 57 0.74 38.25 -11.51
N TYR G 58 0.08 37.66 -10.49
CA TYR G 58 0.65 37.47 -9.14
C TYR G 58 0.81 35.96 -8.81
N GLY G 59 0.54 35.12 -9.79
CA GLY G 59 0.69 33.67 -9.72
C GLY G 59 -0.47 32.94 -9.09
N GLU G 60 -1.65 33.56 -9.05
CA GLU G 60 -2.79 32.92 -8.43
C GLU G 60 -3.65 32.21 -9.44
N LEU G 61 -4.01 30.95 -9.17
CA LEU G 61 -4.89 30.19 -10.04
C LEU G 61 -6.31 30.57 -9.67
N VAL G 62 -7.12 30.97 -10.64
CA VAL G 62 -8.49 31.40 -10.33
C VAL G 62 -9.47 30.73 -11.30
N ILE G 63 -10.49 30.07 -10.77
CA ILE G 63 -11.55 29.48 -11.61
C ILE G 63 -12.66 30.53 -11.73
N LYS G 64 -13.04 30.85 -12.97
CA LYS G 64 -14.12 31.80 -13.24
C LYS G 64 -15.27 31.09 -13.92
N ASN G 65 -16.52 31.37 -13.56
CA ASN G 65 -17.62 30.70 -14.26
C ASN G 65 -18.04 31.55 -15.48
N GLY G 66 -19.10 31.13 -16.18
CA GLY G 66 -19.59 31.80 -17.38
C GLY G 66 -20.14 33.21 -17.16
N ASP G 67 -20.40 33.62 -15.90
CA ASP G 67 -20.93 34.95 -15.58
C ASP G 67 -19.83 35.91 -15.19
N GLY G 68 -18.62 35.39 -15.06
CA GLY G 68 -17.49 36.15 -14.59
C GLY G 68 -17.30 36.11 -13.08
N SER G 69 -18.05 35.27 -12.36
CA SER G 69 -17.90 35.10 -10.90
C SER G 69 -16.69 34.23 -10.54
N THR G 70 -16.04 34.57 -9.41
CA THR G 70 -14.87 33.83 -8.94
C THR G 70 -15.37 32.62 -8.15
N VAL G 71 -15.11 31.42 -8.68
CA VAL G 71 -15.54 30.16 -8.09
C VAL G 71 -14.51 29.61 -7.09
N TRP G 72 -13.22 29.66 -7.42
CA TRP G 72 -12.19 29.11 -6.56
C TRP G 72 -10.91 29.87 -6.82
N ARG G 73 -10.00 29.94 -5.82
CA ARG G 73 -8.69 30.56 -6.01
C ARG G 73 -7.66 29.91 -5.09
N SER G 74 -6.42 29.80 -5.59
CA SER G 74 -5.32 29.14 -4.89
C SER G 74 -4.77 29.97 -3.72
N ARG G 75 -5.11 31.29 -3.64
CA ARG G 75 -4.74 32.23 -2.56
C ARG G 75 -3.27 32.62 -2.50
N ALA G 76 -2.34 31.71 -2.85
CA ALA G 76 -0.92 32.05 -2.77
C ALA G 76 -0.54 33.01 -3.90
N LYS G 77 0.18 34.06 -3.54
CA LYS G 77 0.60 35.06 -4.51
C LYS G 77 2.00 35.55 -4.23
N SER G 78 2.65 36.07 -5.28
CA SER G 78 3.95 36.68 -5.17
C SER G 78 3.92 38.00 -5.95
N VAL G 79 5.09 38.52 -6.34
CA VAL G 79 5.20 39.82 -7.00
C VAL G 79 4.61 39.80 -8.42
N LYS G 80 4.29 40.97 -8.98
CA LYS G 80 3.74 41.08 -10.33
C LYS G 80 4.77 40.56 -11.34
N GLY G 81 4.31 39.71 -12.25
CA GLY G 81 5.19 39.15 -13.28
C GLY G 81 4.54 38.06 -14.10
N ASN G 82 5.41 37.29 -14.79
CA ASN G 82 5.00 36.15 -15.63
C ASN G 82 5.12 34.88 -14.84
N TYR G 83 4.02 34.13 -14.73
CA TYR G 83 3.97 32.88 -13.96
C TYR G 83 3.59 31.71 -14.86
N ALA G 84 3.85 30.47 -14.39
CA ALA G 84 3.49 29.27 -15.14
C ALA G 84 2.99 28.18 -14.20
N ALA G 85 1.80 27.64 -14.44
CA ALA G 85 1.25 26.49 -13.71
C ALA G 85 1.65 25.26 -14.51
N VAL G 86 2.47 24.37 -13.92
CA VAL G 86 2.99 23.20 -14.66
C VAL G 86 2.52 21.91 -14.05
N LEU G 87 2.10 20.96 -14.93
CA LEU G 87 1.69 19.64 -14.48
C LEU G 87 2.94 18.74 -14.44
N HIS G 88 3.49 18.61 -13.22
CA HIS G 88 4.69 17.83 -12.92
C HIS G 88 4.45 16.35 -13.24
N PRO G 89 5.46 15.62 -13.80
CA PRO G 89 5.22 14.19 -14.10
C PRO G 89 4.93 13.32 -12.86
N ASP G 90 5.20 13.81 -11.64
CA ASP G 90 4.87 12.99 -10.46
C ASP G 90 3.39 13.28 -10.02
N GLY G 91 2.69 14.04 -10.86
CA GLY G 91 1.26 14.30 -10.71
C GLY G 91 0.78 15.48 -9.90
N ARG G 92 1.67 16.40 -9.50
CA ARG G 92 1.19 17.57 -8.79
C ARG G 92 1.16 18.77 -9.74
N LEU G 93 0.20 19.68 -9.54
CA LEU G 93 0.10 20.91 -10.32
C LEU G 93 0.83 21.95 -9.52
N VAL G 94 1.83 22.57 -10.14
CA VAL G 94 2.70 23.50 -9.41
C VAL G 94 2.77 24.87 -10.09
N VAL G 95 2.59 25.96 -9.30
CA VAL G 95 2.71 27.32 -9.86
C VAL G 95 4.12 27.79 -9.57
N PHE G 96 4.83 28.18 -10.63
CA PHE G 96 6.20 28.72 -10.58
C PHE G 96 6.21 30.16 -11.06
N GLY G 97 6.96 30.98 -10.35
CA GLY G 97 7.12 32.36 -10.81
C GLY G 97 7.67 33.35 -9.80
N PRO G 98 8.01 34.55 -10.26
CA PRO G 98 7.87 35.04 -11.65
C PRO G 98 9.02 34.54 -12.53
N SER G 99 8.96 34.83 -13.86
CA SER G 99 10.06 34.48 -14.77
C SER G 99 11.32 35.23 -14.36
N VAL G 100 12.47 34.58 -14.46
CA VAL G 100 13.75 35.20 -14.06
C VAL G 100 14.70 35.26 -15.25
N PHE G 101 14.40 34.50 -16.32
CA PHE G 101 15.26 34.47 -17.51
C PHE G 101 14.48 34.09 -18.72
N LYS G 102 14.85 34.61 -19.90
CA LYS G 102 14.16 34.34 -21.14
C LYS G 102 15.14 34.30 -22.33
N ILE G 103 14.99 33.26 -23.16
CA ILE G 103 15.70 33.10 -24.42
C ILE G 103 14.68 33.47 -25.50
N ASP G 104 14.98 34.50 -26.32
CA ASP G 104 14.09 34.99 -27.36
C ASP G 104 14.66 34.65 -28.73
N PRO G 105 14.09 33.65 -29.44
CA PRO G 105 14.60 33.28 -30.76
C PRO G 105 13.98 34.12 -31.89
N TRP G 106 13.07 35.05 -31.55
CA TRP G 106 12.35 35.88 -32.51
C TRP G 106 13.08 37.22 -32.75
N VAL G 107 14.12 37.51 -31.93
CA VAL G 107 14.98 38.70 -32.03
C VAL G 107 16.46 38.24 -32.15
N PRO G 108 17.40 39.05 -32.74
CA PRO G 108 18.80 38.61 -32.82
C PRO G 108 19.51 38.58 -31.47
N ASN H 1 15.78 10.73 -9.22
CA ASN H 1 15.66 11.46 -10.48
C ASN H 1 14.19 11.68 -10.84
N ILE H 2 13.95 12.82 -11.51
CA ILE H 2 12.63 13.27 -11.96
C ILE H 2 12.39 12.71 -13.38
N PRO H 3 11.21 12.08 -13.67
CA PRO H 3 10.95 11.62 -15.05
C PRO H 3 10.99 12.78 -16.04
N PHE H 4 11.51 12.52 -17.22
CA PHE H 4 11.64 13.54 -18.26
C PHE H 4 10.32 13.84 -19.00
N THR H 5 10.09 15.11 -19.32
CA THR H 5 8.96 15.62 -20.10
C THR H 5 9.62 16.47 -21.22
N ASP H 6 9.25 16.20 -22.47
CA ASP H 6 9.89 16.78 -23.67
C ASP H 6 10.11 18.29 -23.67
N ASN H 7 9.15 19.08 -23.19
CA ASN H 7 9.23 20.55 -23.23
C ASN H 7 9.67 21.19 -21.89
N LEU H 8 10.04 20.37 -20.86
CA LEU H 8 10.41 20.91 -19.53
C LEU H 8 11.74 20.44 -19.00
N LEU H 9 12.34 21.26 -18.13
CA LEU H 9 13.55 20.93 -17.38
C LEU H 9 13.39 21.51 -15.99
N PHE H 10 13.14 20.63 -15.02
CA PHE H 10 12.97 21.08 -13.64
C PHE H 10 14.34 21.22 -13.00
N SER H 11 14.44 21.96 -11.85
CA SER H 11 15.66 22.06 -11.06
C SER H 11 16.24 20.65 -10.74
N GLY H 12 17.52 20.46 -10.98
CA GLY H 12 18.20 19.18 -10.77
C GLY H 12 18.34 18.35 -12.02
N GLN H 13 17.44 18.54 -13.01
CA GLN H 13 17.49 17.73 -14.23
C GLN H 13 18.66 18.20 -15.09
N VAL H 14 19.22 17.27 -15.88
CA VAL H 14 20.38 17.57 -16.71
C VAL H 14 20.16 17.14 -18.19
N LEU H 15 20.73 17.90 -19.11
CA LEU H 15 20.75 17.63 -20.55
C LEU H 15 22.20 17.61 -21.00
N TYR H 16 22.62 16.65 -21.84
CA TYR H 16 23.99 16.50 -22.36
C TYR H 16 23.97 15.61 -23.61
N GLY H 17 25.07 15.62 -24.36
CA GLY H 17 25.26 14.80 -25.55
C GLY H 17 24.10 14.81 -26.52
N ASP H 18 23.65 16.02 -26.91
CA ASP H 18 22.56 16.31 -27.86
C ASP H 18 21.17 16.03 -27.25
N GLY H 19 21.11 15.86 -25.93
CA GLY H 19 19.84 15.79 -25.18
C GLY H 19 19.14 17.14 -25.38
N ARG H 20 17.80 17.14 -25.52
CA ARG H 20 17.15 18.39 -25.85
C ARG H 20 15.73 18.55 -25.32
N LEU H 21 15.23 19.80 -25.31
CA LEU H 21 13.81 20.05 -25.07
C LEU H 21 13.18 20.26 -26.43
N THR H 22 11.91 19.87 -26.59
CA THR H 22 11.19 20.00 -27.85
C THR H 22 9.76 20.49 -27.60
N ALA H 23 9.27 21.37 -28.47
CA ALA H 23 7.91 21.93 -28.50
C ALA H 23 7.64 22.38 -29.93
N LYS H 24 6.68 21.71 -30.60
CA LYS H 24 6.36 21.92 -32.01
C LYS H 24 7.69 21.78 -32.82
N ASN H 25 8.05 22.78 -33.63
CA ASN H 25 9.30 22.75 -34.40
C ASN H 25 10.51 23.25 -33.57
N HIS H 26 10.28 23.82 -32.38
CA HIS H 26 11.38 24.37 -31.58
C HIS H 26 12.16 23.29 -30.82
N GLN H 27 13.49 23.45 -30.74
CA GLN H 27 14.40 22.53 -30.03
C GLN H 27 15.46 23.30 -29.29
N LEU H 28 15.67 22.99 -28.00
CA LEU H 28 16.72 23.56 -27.19
C LEU H 28 17.66 22.39 -26.92
N VAL H 29 18.79 22.34 -27.64
CA VAL H 29 19.73 21.21 -27.64
C VAL H 29 21.01 21.51 -26.92
N MET H 30 21.34 20.70 -25.88
CA MET H 30 22.65 20.80 -25.23
C MET H 30 23.59 19.89 -26.06
N GLN H 31 24.19 20.48 -27.08
CA GLN H 31 24.99 19.77 -28.08
C GLN H 31 26.30 19.19 -27.57
N GLY H 32 26.79 18.17 -28.28
CA GLY H 32 28.07 17.50 -28.01
C GLY H 32 29.29 18.39 -28.14
N ASP H 33 29.19 19.47 -28.95
CA ASP H 33 30.27 20.47 -29.16
C ASP H 33 30.26 21.58 -28.09
N CYS H 34 29.47 21.39 -26.97
CA CYS H 34 29.36 22.32 -25.83
C CYS H 34 28.51 23.59 -26.15
N ASN H 35 27.88 23.66 -27.32
CA ASN H 35 27.04 24.83 -27.63
C ASN H 35 25.57 24.54 -27.29
N LEU H 36 24.88 25.47 -26.63
CA LEU H 36 23.45 25.32 -26.31
C LEU H 36 22.71 26.12 -27.35
N VAL H 37 21.98 25.41 -28.23
CA VAL H 37 21.35 26.05 -29.39
C VAL H 37 19.83 25.83 -29.39
N LEU H 38 19.10 26.93 -29.55
CA LEU H 38 17.65 26.90 -29.69
C LEU H 38 17.37 26.99 -31.19
N TYR H 39 17.03 25.84 -31.82
CA TYR H 39 16.65 25.80 -33.23
C TYR H 39 15.14 26.05 -33.27
N GLY H 40 14.75 27.21 -33.77
CA GLY H 40 13.35 27.60 -33.81
C GLY H 40 13.20 29.11 -33.85
N GLY H 41 11.97 29.57 -33.73
CA GLY H 41 11.67 31.00 -33.79
C GLY H 41 11.96 31.50 -35.18
N LYS H 42 12.64 32.65 -35.28
CA LYS H 42 13.02 33.24 -36.57
C LYS H 42 14.56 33.20 -36.72
N TYR H 43 15.28 33.63 -35.68
CA TYR H 43 16.74 33.71 -35.68
C TYR H 43 17.37 32.54 -34.91
N GLY H 44 16.58 31.93 -34.03
CA GLY H 44 17.07 30.92 -33.12
C GLY H 44 17.92 31.62 -32.07
N TRP H 45 18.69 30.87 -31.29
CA TRP H 45 19.58 31.42 -30.28
C TRP H 45 20.69 30.45 -30.02
N GLN H 46 21.84 30.96 -29.58
CA GLN H 46 22.95 30.12 -29.19
C GLN H 46 23.68 30.74 -28.01
N SER H 47 24.25 29.88 -27.13
CA SER H 47 25.10 30.30 -26.00
C SER H 47 26.44 30.84 -26.55
N ASN H 48 26.82 30.42 -27.77
CA ASN H 48 28.04 30.80 -28.50
C ASN H 48 29.28 30.23 -27.78
N THR H 49 29.21 28.95 -27.43
CA THR H 49 30.25 28.26 -26.67
C THR H 49 30.72 26.99 -27.37
N HIS H 50 30.62 26.96 -28.72
CA HIS H 50 31.11 25.81 -29.48
C HIS H 50 32.61 25.60 -29.21
N GLY H 51 32.97 24.37 -28.86
CA GLY H 51 34.36 23.97 -28.58
C GLY H 51 34.97 24.41 -27.26
N ASN H 52 34.18 25.08 -26.39
CA ASN H 52 34.66 25.63 -25.11
C ASN H 52 34.98 24.57 -24.05
N GLY H 53 34.45 23.36 -24.21
CA GLY H 53 34.65 22.25 -23.26
C GLY H 53 34.24 20.89 -23.80
N GLU H 54 34.56 19.83 -23.07
CA GLU H 54 34.22 18.48 -23.53
C GLU H 54 33.16 17.87 -22.62
N HIS H 55 32.24 17.06 -23.22
CA HIS H 55 31.18 16.35 -22.47
C HIS H 55 30.41 17.32 -21.56
N CYS H 56 30.05 18.49 -22.10
CA CYS H 56 29.33 19.55 -21.40
C CYS H 56 27.89 19.11 -21.07
N PHE H 57 27.34 19.62 -19.99
CA PHE H 57 25.97 19.32 -19.61
C PHE H 57 25.29 20.60 -19.15
N LEU H 58 23.96 20.61 -19.25
CA LEU H 58 23.13 21.72 -18.85
C LEU H 58 22.41 21.36 -17.55
N ARG H 59 22.36 22.26 -16.57
CA ARG H 59 21.68 21.98 -15.31
C ARG H 59 21.05 23.25 -14.75
N LEU H 60 19.75 23.16 -14.38
CA LEU H 60 19.04 24.23 -13.69
C LEU H 60 19.13 23.99 -12.17
N ASN H 61 19.59 24.99 -11.39
CA ASN H 61 19.73 24.76 -9.95
C ASN H 61 18.47 25.21 -9.19
N HIS H 62 18.52 25.25 -7.86
CA HIS H 62 17.38 25.60 -7.03
C HIS H 62 17.41 27.12 -6.62
N LYS H 63 18.01 27.96 -7.49
CA LYS H 63 18.02 29.41 -7.40
C LYS H 63 17.69 30.04 -8.77
N GLY H 64 17.30 29.21 -9.73
CA GLY H 64 16.90 29.67 -11.06
C GLY H 64 18.01 30.03 -12.01
N GLU H 65 19.25 29.62 -11.69
CA GLU H 65 20.40 29.83 -12.55
C GLU H 65 20.60 28.59 -13.46
N LEU H 66 20.63 28.79 -14.78
CA LEU H 66 20.83 27.72 -15.76
C LEU H 66 22.30 27.73 -16.14
N ILE H 67 22.99 26.60 -15.99
CA ILE H 67 24.44 26.59 -16.22
C ILE H 67 24.90 25.46 -17.12
N ILE H 68 25.91 25.78 -17.95
CA ILE H 68 26.66 24.80 -18.73
C ILE H 68 27.97 24.62 -17.99
N LYS H 69 28.28 23.37 -17.67
CA LYS H 69 29.54 22.92 -17.11
C LYS H 69 30.14 21.94 -18.07
N ASP H 70 31.48 21.89 -18.13
CA ASP H 70 32.17 20.88 -18.92
C ASP H 70 32.38 19.65 -18.01
N ASP H 71 33.05 18.60 -18.50
CA ASP H 71 33.25 17.36 -17.75
C ASP H 71 33.91 17.52 -16.36
N ASP H 72 34.77 18.56 -16.21
CA ASP H 72 35.51 18.82 -14.98
C ASP H 72 34.84 19.88 -14.09
N PHE H 73 33.55 20.18 -14.35
CA PHE H 73 32.74 21.19 -13.64
C PHE H 73 33.28 22.63 -13.77
N LYS H 74 33.90 22.93 -14.90
CA LYS H 74 34.31 24.30 -15.23
C LYS H 74 33.08 24.99 -15.84
N THR H 75 32.71 26.18 -15.33
CA THR H 75 31.58 26.96 -15.86
C THR H 75 31.87 27.38 -17.28
N ILE H 76 31.00 27.02 -18.19
CA ILE H 76 31.09 27.37 -19.60
C ILE H 76 30.21 28.60 -19.89
N TRP H 77 29.00 28.61 -19.31
CA TRP H 77 28.00 29.65 -19.53
C TRP H 77 27.04 29.65 -18.37
N SER H 78 26.42 30.80 -18.12
CA SER H 78 25.41 30.90 -17.09
C SER H 78 24.36 31.89 -17.54
N SER H 79 23.09 31.58 -17.20
CA SER H 79 21.96 32.45 -17.50
C SER H 79 22.03 33.74 -16.63
N ASN H 80 22.85 33.70 -15.55
CA ASN H 80 23.10 34.75 -14.58
C ASN H 80 21.77 35.32 -14.08
N SER H 81 20.83 34.40 -13.77
CA SER H 81 19.47 34.73 -13.31
C SER H 81 19.19 34.23 -11.87
N SER H 82 20.23 34.10 -11.04
CA SER H 82 20.12 33.63 -9.64
C SER H 82 19.09 34.46 -8.85
N SER H 83 18.19 33.78 -8.12
CA SER H 83 17.07 34.41 -7.43
C SER H 83 16.85 33.76 -6.02
N LYS H 84 15.61 33.72 -5.53
CA LYS H 84 15.22 33.09 -4.25
C LYS H 84 15.46 31.57 -4.31
N GLN H 85 15.75 30.96 -3.16
CA GLN H 85 15.89 29.52 -3.08
C GLN H 85 14.51 28.86 -3.26
N GLY H 86 14.41 27.90 -4.18
CA GLY H 86 13.17 27.18 -4.41
C GLY H 86 13.22 26.26 -5.62
N ASP H 87 12.06 25.69 -5.98
CA ASP H 87 11.99 24.80 -7.16
C ASP H 87 11.70 25.63 -8.39
N TYR H 88 12.48 25.45 -9.45
CA TYR H 88 12.35 26.21 -10.70
C TYR H 88 12.09 25.29 -11.85
N VAL H 89 11.60 25.85 -12.96
CA VAL H 89 11.35 25.08 -14.16
C VAL H 89 11.76 25.90 -15.40
N LEU H 90 12.38 25.24 -16.36
CA LEU H 90 12.74 25.79 -17.65
C LEU H 90 11.72 25.24 -18.65
N ILE H 91 10.97 26.11 -19.28
CA ILE H 91 9.99 25.64 -20.25
C ILE H 91 10.34 26.11 -21.64
N LEU H 92 10.39 25.16 -22.59
CA LEU H 92 10.50 25.46 -24.00
C LEU H 92 9.05 25.59 -24.47
N ARG H 93 8.57 26.83 -24.50
CA ARG H 93 7.18 27.13 -24.77
C ARG H 93 6.75 26.87 -26.20
N GLN H 93 8.57 26.83 -24.50
CA GLN H 93 7.18 27.13 -24.77
C GLN H 93 6.75 26.87 -26.20
N ASP H 94 5.42 26.69 -26.41
CA ASP H 94 4.87 26.49 -27.74
C ASP H 94 5.12 27.70 -28.66
N ASP H 95 5.30 28.90 -28.07
CA ASP H 95 5.53 30.15 -28.81
C ASP H 95 7.04 30.41 -29.04
N GLY H 96 7.88 29.42 -28.75
CA GLY H 96 9.32 29.46 -29.03
C GLY H 96 10.22 30.01 -27.96
N PHE H 97 9.67 30.76 -27.00
CA PHE H 97 10.50 31.30 -25.93
C PHE H 97 10.92 30.20 -24.99
N ALA H 98 12.18 30.24 -24.50
CA ALA H 98 12.64 29.32 -23.47
C ALA H 98 12.73 30.15 -22.20
N VAL H 99 11.84 29.88 -21.22
CA VAL H 99 11.73 30.74 -20.02
C VAL H 99 11.91 29.94 -18.73
N ILE H 100 12.68 30.52 -17.78
CA ILE H 100 12.90 29.97 -16.43
C ILE H 100 11.88 30.64 -15.49
N TYR H 101 11.07 29.84 -14.80
CA TYR H 101 10.08 30.33 -13.81
C TYR H 101 10.40 29.79 -12.48
N GLY H 102 10.19 30.57 -11.45
CA GLY H 102 10.39 30.10 -10.09
C GLY H 102 10.57 31.23 -9.11
N PRO H 103 10.60 30.94 -7.80
CA PRO H 103 10.45 29.60 -7.21
C PRO H 103 8.99 29.12 -7.27
N ALA H 104 8.76 27.83 -6.95
CA ALA H 104 7.41 27.30 -6.86
C ALA H 104 6.73 28.01 -5.68
N ILE H 105 5.51 28.54 -5.89
CA ILE H 105 4.83 29.30 -4.83
C ILE H 105 3.57 28.61 -4.31
N TRP H 106 3.07 27.60 -5.04
CA TRP H 106 1.86 26.85 -4.72
C TRP H 106 1.93 25.48 -5.36
N GLU H 107 1.41 24.49 -4.66
CA GLU H 107 1.32 23.10 -5.14
C GLU H 107 0.02 22.46 -4.67
N THR H 108 -0.48 21.46 -5.41
CA THR H 108 -1.66 20.70 -5.02
C THR H 108 -1.36 19.90 -3.75
N SER H 109 -0.12 19.39 -3.60
CA SER H 109 0.33 18.64 -2.43
C SER H 109 1.86 18.70 -2.29
N LEU I 1 -2.56 -28.44 18.38
CA LEU I 1 -3.78 -28.01 19.03
C LEU I 1 -4.18 -26.62 18.60
N GLY I 2 -5.46 -26.31 18.74
CA GLY I 2 -6.00 -24.98 18.50
C GLY I 2 -5.55 -24.11 19.65
N THR I 3 -5.45 -22.77 19.44
CA THR I 3 -4.97 -21.91 20.52
C THR I 3 -5.99 -21.72 21.65
N ASN I 4 -7.27 -21.97 21.37
CA ASN I 4 -8.33 -21.67 22.36
C ASN I 4 -9.40 -22.77 22.47
N TYR I 5 -9.13 -23.97 21.95
CA TYR I 5 -10.11 -25.05 22.09
C TYR I 5 -9.43 -26.41 22.13
N LEU I 6 -10.12 -27.38 22.71
CA LEU I 6 -9.63 -28.75 22.74
C LEU I 6 -10.74 -29.62 22.23
N LEU I 7 -10.44 -30.48 21.24
CA LEU I 7 -11.38 -31.43 20.65
C LEU I 7 -11.29 -32.79 21.31
N SER I 8 -12.38 -33.55 21.32
CA SER I 8 -12.37 -34.90 21.90
C SER I 8 -11.39 -35.75 21.08
N GLY I 9 -10.49 -36.44 21.76
CA GLY I 9 -9.46 -37.23 21.12
C GLY I 9 -8.11 -36.52 21.14
N GLN I 10 -8.09 -35.23 21.49
CA GLN I 10 -6.85 -34.45 21.60
C GLN I 10 -6.42 -34.34 23.07
N THR I 11 -5.17 -33.91 23.30
CA THR I 11 -4.62 -33.78 24.64
C THR I 11 -3.94 -32.45 24.82
N LEU I 12 -4.26 -31.76 25.94
CA LEU I 12 -3.56 -30.58 26.38
C LEU I 12 -2.46 -31.10 27.29
N ASN I 13 -1.25 -31.11 26.77
CA ASN I 13 -0.11 -31.71 27.43
C ASN I 13 0.38 -30.87 28.62
N THR I 14 1.25 -31.47 29.46
CA THR I 14 1.83 -30.75 30.61
C THR I 14 2.45 -29.43 30.17
N ASP I 15 2.14 -28.36 30.92
CA ASP I 15 2.62 -26.98 30.70
C ASP I 15 2.01 -26.36 29.41
N GLY I 16 0.99 -26.99 28.84
CA GLY I 16 0.30 -26.46 27.68
C GLY I 16 -0.71 -25.39 28.07
N HIS I 17 -1.06 -24.51 27.11
CA HIS I 17 -2.04 -23.43 27.30
C HIS I 17 -3.16 -23.45 26.28
N LEU I 18 -4.32 -23.00 26.73
CA LEU I 18 -5.45 -22.56 25.91
C LEU I 18 -5.58 -21.09 26.31
N LYS I 19 -5.68 -20.16 25.35
CA LYS I 19 -5.70 -18.74 25.73
C LYS I 19 -6.65 -17.94 24.86
N ASN I 20 -7.35 -16.99 25.47
CA ASN I 20 -8.25 -16.08 24.79
C ASN I 20 -8.18 -14.73 25.50
N GLY I 21 -7.44 -13.80 24.91
CA GLY I 21 -7.19 -12.49 25.51
C GLY I 21 -6.43 -12.66 26.81
N ASP I 22 -6.91 -12.05 27.89
CA ASP I 22 -6.25 -12.14 29.21
C ASP I 22 -6.46 -13.50 29.92
N PHE I 23 -7.39 -14.32 29.43
CA PHE I 23 -7.70 -15.60 30.04
C PHE I 23 -6.76 -16.65 29.54
N ASP I 24 -6.00 -17.24 30.46
CA ASP I 24 -4.96 -18.23 30.14
C ASP I 24 -5.16 -19.52 30.94
N LEU I 25 -5.61 -20.60 30.26
CA LEU I 25 -5.87 -21.92 30.86
C LEU I 25 -4.59 -22.77 30.77
N VAL I 26 -3.99 -23.07 31.91
CA VAL I 26 -2.73 -23.82 31.92
C VAL I 26 -2.85 -25.19 32.60
N MET I 27 -2.42 -26.26 31.91
CA MET I 27 -2.35 -27.62 32.44
C MET I 27 -0.95 -27.68 33.03
N GLN I 28 -0.80 -27.28 34.30
CA GLN I 28 0.55 -27.11 34.86
C GLN I 28 1.30 -28.40 35.21
N ASN I 29 2.61 -28.22 35.41
CA ASN I 29 3.56 -29.25 35.82
C ASN I 29 3.19 -29.84 37.19
N ASP I 30 2.47 -29.08 38.06
CA ASP I 30 2.13 -29.56 39.40
C ASP I 30 0.78 -30.32 39.40
N CYS I 31 0.18 -30.56 38.22
CA CYS I 31 -1.09 -31.28 37.98
C CYS I 31 -2.33 -30.38 38.16
N ASN I 32 -2.15 -29.09 38.50
CA ASN I 32 -3.29 -28.21 38.65
C ASN I 32 -3.65 -27.60 37.29
N LEU I 33 -4.94 -27.59 36.94
CA LEU I 33 -5.40 -26.93 35.72
C LEU I 33 -5.97 -25.61 36.18
N VAL I 34 -5.29 -24.51 35.84
CA VAL I 34 -5.65 -23.19 36.35
C VAL I 34 -6.11 -22.29 35.21
N LEU I 35 -7.27 -21.63 35.39
CA LEU I 35 -7.77 -20.66 34.44
C LEU I 35 -7.37 -19.29 34.97
N TYR I 36 -6.16 -18.83 34.61
CA TYR I 36 -5.68 -17.54 35.06
C TYR I 36 -6.59 -16.42 34.58
N ASN I 37 -6.96 -15.53 35.53
CA ASN I 37 -7.84 -14.35 35.40
C ASN I 37 -9.33 -14.74 35.28
N GLY I 38 -9.62 -16.03 35.26
CA GLY I 38 -10.96 -16.58 35.13
C GLY I 38 -11.54 -17.16 36.40
N ASN I 39 -10.87 -16.96 37.55
CA ASN I 39 -11.28 -17.42 38.89
C ASN I 39 -11.77 -18.89 38.88
N TRP I 40 -10.92 -19.80 38.38
CA TRP I 40 -11.23 -21.22 38.34
C TRP I 40 -9.97 -22.06 38.26
N GLN I 41 -10.03 -23.21 38.91
CA GLN I 41 -8.97 -24.22 38.89
C GLN I 41 -9.59 -25.56 39.20
N SER I 42 -8.91 -26.65 38.79
CA SER I 42 -9.37 -27.98 39.11
C SER I 42 -9.03 -28.31 40.59
N ASN I 43 -8.08 -27.54 41.20
CA ASN I 43 -7.58 -27.69 42.57
C ASN I 43 -6.95 -29.09 42.77
N THR I 44 -6.12 -29.48 41.78
CA THR I 44 -5.48 -30.80 41.76
C THR I 44 -3.95 -30.67 41.80
N ALA I 45 -3.43 -29.56 42.38
CA ALA I 45 -1.97 -29.40 42.57
C ALA I 45 -1.46 -30.54 43.44
N ASN I 46 -0.26 -31.05 43.14
CA ASN I 46 0.41 -32.17 43.82
C ASN I 46 -0.41 -33.50 43.81
N ASN I 47 -1.24 -33.70 42.78
CA ASN I 47 -2.02 -34.94 42.59
C ASN I 47 -1.33 -35.83 41.56
N GLY I 48 -0.14 -35.40 41.12
CA GLY I 48 0.66 -36.15 40.18
C GLY I 48 1.63 -35.30 39.39
N ARG I 49 2.35 -35.95 38.50
CA ARG I 49 3.29 -35.32 37.60
C ARG I 49 2.96 -35.75 36.19
N ASP I 50 3.40 -34.96 35.17
CA ASP I 50 3.20 -35.21 33.73
C ASP I 50 1.71 -35.37 33.43
N CYS I 51 0.87 -34.55 34.12
CA CYS I 51 -0.58 -34.56 33.98
C CYS I 51 -0.99 -33.96 32.64
N LYS I 52 -2.07 -34.51 32.08
CA LYS I 52 -2.62 -34.16 30.77
C LYS I 52 -4.11 -34.01 30.85
N LEU I 53 -4.67 -33.09 30.06
CA LEU I 53 -6.10 -32.87 30.01
C LEU I 53 -6.64 -33.41 28.70
N THR I 54 -7.64 -34.30 28.79
CA THR I 54 -8.29 -34.93 27.65
C THR I 54 -9.79 -34.68 27.70
N LEU I 55 -10.47 -35.07 26.63
CA LEU I 55 -11.90 -34.88 26.49
C LEU I 55 -12.48 -36.11 25.84
N THR I 56 -13.37 -36.82 26.55
CA THR I 56 -13.94 -38.09 26.08
C THR I 56 -14.93 -37.89 24.94
N ASP I 57 -15.38 -38.99 24.35
CA ASP I 57 -16.36 -39.03 23.27
C ASP I 57 -17.78 -38.80 23.82
N TYR I 58 -17.91 -38.52 25.14
CA TYR I 58 -19.15 -38.23 25.83
C TYR I 58 -19.14 -36.80 26.37
N GLY I 59 -18.06 -36.06 26.12
CA GLY I 59 -17.91 -34.65 26.49
C GLY I 59 -17.39 -34.40 27.87
N GLU I 60 -16.78 -35.40 28.48
CA GLU I 60 -16.23 -35.21 29.81
C GLU I 60 -14.77 -34.78 29.72
N LEU I 61 -14.40 -33.73 30.49
CA LEU I 61 -13.02 -33.27 30.62
C LEU I 61 -12.39 -34.13 31.65
N VAL I 62 -11.15 -34.60 31.42
CA VAL I 62 -10.49 -35.54 32.32
C VAL I 62 -9.00 -35.18 32.45
N ILE I 63 -8.51 -35.07 33.71
CA ILE I 63 -7.09 -34.88 34.01
C ILE I 63 -6.55 -36.25 34.44
N LYS I 64 -5.52 -36.75 33.76
CA LYS I 64 -4.84 -38.00 34.12
C LYS I 64 -3.40 -37.70 34.42
N ASN I 65 -2.80 -38.35 35.43
CA ASN I 65 -1.39 -38.08 35.73
C ASN I 65 -0.49 -38.91 34.78
N GLY I 66 0.84 -38.77 34.92
CA GLY I 66 1.84 -39.47 34.12
C GLY I 66 1.66 -40.97 34.07
N ASP I 67 1.30 -41.58 35.22
CA ASP I 67 1.07 -43.02 35.39
C ASP I 67 -0.40 -43.41 35.00
N GLY I 68 -1.06 -42.54 34.22
CA GLY I 68 -2.40 -42.73 33.68
C GLY I 68 -3.59 -42.80 34.62
N SER I 69 -3.46 -42.34 35.87
CA SER I 69 -4.58 -42.35 36.81
C SER I 69 -5.46 -41.09 36.67
N THR I 70 -6.80 -41.25 36.78
CA THR I 70 -7.73 -40.11 36.71
C THR I 70 -7.68 -39.36 38.05
N VAL I 71 -7.27 -38.07 38.03
CA VAL I 71 -7.19 -37.25 39.25
C VAL I 71 -8.37 -36.29 39.35
N TRP I 72 -9.00 -35.96 38.18
CA TRP I 72 -10.13 -35.02 38.02
C TRP I 72 -10.95 -35.34 36.78
N ARG I 73 -12.27 -35.11 36.86
CA ARG I 73 -13.19 -35.26 35.72
C ARG I 73 -14.37 -34.30 35.92
N SER I 74 -14.87 -33.70 34.82
CA SER I 74 -15.97 -32.73 34.83
C SER I 74 -17.34 -33.37 35.17
N ARG I 75 -17.43 -34.71 35.12
CA ARG I 75 -18.64 -35.52 35.46
C ARG I 75 -19.79 -35.38 34.46
N ALA I 76 -20.04 -34.17 33.91
CA ALA I 76 -21.13 -33.96 32.95
C ALA I 76 -20.81 -34.70 31.64
N LYS I 77 -21.79 -35.45 31.16
CA LYS I 77 -21.66 -36.28 29.96
C LYS I 77 -22.91 -36.20 29.13
N SER I 78 -22.77 -36.42 27.83
CA SER I 78 -23.91 -36.43 26.94
C SER I 78 -23.79 -37.65 25.99
N VAL I 79 -24.40 -37.60 24.80
CA VAL I 79 -24.39 -38.71 23.84
C VAL I 79 -23.00 -38.88 23.19
N LYS I 80 -22.69 -40.10 22.73
CA LYS I 80 -21.42 -40.36 22.06
C LYS I 80 -21.31 -39.50 20.81
N GLY I 81 -20.20 -38.78 20.69
CA GLY I 81 -19.96 -37.94 19.53
C GLY I 81 -18.67 -37.16 19.63
N ASN I 82 -18.59 -36.07 18.84
CA ASN I 82 -17.43 -35.18 18.80
C ASN I 82 -17.74 -33.97 19.64
N TYR I 83 -16.81 -33.66 20.56
CA TYR I 83 -16.96 -32.56 21.51
C TYR I 83 -15.84 -31.58 21.39
N ALA I 84 -16.08 -30.36 21.90
CA ALA I 84 -15.08 -29.30 21.94
C ALA I 84 -15.20 -28.53 23.22
N ALA I 85 -14.08 -28.38 23.93
CA ALA I 85 -13.88 -27.53 25.11
C ALA I 85 -13.34 -26.21 24.60
N VAL I 86 -14.07 -25.10 24.82
CA VAL I 86 -13.73 -23.81 24.26
C VAL I 86 -13.49 -22.77 25.34
N LEU I 87 -12.40 -21.99 25.19
CA LEU I 87 -12.13 -20.88 26.09
C LEU I 87 -12.84 -19.64 25.54
N HIS I 88 -14.04 -19.37 26.08
CA HIS I 88 -14.90 -18.24 25.72
C HIS I 88 -14.19 -16.90 26.05
N PRO I 89 -14.33 -15.83 25.23
CA PRO I 89 -13.67 -14.55 25.53
C PRO I 89 -14.09 -13.89 26.85
N ASP I 90 -15.23 -14.27 27.44
CA ASP I 90 -15.63 -13.69 28.72
C ASP I 90 -14.92 -14.41 29.90
N GLY I 91 -14.07 -15.39 29.58
CA GLY I 91 -13.24 -16.08 30.56
C GLY I 91 -13.78 -17.35 31.19
N ARG I 92 -14.61 -18.07 30.45
CA ARG I 92 -15.16 -19.35 30.92
C ARG I 92 -14.66 -20.44 29.98
N LEU I 93 -14.47 -21.66 30.50
CA LEU I 93 -14.14 -22.81 29.65
C LEU I 93 -15.43 -23.58 29.52
N VAL I 94 -15.91 -23.80 28.27
CA VAL I 94 -17.21 -24.47 28.08
C VAL I 94 -17.07 -25.69 27.17
N VAL I 95 -17.70 -26.79 27.58
CA VAL I 95 -17.74 -28.00 26.76
C VAL I 95 -19.03 -27.95 25.93
N PHE I 96 -18.87 -28.05 24.60
CA PHE I 96 -19.97 -28.03 23.64
C PHE I 96 -20.01 -29.33 22.93
N GLY I 97 -21.19 -29.89 22.73
CA GLY I 97 -21.28 -31.13 21.98
C GLY I 97 -22.57 -31.90 22.15
N PRO I 98 -22.82 -32.88 21.23
CA PRO I 98 -21.96 -33.30 20.11
C PRO I 98 -21.97 -32.32 18.93
N SER I 99 -21.12 -32.58 17.92
CA SER I 99 -21.11 -31.78 16.70
C SER I 99 -22.41 -32.08 15.91
N VAL I 100 -23.05 -31.06 15.33
CA VAL I 100 -24.32 -31.24 14.59
C VAL I 100 -24.16 -30.92 13.11
N PHE I 101 -23.00 -30.34 12.72
CA PHE I 101 -22.81 -29.88 11.35
C PHE I 101 -21.36 -29.66 11.09
N LYS I 102 -20.93 -29.87 9.83
CA LYS I 102 -19.54 -29.64 9.45
C LYS I 102 -19.44 -29.06 8.03
N ILE I 103 -18.50 -28.14 7.83
CA ILE I 103 -18.18 -27.64 6.49
C ILE I 103 -16.86 -28.32 6.15
N ASP I 104 -16.84 -29.13 5.06
CA ASP I 104 -15.68 -29.90 4.64
C ASP I 104 -15.03 -29.34 3.35
N PRO I 105 -13.91 -28.61 3.49
CA PRO I 105 -13.21 -28.08 2.31
C PRO I 105 -12.22 -29.09 1.70
N TRP I 106 -12.17 -30.33 2.23
CA TRP I 106 -11.24 -31.38 1.79
C TRP I 106 -11.82 -32.33 0.74
N VAL I 107 -13.12 -32.24 0.48
CA VAL I 107 -13.86 -33.09 -0.48
C VAL I 107 -14.53 -32.16 -1.54
N PRO I 108 -14.52 -32.51 -2.85
CA PRO I 108 -15.16 -31.61 -3.84
C PRO I 108 -16.67 -31.79 -3.94
N ASN J 1 -23.70 -8.01 23.75
CA ASN J 1 -22.92 -8.60 22.66
C ASN J 1 -21.70 -9.33 23.19
N ILE J 2 -21.30 -10.41 22.50
CA ILE J 2 -20.14 -11.24 22.88
C ILE J 2 -18.89 -10.71 22.16
N PRO J 3 -17.72 -10.56 22.85
CA PRO J 3 -16.48 -10.14 22.14
C PRO J 3 -16.12 -11.16 21.07
N PHE J 4 -15.51 -10.71 19.97
CA PHE J 4 -15.19 -11.58 18.85
C PHE J 4 -13.86 -12.29 19.06
N THR J 5 -13.79 -13.53 18.55
CA THR J 5 -12.59 -14.36 18.50
C THR J 5 -12.49 -14.83 17.05
N ASP J 6 -11.32 -14.63 16.43
CA ASP J 6 -11.06 -14.89 15.01
C ASP J 6 -11.51 -16.24 14.50
N ASN J 7 -11.43 -17.33 15.31
CA ASN J 7 -11.78 -18.64 14.78
C ASN J 7 -13.13 -19.16 15.32
N LEU J 8 -13.90 -18.32 16.02
CA LEU J 8 -15.14 -18.77 16.67
C LEU J 8 -16.33 -17.91 16.35
N LEU J 9 -17.52 -18.52 16.36
CA LEU J 9 -18.81 -17.87 16.25
C LEU J 9 -19.78 -18.55 17.19
N PHE J 10 -20.13 -17.84 18.29
CA PHE J 10 -21.03 -18.33 19.33
C PHE J 10 -22.45 -18.01 18.95
N SER J 11 -23.40 -18.77 19.51
CA SER J 11 -24.83 -18.53 19.29
C SER J 11 -25.15 -17.04 19.52
N GLY J 12 -25.87 -16.43 18.57
CA GLY J 12 -26.27 -15.03 18.62
C GLY J 12 -25.28 -14.08 17.95
N GLN J 13 -24.02 -14.53 17.67
CA GLN J 13 -23.08 -13.62 17.00
C GLN J 13 -23.42 -13.57 15.54
N VAL J 14 -23.05 -12.48 14.86
CA VAL J 14 -23.42 -12.34 13.44
C VAL J 14 -22.19 -11.90 12.64
N LEU J 15 -22.13 -12.34 11.37
CA LEU J 15 -21.10 -12.03 10.38
C LEU J 15 -21.77 -11.50 9.13
N TYR J 16 -21.19 -10.45 8.56
CA TYR J 16 -21.74 -9.86 7.33
C TYR J 16 -20.71 -8.98 6.70
N GLY J 17 -20.96 -8.59 5.45
CA GLY J 17 -20.14 -7.67 4.67
C GLY J 17 -18.66 -7.98 4.71
N ASP J 18 -18.32 -9.23 4.36
CA ASP J 18 -16.95 -9.76 4.31
C ASP J 18 -16.37 -10.04 5.71
N GLY J 19 -17.19 -10.00 6.76
CA GLY J 19 -16.78 -10.45 8.08
C GLY J 19 -16.45 -11.93 7.98
N ARG J 20 -15.40 -12.40 8.70
CA ARG J 20 -14.98 -13.79 8.56
C ARG J 20 -14.38 -14.41 9.81
N LEU J 21 -14.30 -15.76 9.76
CA LEU J 21 -13.53 -16.56 10.72
C LEU J 21 -12.22 -16.85 10.05
N THR J 22 -11.11 -16.89 10.80
CA THR J 22 -9.78 -17.23 10.25
C THR J 22 -9.08 -18.23 11.17
N ALA J 23 -8.32 -19.16 10.56
CA ALA J 23 -7.49 -20.16 11.26
C ALA J 23 -6.41 -20.61 10.29
N LYS J 24 -5.13 -20.29 10.57
CA LYS J 24 -4.02 -20.62 9.66
C LYS J 24 -4.33 -20.02 8.27
N ASN J 25 -4.33 -20.83 7.21
CA ASN J 25 -4.62 -20.37 5.84
C ASN J 25 -6.13 -20.37 5.56
N HIS J 26 -6.94 -20.98 6.46
CA HIS J 26 -8.39 -21.10 6.23
C HIS J 26 -9.15 -19.86 6.62
N GLN J 27 -10.15 -19.51 5.81
CA GLN J 27 -11.06 -18.39 6.05
C GLN J 27 -12.46 -18.78 5.67
N LEU J 28 -13.41 -18.44 6.52
CA LEU J 28 -14.83 -18.69 6.27
C LEU J 28 -15.48 -17.31 6.26
N VAL J 29 -15.82 -16.80 5.06
CA VAL J 29 -16.27 -15.42 4.84
C VAL J 29 -17.75 -15.31 4.51
N MET J 30 -18.50 -14.45 5.24
CA MET J 30 -19.88 -14.11 4.88
C MET J 30 -19.76 -12.89 3.96
N GLN J 31 -19.59 -13.14 2.65
CA GLN J 31 -19.30 -12.11 1.64
C GLN J 31 -20.45 -11.16 1.38
N GLY J 32 -20.09 -9.97 0.87
CA GLY J 32 -21.03 -8.91 0.50
C GLY J 32 -21.99 -9.32 -0.60
N ASP J 33 -21.60 -10.33 -1.43
CA ASP J 33 -22.39 -10.85 -2.54
C ASP J 33 -23.39 -11.97 -2.08
N CYS J 34 -23.53 -12.18 -0.75
CA CYS J 34 -24.43 -13.17 -0.10
C CYS J 34 -23.92 -14.63 -0.23
N ASN J 35 -22.65 -14.81 -0.62
CA ASN J 35 -22.09 -16.16 -0.68
C ASN J 35 -21.26 -16.44 0.56
N LEU J 36 -21.53 -17.56 1.24
CA LEU J 36 -20.74 -17.97 2.40
C LEU J 36 -19.63 -18.87 1.86
N VAL J 37 -18.34 -18.39 1.92
CA VAL J 37 -17.24 -19.14 1.29
C VAL J 37 -16.14 -19.51 2.27
N LEU J 38 -15.75 -20.78 2.21
CA LEU J 38 -14.61 -21.31 2.96
C LEU J 38 -13.45 -21.43 1.99
N TYR J 39 -12.50 -20.48 2.09
CA TYR J 39 -11.25 -20.47 1.32
C TYR J 39 -10.24 -21.20 2.18
N GLY J 40 -10.01 -22.45 1.86
CA GLY J 40 -9.09 -23.28 2.63
C GLY J 40 -9.22 -24.73 2.23
N GLY J 41 -8.62 -25.61 3.02
CA GLY J 41 -8.61 -27.04 2.71
C GLY J 41 -7.94 -27.28 1.37
N LYS J 42 -8.53 -28.14 0.54
CA LYS J 42 -7.98 -28.47 -0.78
C LYS J 42 -8.90 -27.92 -1.88
N TYR J 43 -10.21 -28.01 -1.68
CA TYR J 43 -11.20 -27.56 -2.66
C TYR J 43 -11.94 -26.33 -2.19
N GLY J 44 -11.88 -26.05 -0.89
CA GLY J 44 -12.63 -24.96 -0.30
C GLY J 44 -14.09 -25.40 -0.25
N TRP J 45 -15.02 -24.45 -0.03
CA TRP J 45 -16.46 -24.71 0.01
C TRP J 45 -17.22 -23.40 -0.19
N GLN J 46 -18.45 -23.49 -0.68
CA GLN J 46 -19.32 -22.32 -0.82
C GLN J 46 -20.76 -22.73 -0.54
N SER J 47 -21.60 -21.78 -0.05
CA SER J 47 -23.01 -22.06 0.14
C SER J 47 -23.71 -22.00 -1.23
N ASN J 48 -23.02 -21.43 -2.27
CA ASN J 48 -23.52 -21.28 -3.64
C ASN J 48 -24.79 -20.39 -3.64
N THR J 49 -24.69 -19.25 -2.95
CA THR J 49 -25.81 -18.33 -2.80
C THR J 49 -25.44 -16.93 -3.31
N HIS J 50 -24.37 -16.83 -4.13
CA HIS J 50 -23.95 -15.57 -4.75
C HIS J 50 -25.15 -14.86 -5.40
N GLY J 51 -25.33 -13.59 -5.04
CA GLY J 51 -26.38 -12.74 -5.58
C GLY J 51 -27.81 -13.08 -5.23
N ASN J 52 -28.03 -13.98 -4.25
CA ASN J 52 -29.40 -14.37 -3.86
C ASN J 52 -30.05 -13.36 -2.89
N GLY J 53 -29.28 -12.43 -2.35
CA GLY J 53 -29.81 -11.43 -1.43
C GLY J 53 -28.97 -10.19 -1.25
N GLU J 54 -29.55 -9.19 -0.60
CA GLU J 54 -28.88 -7.91 -0.34
C GLU J 54 -28.62 -7.81 1.14
N HIS J 55 -27.42 -7.35 1.53
CA HIS J 55 -26.99 -7.11 2.90
C HIS J 55 -27.26 -8.35 3.78
N CYS J 56 -26.82 -9.50 3.29
CA CYS J 56 -26.98 -10.80 3.92
C CYS J 56 -26.10 -10.90 5.15
N PHE J 57 -26.61 -11.60 6.19
CA PHE J 57 -25.80 -11.80 7.39
C PHE J 57 -25.92 -13.26 7.83
N LEU J 58 -24.91 -13.73 8.57
CA LEU J 58 -24.80 -15.09 9.10
C LEU J 58 -25.01 -15.08 10.60
N ARG J 59 -25.87 -15.98 11.11
CA ARG J 59 -26.15 -16.10 12.54
C ARG J 59 -26.39 -17.57 12.92
N LEU J 60 -25.77 -17.98 14.02
CA LEU J 60 -25.95 -19.29 14.63
C LEU J 60 -26.96 -19.10 15.74
N ASN J 61 -28.06 -19.86 15.74
CA ASN J 61 -29.07 -19.67 16.77
C ASN J 61 -28.77 -20.56 18.00
N HIS J 62 -29.72 -20.66 18.94
CA HIS J 62 -29.60 -21.43 20.18
C HIS J 62 -30.22 -22.84 20.05
N LYS J 63 -30.23 -23.37 18.81
CA LYS J 63 -30.61 -24.75 18.46
C LYS J 63 -29.53 -25.38 17.54
N GLY J 64 -28.45 -24.64 17.30
CA GLY J 64 -27.34 -25.11 16.46
C GLY J 64 -27.55 -25.03 14.96
N GLU J 65 -28.51 -24.20 14.52
CA GLU J 65 -28.76 -23.98 13.10
C GLU J 65 -28.06 -22.70 12.68
N LEU J 66 -27.30 -22.79 11.59
CA LEU J 66 -26.57 -21.66 11.03
C LEU J 66 -27.32 -21.20 9.80
N ILE J 67 -27.75 -19.94 9.81
CA ILE J 67 -28.59 -19.39 8.74
C ILE J 67 -28.02 -18.14 8.12
N ILE J 68 -28.18 -18.04 6.79
CA ILE J 68 -27.90 -16.83 6.04
C ILE J 68 -29.25 -16.18 5.80
N LYS J 69 -29.37 -14.93 6.26
CA LYS J 69 -30.59 -14.13 6.09
C LYS J 69 -30.29 -12.92 5.23
N ASP J 70 -31.22 -12.48 4.39
CA ASP J 70 -31.01 -11.22 3.69
C ASP J 70 -31.52 -10.10 4.60
N ASP J 71 -31.46 -8.84 4.14
CA ASP J 71 -31.82 -7.66 4.91
C ASP J 71 -33.25 -7.69 5.45
N ASP J 72 -34.16 -8.38 4.76
CA ASP J 72 -35.57 -8.50 5.16
C ASP J 72 -35.86 -9.80 5.88
N PHE J 73 -34.82 -10.46 6.44
CA PHE J 73 -34.91 -11.73 7.18
C PHE J 73 -35.51 -12.90 6.34
N LYS J 74 -35.25 -12.89 5.03
CA LYS J 74 -35.61 -14.01 4.16
C LYS J 74 -34.45 -14.99 4.23
N THR J 75 -34.76 -16.28 4.42
CA THR J 75 -33.74 -17.33 4.53
C THR J 75 -33.13 -17.56 3.15
N ILE J 76 -31.79 -17.44 3.07
CA ILE J 76 -31.02 -17.64 1.85
C ILE J 76 -30.42 -19.03 1.89
N TRP J 77 -29.96 -19.43 3.08
CA TRP J 77 -29.30 -20.72 3.26
C TRP J 77 -29.42 -21.14 4.71
N SER J 78 -29.44 -22.45 4.91
CA SER J 78 -29.46 -23.01 6.26
C SER J 78 -28.57 -24.23 6.33
N SER J 79 -27.95 -24.46 7.50
CA SER J 79 -27.12 -25.63 7.77
C SER J 79 -28.02 -26.87 7.88
N ASN J 80 -29.35 -26.64 8.19
CA ASN J 80 -30.37 -27.69 8.33
C ASN J 80 -29.93 -28.68 9.46
N SER J 81 -29.31 -28.12 10.50
CA SER J 81 -28.75 -28.86 11.63
C SER J 81 -29.42 -28.49 12.96
N SER J 82 -30.70 -28.07 12.93
CA SER J 82 -31.45 -27.72 14.15
C SER J 82 -31.47 -28.90 15.14
N SER J 83 -31.07 -28.65 16.39
CA SER J 83 -30.95 -29.63 17.46
C SER J 83 -31.54 -29.09 18.80
N LYS J 84 -31.10 -29.66 19.93
CA LYS J 84 -31.50 -29.34 21.31
C LYS J 84 -31.27 -27.86 21.64
N GLN J 85 -32.19 -27.23 22.38
CA GLN J 85 -32.04 -25.84 22.80
C GLN J 85 -30.84 -25.68 23.75
N GLY J 86 -30.04 -24.65 23.53
CA GLY J 86 -28.87 -24.37 24.36
C GLY J 86 -27.88 -23.43 23.71
N ASP J 87 -26.64 -23.40 24.19
CA ASP J 87 -25.60 -22.54 23.62
C ASP J 87 -24.72 -23.33 22.66
N TYR J 88 -24.44 -22.78 21.47
CA TYR J 88 -23.65 -23.51 20.46
C TYR J 88 -22.49 -22.66 20.02
N VAL J 89 -21.51 -23.28 19.35
CA VAL J 89 -20.36 -22.58 18.84
C VAL J 89 -19.99 -23.21 17.49
N LEU J 90 -19.67 -22.36 16.52
CA LEU J 90 -19.13 -22.73 15.21
C LEU J 90 -17.63 -22.51 15.29
N ILE J 91 -16.83 -23.55 15.06
CA ILE J 91 -15.40 -23.43 15.12
C ILE J 91 -14.79 -23.64 13.75
N LEU J 92 -13.97 -22.68 13.31
CA LEU J 92 -13.16 -22.84 12.10
C LEU J 92 -11.88 -23.41 12.62
N ARG J 93 -11.82 -24.75 12.64
CA ARG J 93 -10.70 -25.52 13.20
C ARG J 93 -9.40 -25.35 12.44
N GLN J 93 -11.82 -24.75 12.64
CA GLN J 93 -10.70 -25.52 13.20
N ASP J 94 -8.27 -25.55 13.13
CA ASP J 94 -6.94 -25.49 12.48
C ASP J 94 -6.79 -26.52 11.33
N ASP J 95 -7.60 -27.60 11.36
CA ASP J 95 -7.53 -28.64 10.33
C ASP J 95 -8.50 -28.37 9.15
N GLY J 96 -9.02 -27.15 9.06
CA GLY J 96 -9.86 -26.70 7.96
C GLY J 96 -11.35 -26.94 8.03
N PHE J 97 -11.81 -27.88 8.85
CA PHE J 97 -13.26 -28.08 8.98
C PHE J 97 -13.90 -26.93 9.75
N ALA J 98 -15.12 -26.53 9.37
CA ALA J 98 -15.90 -25.55 10.15
C ALA J 98 -16.99 -26.40 10.80
N VAL J 99 -16.99 -26.52 12.13
CA VAL J 99 -17.88 -27.45 12.81
C VAL J 99 -18.74 -26.74 13.85
N ILE J 100 -20.03 -27.09 13.90
CA ILE J 100 -20.95 -26.58 14.91
C ILE J 100 -21.03 -27.61 16.01
N TYR J 101 -20.74 -27.18 17.24
CA TYR J 101 -20.79 -27.99 18.47
C TYR J 101 -21.83 -27.47 19.41
N GLY J 102 -22.56 -28.36 20.04
CA GLY J 102 -23.52 -27.95 21.04
C GLY J 102 -24.62 -28.96 21.30
N PRO J 103 -25.45 -28.69 22.32
CA PRO J 103 -25.39 -27.50 23.20
C PRO J 103 -24.26 -27.59 24.23
N ALA J 104 -24.02 -26.47 24.96
CA ALA J 104 -23.06 -26.44 26.07
C ALA J 104 -23.55 -27.41 27.16
N ILE J 105 -22.68 -28.31 27.66
CA ILE J 105 -23.07 -29.30 28.67
C ILE J 105 -22.37 -29.05 30.02
N TRP J 106 -21.32 -28.23 30.04
CA TRP J 106 -20.53 -27.95 31.23
C TRP J 106 -19.78 -26.65 31.02
N GLU J 107 -19.58 -25.91 32.10
CA GLU J 107 -18.87 -24.64 32.08
C GLU J 107 -18.18 -24.44 33.42
N THR J 108 -17.06 -23.70 33.43
CA THR J 108 -16.34 -23.37 34.66
C THR J 108 -17.15 -22.42 35.55
N SER J 109 -17.81 -21.42 34.95
CA SER J 109 -18.62 -20.45 35.71
C SER J 109 -20.04 -20.36 35.17
N LEU K 1 -22.43 19.98 21.57
CA LEU K 1 -22.51 19.12 20.39
C LEU K 1 -22.10 17.69 20.71
N GLY K 2 -22.56 16.74 19.90
CA GLY K 2 -22.11 15.34 19.98
C GLY K 2 -20.65 15.28 19.56
N THR K 3 -19.93 14.23 19.97
CA THR K 3 -18.50 14.19 19.64
C THR K 3 -18.24 13.67 18.23
N ASN K 4 -19.22 12.97 17.62
CA ASN K 4 -19.03 12.34 16.28
C ASN K 4 -20.20 12.57 15.34
N TYR K 5 -21.11 13.50 15.63
CA TYR K 5 -22.21 13.76 14.70
C TYR K 5 -22.61 15.25 14.78
N LEU K 6 -23.32 15.74 13.74
CA LEU K 6 -23.79 17.11 13.68
C LEU K 6 -25.19 17.06 13.16
N LEU K 7 -26.12 17.68 13.88
CA LEU K 7 -27.51 17.64 13.46
C LEU K 7 -27.92 18.92 12.75
N SER K 8 -29.03 18.85 12.00
CA SER K 8 -29.65 20.00 11.32
C SER K 8 -29.88 21.12 12.34
N GLY K 9 -29.44 22.32 12.01
CA GLY K 9 -29.61 23.47 12.88
C GLY K 9 -28.47 23.68 13.85
N GLN K 10 -27.57 22.69 13.95
CA GLN K 10 -26.39 22.79 14.83
C GLN K 10 -25.20 23.34 14.08
N THR K 11 -24.24 23.90 14.82
CA THR K 11 -23.05 24.50 14.24
C THR K 11 -21.80 23.96 14.90
N LEU K 12 -20.88 23.44 14.08
CA LEU K 12 -19.53 23.06 14.48
C LEU K 12 -18.69 24.33 14.34
N ASN K 13 -18.33 24.93 15.48
CA ASN K 13 -17.60 26.19 15.51
C ASN K 13 -16.15 26.10 15.01
N THR K 14 -15.48 27.25 14.87
CA THR K 14 -14.06 27.31 14.44
C THR K 14 -13.20 26.47 15.40
N ASP K 15 -12.27 25.66 14.84
CA ASP K 15 -11.35 24.78 15.54
C ASP K 15 -12.07 23.61 16.25
N GLY K 16 -13.36 23.41 15.93
CA GLY K 16 -14.15 22.32 16.48
C GLY K 16 -13.90 21.02 15.73
N HIS K 17 -14.08 19.89 16.45
CA HIS K 17 -13.86 18.53 15.94
C HIS K 17 -15.07 17.62 15.97
N LEU K 18 -15.13 16.69 15.00
CA LEU K 18 -15.96 15.50 15.00
C LEU K 18 -14.94 14.39 14.92
N LYS K 19 -14.99 13.38 15.80
CA LYS K 19 -13.94 12.36 15.85
C LYS K 19 -14.51 10.97 16.09
N ASN K 20 -13.93 9.99 15.38
CA ASN K 20 -14.28 8.59 15.55
C ASN K 20 -13.01 7.79 15.33
N GLY K 21 -12.38 7.38 16.43
CA GLY K 21 -11.10 6.68 16.39
C GLY K 21 -10.00 7.62 15.89
N ASP K 22 -9.21 7.16 14.90
CA ASP K 22 -8.13 7.95 14.30
C ASP K 22 -8.64 9.02 13.31
N PHE K 23 -9.93 8.96 12.94
CA PHE K 23 -10.50 9.89 11.96
C PHE K 23 -11.00 11.13 12.66
N ASP K 24 -10.41 12.26 12.31
CA ASP K 24 -10.66 13.55 12.98
C ASP K 24 -11.05 14.64 11.99
N LEU K 25 -12.33 15.02 11.98
CA LEU K 25 -12.86 16.09 11.12
C LEU K 25 -12.72 17.42 11.84
N VAL K 26 -11.93 18.34 11.26
CA VAL K 26 -11.66 19.63 11.91
C VAL K 26 -12.16 20.77 11.04
N MET K 27 -12.97 21.66 11.63
CA MET K 27 -13.41 22.90 10.98
C MET K 27 -12.34 23.90 11.37
N GLN K 28 -11.25 23.95 10.61
CA GLN K 28 -10.06 24.73 10.95
C GLN K 28 -10.20 26.28 10.91
N ASN K 29 -9.29 26.92 11.68
CA ASN K 29 -9.14 28.37 11.77
C ASN K 29 -8.79 28.98 10.36
N ASP K 30 -8.23 28.19 9.41
CA ASP K 30 -7.92 28.71 8.05
C ASP K 30 -9.11 28.54 7.08
N CYS K 31 -10.31 28.17 7.62
CA CYS K 31 -11.57 27.92 6.89
C CYS K 31 -11.58 26.58 6.14
N ASN K 32 -10.53 25.79 6.24
CA ASN K 32 -10.49 24.49 5.57
C ASN K 32 -11.11 23.43 6.45
N LEU K 33 -12.05 22.64 5.90
CA LEU K 33 -12.67 21.54 6.65
C LEU K 33 -11.92 20.31 6.24
N VAL K 34 -11.17 19.69 7.18
CA VAL K 34 -10.26 18.59 6.86
C VAL K 34 -10.62 17.33 7.64
N LEU K 35 -10.73 16.21 6.94
CA LEU K 35 -10.98 14.93 7.58
C LEU K 35 -9.63 14.21 7.73
N TYR K 36 -8.94 14.40 8.88
CA TYR K 36 -7.62 13.81 9.06
C TYR K 36 -7.67 12.27 9.07
N ASN K 37 -6.81 11.63 8.25
CA ASN K 37 -6.69 10.18 8.02
C ASN K 37 -7.82 9.64 7.10
N GLY K 38 -8.74 10.52 6.71
CA GLY K 38 -9.87 10.21 5.82
C GLY K 38 -9.75 10.67 4.38
N ASN K 39 -8.58 11.25 4.01
CA ASN K 39 -8.26 11.71 2.65
C ASN K 39 -9.41 12.57 2.03
N TRP K 40 -9.86 13.58 2.77
CA TRP K 40 -10.91 14.46 2.27
C TRP K 40 -10.74 15.83 2.87
N GLN K 41 -11.03 16.86 2.08
CA GLN K 41 -11.04 18.23 2.51
C GLN K 41 -11.99 19.01 1.66
N SER K 42 -12.56 20.12 2.22
CA SER K 42 -13.42 21.00 1.44
C SER K 42 -12.58 21.75 0.40
N ASN K 43 -11.27 21.95 0.68
CA ASN K 43 -10.28 22.65 -0.13
C ASN K 43 -10.63 24.16 -0.19
N THR K 44 -10.91 24.70 1.00
CA THR K 44 -11.30 26.08 1.19
C THR K 44 -10.35 26.81 2.17
N ALA K 45 -9.08 26.38 2.24
CA ALA K 45 -8.07 27.05 3.06
C ALA K 45 -7.95 28.52 2.63
N ASN K 46 -7.91 29.44 3.63
CA ASN K 46 -7.76 30.88 3.49
C ASN K 46 -8.95 31.55 2.75
N ASN K 47 -10.14 30.89 2.72
CA ASN K 47 -11.35 31.42 2.08
C ASN K 47 -12.16 32.29 3.05
N GLY K 48 -11.72 32.36 4.29
CA GLY K 48 -12.40 33.15 5.32
C GLY K 48 -11.76 33.04 6.68
N ARG K 49 -12.38 33.72 7.63
CA ARG K 49 -11.98 33.78 9.04
C ARG K 49 -13.16 33.38 9.88
N ASP K 50 -12.90 32.75 11.04
CA ASP K 50 -13.93 32.31 12.00
C ASP K 50 -15.05 31.49 11.31
N CYS K 51 -14.65 30.60 10.38
CA CYS K 51 -15.59 29.75 9.65
C CYS K 51 -16.18 28.69 10.57
N LYS K 52 -17.39 28.24 10.19
CA LYS K 52 -18.16 27.28 10.98
C LYS K 52 -18.89 26.38 10.04
N LEU K 53 -19.20 25.16 10.49
CA LEU K 53 -19.92 24.15 9.72
C LEU K 53 -21.33 23.97 10.25
N THR K 54 -22.29 23.88 9.36
CA THR K 54 -23.71 23.73 9.69
C THR K 54 -24.34 22.71 8.75
N LEU K 55 -25.53 22.26 9.09
CA LEU K 55 -26.29 21.31 8.30
C LEU K 55 -27.71 21.86 8.19
N THR K 56 -28.23 21.99 6.97
CA THR K 56 -29.56 22.55 6.74
C THR K 56 -30.64 21.51 7.01
N ASP K 57 -31.91 21.98 7.03
CA ASP K 57 -33.10 21.16 7.22
C ASP K 57 -33.43 20.40 5.91
N TYR K 58 -32.48 20.38 4.96
CA TYR K 58 -32.60 19.67 3.68
C TYR K 58 -31.41 18.71 3.51
N GLY K 59 -30.57 18.61 4.54
CA GLY K 59 -29.43 17.71 4.58
C GLY K 59 -28.19 18.19 3.87
N GLU K 60 -28.04 19.50 3.75
CA GLU K 60 -26.86 20.05 3.09
C GLU K 60 -25.84 20.58 4.10
N LEU K 61 -24.59 20.16 3.96
CA LEU K 61 -23.48 20.66 4.78
C LEU K 61 -23.03 21.99 4.18
N VAL K 62 -22.96 23.03 5.00
CA VAL K 62 -22.60 24.38 4.59
C VAL K 62 -21.48 24.90 5.48
N ILE K 63 -20.34 25.26 4.85
CA ILE K 63 -19.29 25.96 5.58
C ILE K 63 -19.64 27.44 5.41
N LYS K 64 -19.83 28.14 6.53
CA LYS K 64 -20.12 29.55 6.51
C LYS K 64 -18.93 30.32 7.05
N ASN K 65 -18.70 31.51 6.50
CA ASN K 65 -17.67 32.44 6.97
C ASN K 65 -18.21 33.02 8.28
N GLY K 66 -17.35 33.68 9.06
CA GLY K 66 -17.75 34.31 10.31
C GLY K 66 -18.98 35.21 10.21
N ASP K 67 -19.14 35.90 9.05
CA ASP K 67 -20.25 36.83 8.80
C ASP K 67 -21.61 36.15 8.45
N GLY K 68 -21.61 34.84 8.23
CA GLY K 68 -22.81 34.08 7.88
C GLY K 68 -22.90 33.73 6.40
N SER K 69 -22.07 34.34 5.54
CA SER K 69 -22.08 34.01 4.10
C SER K 69 -21.45 32.63 3.86
N THR K 70 -21.88 31.97 2.77
CA THR K 70 -21.43 30.64 2.37
C THR K 70 -20.01 30.68 1.82
N VAL K 71 -19.26 29.64 2.15
CA VAL K 71 -17.90 29.41 1.67
C VAL K 71 -17.94 28.19 0.75
N TRP K 72 -18.70 27.16 1.16
CA TRP K 72 -18.80 25.86 0.49
C TRP K 72 -20.05 25.14 0.97
N ARG K 73 -20.71 24.39 0.08
CA ARG K 73 -21.91 23.61 0.39
C ARG K 73 -21.83 22.24 -0.32
N SER K 74 -22.41 21.17 0.30
CA SER K 74 -22.32 19.78 -0.18
C SER K 74 -23.24 19.44 -1.36
N ARG K 75 -24.21 20.33 -1.72
CA ARG K 75 -25.21 20.22 -2.82
C ARG K 75 -26.35 19.30 -2.53
N ALA K 76 -26.05 18.03 -2.20
CA ALA K 76 -27.02 16.96 -2.00
C ALA K 76 -28.09 17.37 -1.01
N LYS K 77 -29.35 17.28 -1.45
CA LYS K 77 -30.52 17.65 -0.66
C LYS K 77 -31.65 16.64 -0.79
N SER K 78 -32.54 16.66 0.20
CA SER K 78 -33.75 15.87 0.15
C SER K 78 -34.90 16.71 0.76
N VAL K 79 -35.98 16.07 1.21
CA VAL K 79 -37.18 16.73 1.74
C VAL K 79 -36.87 17.48 3.05
N LYS K 80 -37.70 18.49 3.38
CA LYS K 80 -37.55 19.23 4.63
C LYS K 80 -37.73 18.24 5.79
N GLY K 81 -36.82 18.27 6.74
CA GLY K 81 -36.82 17.39 7.88
C GLY K 81 -35.56 17.53 8.71
N ASN K 82 -35.29 16.55 9.57
CA ASN K 82 -34.12 16.54 10.45
C ASN K 82 -33.07 15.62 9.86
N TYR K 83 -31.83 16.09 9.81
CA TYR K 83 -30.70 15.36 9.25
C TYR K 83 -29.58 15.25 10.24
N ALA K 84 -28.67 14.29 10.00
CA ALA K 84 -27.50 14.04 10.84
C ALA K 84 -26.30 13.75 9.97
N ALA K 85 -25.22 14.50 10.17
CA ALA K 85 -23.93 14.26 9.51
C ALA K 85 -23.12 13.46 10.50
N VAL K 86 -22.74 12.21 10.16
CA VAL K 86 -22.09 11.28 11.10
C VAL K 86 -20.71 10.90 10.64
N LEU K 87 -19.74 10.91 11.58
CA LEU K 87 -18.40 10.44 11.25
C LEU K 87 -18.37 8.89 11.50
N HIS K 88 -18.48 8.13 10.41
CA HIS K 88 -18.50 6.66 10.39
C HIS K 88 -17.13 6.13 10.86
N PRO K 89 -17.08 5.01 11.64
CA PRO K 89 -15.78 4.50 12.10
C PRO K 89 -14.85 4.03 10.97
N ASP K 90 -15.34 3.84 9.72
CA ASP K 90 -14.43 3.46 8.64
C ASP K 90 -13.83 4.73 7.98
N GLY K 91 -14.13 5.90 8.54
CA GLY K 91 -13.52 7.16 8.12
C GLY K 91 -14.23 8.09 7.17
N ARG K 92 -15.48 7.82 6.90
CA ARG K 92 -16.28 8.64 6.00
C ARG K 92 -17.21 9.55 6.78
N LEU K 93 -17.40 10.77 6.30
CA LEU K 93 -18.41 11.66 6.85
C LEU K 93 -19.62 11.45 5.98
N VAL K 94 -20.76 11.05 6.59
CA VAL K 94 -21.98 10.71 5.86
C VAL K 94 -23.18 11.53 6.38
N VAL K 95 -23.94 12.12 5.44
CA VAL K 95 -25.19 12.83 5.74
C VAL K 95 -26.34 11.83 5.56
N PHE K 96 -27.13 11.65 6.62
CA PHE K 96 -28.27 10.74 6.69
C PHE K 96 -29.53 11.51 6.94
N GLY K 97 -30.59 11.19 6.23
CA GLY K 97 -31.87 11.84 6.47
C GLY K 97 -32.88 11.74 5.35
N PRO K 98 -34.12 12.20 5.65
CA PRO K 98 -34.57 12.80 6.92
C PRO K 98 -34.78 11.77 8.04
N SER K 99 -35.03 12.23 9.28
CA SER K 99 -35.35 11.34 10.40
C SER K 99 -36.68 10.62 10.08
N VAL K 100 -36.76 9.32 10.37
CA VAL K 100 -37.97 8.51 10.09
C VAL K 100 -38.59 7.96 11.38
N PHE K 101 -37.87 8.07 12.50
CA PHE K 101 -38.34 7.52 13.77
C PHE K 101 -37.65 8.16 14.95
N LYS K 102 -38.38 8.35 16.06
CA LYS K 102 -37.86 8.95 17.26
C LYS K 102 -38.40 8.26 18.49
N ILE K 103 -37.50 7.98 19.44
CA ILE K 103 -37.82 7.48 20.77
C ILE K 103 -37.64 8.70 21.66
N ASP K 104 -38.72 9.10 22.33
CA ASP K 104 -38.73 10.29 23.17
C ASP K 104 -38.84 9.91 24.67
N PRO K 105 -37.71 9.97 25.41
CA PRO K 105 -37.77 9.63 26.84
C PRO K 105 -38.15 10.84 27.72
N TRP K 106 -38.54 11.97 27.11
CA TRP K 106 -38.93 13.19 27.82
C TRP K 106 -40.45 13.30 28.01
N VAL K 107 -41.23 12.66 27.11
CA VAL K 107 -42.71 12.65 27.17
C VAL K 107 -43.22 11.20 27.37
N PRO K 108 -44.43 10.99 27.96
CA PRO K 108 -44.93 9.62 28.17
C PRO K 108 -45.23 8.90 26.85
N ASN L 1 -18.27 -6.92 9.02
CA ASN L 1 -18.82 -6.24 10.19
C ASN L 1 -18.25 -4.86 10.33
N ILE L 2 -19.09 -3.93 10.74
CA ILE L 2 -18.74 -2.52 10.94
C ILE L 2 -18.22 -2.36 12.39
N PRO L 3 -17.10 -1.63 12.62
CA PRO L 3 -16.68 -1.34 14.01
C PRO L 3 -17.80 -0.64 14.80
N PHE L 4 -17.84 -0.88 16.10
CA PHE L 4 -18.85 -0.36 17.01
C PHE L 4 -18.47 1.03 17.54
N THR L 5 -19.46 1.92 17.61
CA THR L 5 -19.36 3.26 18.18
C THR L 5 -20.46 3.33 19.23
N ASP L 6 -20.11 3.77 20.45
CA ASP L 6 -21.00 3.69 21.62
C ASP L 6 -22.36 4.36 21.48
N ASN L 7 -22.48 5.40 20.65
CA ASN L 7 -23.75 6.11 20.56
C ASN L 7 -24.46 5.93 19.22
N LEU L 8 -23.97 5.00 18.36
CA LEU L 8 -24.49 4.76 17.02
C LEU L 8 -24.80 3.32 16.76
N LEU L 9 -25.83 3.10 15.93
CA LEU L 9 -26.14 1.78 15.40
C LEU L 9 -26.44 1.94 13.91
N PHE L 10 -25.49 1.51 13.03
CA PHE L 10 -25.67 1.58 11.57
C PHE L 10 -26.46 0.40 11.07
N SER L 11 -27.12 0.51 9.86
CA SER L 11 -27.86 -0.62 9.22
C SER L 11 -26.95 -1.86 9.14
N GLY L 12 -27.47 -3.01 9.58
CA GLY L 12 -26.72 -4.25 9.59
C GLY L 12 -26.14 -4.60 10.96
N GLN L 13 -25.93 -3.61 11.83
CA GLN L 13 -25.36 -3.88 13.16
C GLN L 13 -26.41 -4.45 14.07
N VAL L 14 -26.00 -5.30 15.02
CA VAL L 14 -26.94 -5.92 15.93
C VAL L 14 -26.55 -5.66 17.38
N LEU L 15 -27.55 -5.57 18.24
CA LEU L 15 -27.38 -5.50 19.70
C LEU L 15 -28.18 -6.61 20.31
N TYR L 16 -27.65 -7.25 21.38
CA TYR L 16 -28.33 -8.35 22.08
C TYR L 16 -27.65 -8.60 23.43
N GLY L 17 -28.32 -9.35 24.30
CA GLY L 17 -27.84 -9.73 25.62
C GLY L 17 -27.21 -8.63 26.44
N ASP L 18 -27.94 -7.52 26.62
CA ASP L 18 -27.58 -6.32 27.37
C ASP L 18 -26.62 -5.39 26.59
N GLY L 19 -26.40 -5.71 25.32
CA GLY L 19 -25.69 -4.85 24.37
C GLY L 19 -26.43 -3.52 24.31
N ARG L 20 -25.66 -2.40 24.29
CA ARG L 20 -26.31 -1.09 24.39
C ARG L 20 -25.62 0.08 23.67
N LEU L 21 -26.40 1.14 23.46
CA LEU L 21 -25.88 2.44 23.02
C LEU L 21 -25.82 3.30 24.26
N THR L 22 -24.82 4.18 24.36
CA THR L 22 -24.62 5.07 25.50
C THR L 22 -24.23 6.47 25.01
N ALA L 23 -24.74 7.48 25.69
CA ALA L 23 -24.46 8.91 25.48
C ALA L 23 -24.76 9.62 26.78
N LYS L 24 -23.72 10.17 27.44
CA LYS L 24 -23.82 10.80 28.77
C LYS L 24 -24.46 9.77 29.71
N ASN L 25 -25.59 10.13 30.38
CA ASN L 25 -26.34 9.23 31.28
C ASN L 25 -27.35 8.34 30.53
N HIS L 26 -27.58 8.63 29.22
CA HIS L 26 -28.56 7.88 28.44
C HIS L 26 -27.99 6.54 28.00
N GLN L 27 -28.82 5.52 28.06
CA GLN L 27 -28.46 4.17 27.65
C GLN L 27 -29.64 3.52 26.98
N LEU L 28 -29.44 2.97 25.78
CA LEU L 28 -30.47 2.20 25.05
C LEU L 28 -30.01 0.78 25.08
N VAL L 29 -30.67 -0.05 25.91
CA VAL L 29 -30.25 -1.44 26.18
C VAL L 29 -31.20 -2.48 25.53
N MET L 30 -30.64 -3.39 24.73
CA MET L 30 -31.33 -4.55 24.20
C MET L 30 -31.05 -5.67 25.21
N GLN L 31 -31.89 -5.70 26.26
CA GLN L 31 -31.72 -6.57 27.43
C GLN L 31 -31.93 -8.05 27.11
N GLY L 32 -31.36 -8.90 27.97
CA GLY L 32 -31.50 -10.34 27.86
C GLY L 32 -32.93 -10.80 28.09
N ASP L 33 -33.77 -9.96 28.70
CA ASP L 33 -35.18 -10.28 28.98
C ASP L 33 -36.12 -9.87 27.82
N CYS L 34 -35.54 -9.56 26.62
CA CYS L 34 -36.23 -9.18 25.38
C CYS L 34 -36.88 -7.77 25.46
N ASN L 35 -36.56 -6.97 26.50
CA ASN L 35 -37.06 -5.61 26.60
C ASN L 35 -36.00 -4.64 26.11
N LEU L 36 -36.36 -3.74 25.17
CA LEU L 36 -35.50 -2.66 24.69
C LEU L 36 -35.83 -1.49 25.57
N VAL L 37 -34.86 -1.03 26.40
CA VAL L 37 -35.14 0.01 27.39
C VAL L 37 -34.15 1.19 27.25
N LEU L 38 -34.72 2.40 27.19
CA LEU L 38 -33.95 3.64 27.20
C LEU L 38 -33.96 4.16 28.63
N TYR L 39 -32.82 4.05 29.32
CA TYR L 39 -32.60 4.55 30.67
C TYR L 39 -32.02 5.93 30.53
N GLY L 40 -32.87 6.92 30.69
CA GLY L 40 -32.46 8.31 30.56
C GLY L 40 -33.64 9.21 30.36
N GLY L 41 -33.37 10.44 29.92
CA GLY L 41 -34.40 11.45 29.74
C GLY L 41 -35.07 11.76 31.06
N LYS L 42 -36.40 11.95 31.03
CA LYS L 42 -37.21 12.26 32.20
C LYS L 42 -37.89 10.98 32.76
N TYR L 43 -38.50 10.18 31.88
CA TYR L 43 -39.18 8.95 32.29
C TYR L 43 -38.67 7.74 31.52
N GLY L 44 -37.70 7.97 30.64
CA GLY L 44 -37.14 6.90 29.83
C GLY L 44 -38.15 6.38 28.84
N TRP L 45 -37.92 5.16 28.35
CA TRP L 45 -38.80 4.48 27.40
C TRP L 45 -38.47 3.01 27.38
N GLN L 46 -39.49 2.19 27.13
CA GLN L 46 -39.34 0.75 26.99
C GLN L 46 -40.22 0.28 25.84
N SER L 47 -39.81 -0.81 25.17
CA SER L 47 -40.60 -1.44 24.11
C SER L 47 -41.78 -2.19 24.73
N ASN L 48 -41.68 -2.49 26.05
CA ASN L 48 -42.67 -3.20 26.88
C ASN L 48 -42.82 -4.64 26.35
N THR L 49 -41.68 -5.34 26.20
CA THR L 49 -41.65 -6.68 25.63
C THR L 49 -40.88 -7.68 26.52
N HIS L 50 -40.78 -7.41 27.84
CA HIS L 50 -40.15 -8.28 28.85
C HIS L 50 -40.74 -9.70 28.77
N GLY L 51 -39.88 -10.68 28.52
CA GLY L 51 -40.22 -12.09 28.41
C GLY L 51 -41.02 -12.52 27.20
N ASN L 52 -41.13 -11.66 26.16
CA ASN L 52 -41.92 -11.97 24.95
C ASN L 52 -41.19 -12.95 24.02
N GLY L 53 -39.88 -13.07 24.19
CA GLY L 53 -39.03 -13.95 23.40
C GLY L 53 -37.74 -14.28 24.10
N GLU L 54 -37.02 -15.27 23.55
CA GLU L 54 -35.73 -15.76 24.04
C GLU L 54 -34.62 -15.37 23.09
N HIS L 55 -33.44 -14.97 23.66
CA HIS L 55 -32.23 -14.58 22.93
C HIS L 55 -32.57 -13.54 21.84
N CYS L 56 -33.32 -12.50 22.25
CA CYS L 56 -33.76 -11.44 21.36
C CYS L 56 -32.59 -10.55 20.92
N PHE L 57 -32.68 -10.03 19.69
CA PHE L 57 -31.68 -9.13 19.15
C PHE L 57 -32.36 -7.97 18.44
N LEU L 58 -31.64 -6.85 18.39
CA LEU L 58 -32.05 -5.62 17.76
C LEU L 58 -31.27 -5.41 16.50
N ARG L 59 -31.94 -5.06 15.41
CA ARG L 59 -31.24 -4.82 14.16
C ARG L 59 -31.95 -3.75 13.34
N LEU L 60 -31.17 -2.76 12.87
CA LEU L 60 -31.65 -1.74 11.96
C LEU L 60 -31.35 -2.23 10.54
N ASN L 61 -32.38 -2.24 9.66
CA ASN L 61 -32.20 -2.69 8.28
C ASN L 61 -31.86 -1.52 7.35
N HIS L 62 -31.77 -1.82 6.05
CA HIS L 62 -31.43 -0.86 5.03
C HIS L 62 -32.71 -0.23 4.40
N LYS L 63 -33.77 -0.11 5.22
CA LYS L 63 -35.04 0.57 4.92
C LYS L 63 -35.40 1.51 6.11
N GLY L 64 -34.53 1.55 7.11
CA GLY L 64 -34.72 2.37 8.30
C GLY L 64 -35.73 1.82 9.28
N GLU L 65 -36.06 0.52 9.17
CA GLU L 65 -36.96 -0.14 10.13
C GLU L 65 -36.08 -0.82 11.19
N LEU L 66 -36.35 -0.53 12.48
CA LEU L 66 -35.63 -1.10 13.62
C LEU L 66 -36.48 -2.20 14.23
N ILE L 67 -35.96 -3.43 14.23
CA ILE L 67 -36.75 -4.58 14.67
C ILE L 67 -36.09 -5.35 15.81
N ILE L 68 -36.93 -5.83 16.77
CA ILE L 68 -36.54 -6.78 17.81
C ILE L 68 -37.00 -8.13 17.29
N LYS L 69 -36.09 -9.07 17.17
CA LYS L 69 -36.40 -10.44 16.77
C LYS L 69 -36.00 -11.38 17.87
N ASP L 70 -36.72 -12.49 18.02
CA ASP L 70 -36.31 -13.51 18.96
C ASP L 70 -35.34 -14.46 18.22
N ASP L 71 -34.89 -15.54 18.89
CA ASP L 71 -33.90 -16.49 18.35
C ASP L 71 -34.32 -17.13 17.01
N ASP L 72 -35.63 -17.34 16.84
CA ASP L 72 -36.26 -17.97 15.67
C ASP L 72 -36.75 -16.96 14.61
N PHE L 73 -36.29 -15.70 14.67
CA PHE L 73 -36.62 -14.59 13.76
C PHE L 73 -38.14 -14.24 13.81
N LYS L 74 -38.73 -14.34 15.01
CA LYS L 74 -40.13 -13.94 15.16
C LYS L 74 -40.11 -12.49 15.64
N THR L 75 -40.94 -11.61 15.05
CA THR L 75 -41.00 -10.17 15.36
C THR L 75 -41.62 -9.91 16.74
N ILE L 76 -40.82 -9.31 17.62
CA ILE L 76 -41.20 -8.93 18.98
C ILE L 76 -41.63 -7.48 19.01
N TRP L 77 -40.87 -6.62 18.33
CA TRP L 77 -41.15 -5.18 18.28
C TRP L 77 -40.62 -4.60 16.99
N SER L 78 -41.28 -3.54 16.49
CA SER L 78 -40.82 -2.83 15.31
C SER L 78 -41.04 -1.32 15.45
N SER L 79 -40.14 -0.54 14.85
CA SER L 79 -40.23 0.91 14.85
C SER L 79 -41.31 1.35 13.83
N ASN L 80 -41.71 0.41 12.92
CA ASN L 80 -42.71 0.56 11.83
C ASN L 80 -42.39 1.80 11.00
N SER L 81 -41.09 2.05 10.81
CA SER L 81 -40.60 3.24 10.13
C SER L 81 -39.89 2.91 8.79
N SER L 82 -40.39 1.87 8.06
CA SER L 82 -39.86 1.47 6.75
C SER L 82 -39.99 2.60 5.73
N SER L 83 -38.86 2.92 5.07
CA SER L 83 -38.74 4.02 4.13
C SER L 83 -37.89 3.60 2.88
N LYS L 84 -37.33 4.60 2.17
CA LYS L 84 -36.50 4.46 0.96
C LYS L 84 -35.29 3.51 1.20
N GLN L 85 -34.93 2.67 0.20
CA GLN L 85 -33.77 1.76 0.38
C GLN L 85 -32.44 2.57 0.42
N GLY L 86 -31.59 2.23 1.38
CA GLY L 86 -30.29 2.88 1.55
C GLY L 86 -29.66 2.59 2.90
N ASP L 87 -28.67 3.39 3.28
CA ASP L 87 -27.96 3.24 4.55
C ASP L 87 -28.59 4.12 5.61
N TYR L 88 -28.82 3.57 6.79
CA TYR L 88 -29.45 4.29 7.91
C TYR L 88 -28.57 4.25 9.15
N VAL L 89 -28.88 5.13 10.10
CA VAL L 89 -28.17 5.15 11.38
C VAL L 89 -29.16 5.45 12.50
N LEU L 90 -29.06 4.68 13.57
CA LEU L 90 -29.78 4.97 14.80
C LEU L 90 -28.77 5.73 15.66
N ILE L 91 -29.14 6.90 16.16
CA ILE L 91 -28.25 7.67 17.03
C ILE L 91 -28.93 7.85 18.38
N LEU L 92 -28.24 7.50 19.46
CA LEU L 92 -28.70 7.83 20.81
C LEU L 92 -28.01 9.15 21.08
N ARG L 93 -28.78 10.22 20.94
CA ARG L 93 -28.28 11.59 21.00
C ARG L 93 -27.96 12.04 22.38
N GLN L 93 -28.78 10.22 20.94
CA GLN L 93 -28.28 11.59 21.00
C GLN L 93 -27.96 12.04 22.38
N ASP L 94 -27.02 13.00 22.48
CA ASP L 94 -26.68 13.59 23.78
C ASP L 94 -27.91 14.14 24.49
N ASP L 95 -28.89 14.68 23.73
CA ASP L 95 -30.13 15.22 24.34
C ASP L 95 -31.14 14.10 24.72
N GLY L 96 -30.73 12.83 24.65
CA GLY L 96 -31.53 11.68 25.08
C GLY L 96 -32.45 11.03 24.07
N PHE L 97 -32.75 11.73 22.97
CA PHE L 97 -33.58 11.18 21.91
C PHE L 97 -32.83 10.08 21.13
N ALA L 98 -33.52 8.97 20.84
CA ALA L 98 -32.88 7.93 19.99
C ALA L 98 -33.58 8.05 18.65
N VAL L 99 -32.84 8.55 17.64
CA VAL L 99 -33.49 8.84 16.36
C VAL L 99 -32.87 8.03 15.22
N ILE L 100 -33.72 7.48 14.32
CA ILE L 100 -33.22 6.82 13.10
C ILE L 100 -33.16 7.89 12.00
N TYR L 101 -32.02 7.99 11.30
CA TYR L 101 -31.81 8.93 10.19
C TYR L 101 -31.43 8.17 8.95
N GLY L 102 -32.06 8.53 7.84
CA GLY L 102 -31.72 7.93 6.56
C GLY L 102 -32.71 8.17 5.44
N PRO L 103 -32.32 7.80 4.20
CA PRO L 103 -31.04 7.16 3.84
C PRO L 103 -29.87 8.15 3.77
N ALA L 104 -28.64 7.61 3.60
CA ALA L 104 -27.43 8.38 3.35
C ALA L 104 -27.60 9.09 2.02
N ILE L 105 -27.43 10.43 2.02
CA ILE L 105 -27.67 11.23 0.82
C ILE L 105 -26.37 11.81 0.30
N TRP L 106 -25.29 11.74 1.10
CA TRP L 106 -23.99 12.30 0.75
C TRP L 106 -22.90 11.66 1.58
N GLU L 107 -21.71 11.48 1.00
CA GLU L 107 -20.54 10.90 1.69
C GLU L 107 -19.25 11.55 1.17
N THR L 108 -18.18 11.52 2.00
CA THR L 108 -16.85 12.03 1.61
C THR L 108 -16.17 11.04 0.64
N SER L 109 -16.37 9.72 0.84
CA SER L 109 -15.80 8.66 0.01
C SER L 109 -16.84 7.60 -0.32
N LEU M 1 20.46 -21.21 -22.55
CA LEU M 1 19.18 -21.09 -21.86
C LEU M 1 18.39 -19.88 -22.31
N GLY M 2 17.06 -19.99 -22.23
CA GLY M 2 16.17 -18.84 -22.47
C GLY M 2 16.33 -17.84 -21.34
N THR M 3 16.00 -16.57 -21.57
CA THR M 3 16.20 -15.56 -20.53
C THR M 3 15.09 -15.53 -19.49
N ASN M 4 13.88 -16.06 -19.82
CA ASN M 4 12.74 -16.02 -18.90
C ASN M 4 12.01 -17.37 -18.75
N TYR M 5 12.66 -18.49 -19.13
CA TYR M 5 12.07 -19.82 -19.01
C TYR M 5 13.15 -20.90 -18.83
N LEU M 6 12.78 -22.03 -18.23
CA LEU M 6 13.62 -23.19 -17.98
C LEU M 6 12.85 -24.40 -18.36
N LEU M 7 13.42 -25.21 -19.25
CA LEU M 7 12.74 -26.41 -19.73
C LEU M 7 13.18 -27.63 -18.95
N SER M 8 12.34 -28.67 -18.98
CA SER M 8 12.65 -29.98 -18.38
C SER M 8 13.98 -30.47 -18.91
N GLY M 9 14.88 -30.87 -18.03
CA GLY M 9 16.21 -31.35 -18.43
C GLY M 9 17.28 -30.29 -18.51
N GLN M 10 16.88 -29.00 -18.45
CA GLN M 10 17.85 -27.89 -18.48
C GLN M 10 18.20 -27.49 -17.06
N THR M 11 19.35 -26.84 -16.90
CA THR M 11 19.83 -26.42 -15.60
C THR M 11 20.12 -24.93 -15.56
N LEU M 12 19.58 -24.24 -14.55
CA LEU M 12 19.91 -22.84 -14.24
C LEU M 12 21.11 -22.90 -13.27
N ASN M 13 22.29 -22.55 -13.76
CA ASN M 13 23.52 -22.67 -12.99
C ASN M 13 23.65 -21.60 -11.88
N THR M 14 24.64 -21.78 -11.00
CA THR M 14 24.88 -20.87 -9.89
C THR M 14 25.04 -19.42 -10.43
N ASP M 15 24.38 -18.45 -9.74
CA ASP M 15 24.38 -17.02 -10.06
C ASP M 15 23.66 -16.73 -11.39
N GLY M 16 22.92 -17.73 -11.90
CA GLY M 16 22.13 -17.62 -13.11
C GLY M 16 20.81 -16.90 -12.85
N HIS M 17 20.28 -16.24 -13.87
CA HIS M 17 19.04 -15.47 -13.81
C HIS M 17 17.97 -15.95 -14.76
N LEU M 18 16.70 -15.78 -14.36
CA LEU M 18 15.49 -15.83 -15.17
C LEU M 18 14.89 -14.46 -14.94
N LYS M 19 14.62 -13.67 -15.99
CA LYS M 19 14.18 -12.30 -15.77
C LYS M 19 13.07 -11.87 -16.71
N ASN M 20 12.10 -11.11 -16.18
CA ASN M 20 11.01 -10.55 -16.96
C ASN M 20 10.66 -9.19 -16.35
N GLY M 21 11.19 -8.14 -16.97
CA GLY M 21 11.05 -6.77 -16.51
C GLY M 21 11.74 -6.59 -15.17
N ASP M 22 11.02 -6.08 -14.17
CA ASP M 22 11.54 -5.85 -12.83
C ASP M 22 11.71 -7.14 -12.00
N PHE M 23 11.13 -8.27 -12.46
CA PHE M 23 11.16 -9.53 -11.73
C PHE M 23 12.37 -10.35 -12.15
N ASP M 24 13.23 -10.65 -11.19
CA ASP M 24 14.52 -11.32 -11.42
C ASP M 24 14.67 -12.51 -10.49
N LEU M 25 14.64 -13.71 -11.06
CA LEU M 25 14.80 -14.95 -10.33
C LEU M 25 16.25 -15.32 -10.39
N VAL M 26 16.90 -15.41 -9.21
CA VAL M 26 18.34 -15.68 -9.16
C VAL M 26 18.59 -16.94 -8.36
N MET M 27 19.26 -17.93 -8.99
CA MET M 27 19.76 -19.14 -8.33
C MET M 27 21.10 -18.70 -7.71
N GLN M 28 21.06 -18.16 -6.49
CA GLN M 28 22.23 -17.54 -5.86
C GLN M 28 23.36 -18.49 -5.41
N ASN M 29 24.57 -17.88 -5.28
CA ASN M 29 25.79 -18.52 -4.78
C ASN M 29 25.60 -19.04 -3.34
N ASP M 30 24.66 -18.46 -2.55
CA ASP M 30 24.42 -18.92 -1.17
C ASP M 30 23.37 -20.07 -1.13
N CYS M 31 22.97 -20.60 -2.31
CA CYS M 31 22.02 -21.69 -2.52
C CYS M 31 20.55 -21.24 -2.34
N ASN M 32 20.33 -19.96 -2.07
CA ASN M 32 18.95 -19.47 -1.96
C ASN M 32 18.45 -19.08 -3.35
N LEU M 33 17.26 -19.55 -3.72
CA LEU M 33 16.61 -19.22 -4.98
C LEU M 33 15.63 -18.09 -4.69
N VAL M 34 15.93 -16.87 -5.17
CA VAL M 34 15.17 -15.67 -4.83
C VAL M 34 14.54 -15.02 -6.04
N LEU M 35 13.23 -14.74 -5.94
CA LEU M 35 12.53 -14.04 -7.00
C LEU M 35 12.44 -12.57 -6.60
N TYR M 36 13.44 -11.76 -7.02
CA TYR M 36 13.45 -10.34 -6.63
C TYR M 36 12.23 -9.58 -7.19
N ASN M 37 11.53 -8.84 -6.29
CA ASN M 37 10.29 -8.06 -6.49
C ASN M 37 9.03 -8.97 -6.61
N GLY M 38 9.21 -10.28 -6.51
CA GLY M 38 8.14 -11.29 -6.59
C GLY M 38 7.75 -11.93 -5.25
N ASN M 39 8.33 -11.44 -4.14
CA ASN M 39 8.05 -11.89 -2.77
C ASN M 39 8.04 -13.44 -2.63
N TRP M 40 9.10 -14.08 -3.10
CA TRP M 40 9.24 -15.53 -2.98
C TRP M 40 10.70 -15.90 -2.92
N GLN M 41 11.01 -16.93 -2.14
CA GLN M 41 12.33 -17.54 -2.06
C GLN M 41 12.18 -18.98 -1.64
N SER M 42 13.16 -19.83 -1.97
CA SER M 42 13.11 -21.23 -1.54
C SER M 42 13.43 -21.35 -0.04
N ASN M 43 14.09 -20.30 0.52
CA ASN M 43 14.51 -20.19 1.93
C ASN M 43 15.53 -21.30 2.26
N THR M 44 16.53 -21.41 1.38
CA THR M 44 17.61 -22.39 1.46
C THR M 44 19.00 -21.71 1.50
N ALA M 45 19.09 -20.45 1.97
CA ALA M 45 20.40 -19.79 2.11
C ALA M 45 21.33 -20.62 2.99
N ASN M 46 22.61 -20.75 2.54
CA ASN M 46 23.69 -21.49 3.21
C ASN M 46 23.42 -23.01 3.35
N ASN M 47 22.55 -23.60 2.48
CA ASN M 47 22.22 -25.03 2.51
C ASN M 47 23.15 -25.85 1.60
N GLY M 48 24.08 -25.16 0.95
CA GLY M 48 25.01 -25.81 0.04
C GLY M 48 25.83 -24.81 -0.73
N ARG M 49 26.62 -25.31 -1.68
CA ARG M 49 27.46 -24.49 -2.52
C ARG M 49 27.35 -24.96 -3.94
N ASP M 50 27.56 -24.04 -4.90
CA ASP M 50 27.48 -24.28 -6.36
C ASP M 50 26.14 -24.94 -6.70
N CYS M 51 25.07 -24.43 -6.10
CA CYS M 51 23.71 -24.91 -6.27
C CYS M 51 23.18 -24.53 -7.64
N LYS M 52 22.26 -25.36 -8.14
CA LYS M 52 21.70 -25.19 -9.48
C LYS M 52 20.26 -25.54 -9.47
N LEU M 53 19.48 -24.98 -10.41
CA LEU M 53 18.05 -25.25 -10.52
C LEU M 53 17.76 -26.10 -11.76
N THR M 54 17.01 -27.16 -11.58
CA THR M 54 16.59 -28.06 -12.66
C THR M 54 15.09 -28.20 -12.62
N LEU M 55 14.51 -28.76 -13.70
CA LEU M 55 13.09 -29.03 -13.81
C LEU M 55 12.97 -30.45 -14.31
N THR M 56 12.20 -31.33 -13.63
CA THR M 56 12.11 -32.75 -14.03
C THR M 56 11.10 -32.94 -15.14
N ASP M 57 11.08 -34.18 -15.68
CA ASP M 57 10.18 -34.66 -16.72
C ASP M 57 8.75 -34.85 -16.18
N TYR M 58 8.54 -34.48 -14.90
CA TYR M 58 7.27 -34.55 -14.21
C TYR M 58 6.84 -33.12 -13.77
N GLY M 59 7.64 -32.13 -14.18
CA GLY M 59 7.37 -30.72 -13.90
C GLY M 59 7.70 -30.26 -12.51
N GLU M 60 8.69 -30.88 -11.89
CA GLU M 60 9.10 -30.55 -10.55
C GLU M 60 10.38 -29.71 -10.55
N LEU M 61 10.35 -28.55 -9.87
CA LEU M 61 11.53 -27.69 -9.73
C LEU M 61 12.38 -28.25 -8.60
N VAL M 62 13.65 -28.51 -8.90
CA VAL M 62 14.60 -29.12 -7.96
C VAL M 62 15.87 -28.26 -7.89
N ILE M 63 16.17 -27.78 -6.66
CA ILE M 63 17.44 -27.11 -6.41
C ILE M 63 18.39 -28.23 -6.00
N LYS M 64 19.50 -28.35 -6.71
CA LYS M 64 20.49 -29.36 -6.40
C LYS M 64 21.73 -28.69 -5.89
N ASN M 65 22.41 -29.35 -4.96
CA ASN M 65 23.68 -28.87 -4.42
C ASN M 65 24.73 -29.14 -5.50
N GLY M 66 25.93 -28.58 -5.34
CA GLY M 66 27.01 -28.80 -6.31
C GLY M 66 27.29 -30.27 -6.60
N ASP M 67 27.12 -31.14 -5.58
CA ASP M 67 27.38 -32.57 -5.68
C ASP M 67 26.24 -33.38 -6.39
N GLY M 68 25.12 -32.73 -6.70
CA GLY M 68 23.99 -33.35 -7.38
C GLY M 68 22.84 -33.73 -6.45
N SER M 69 23.09 -33.72 -5.13
CA SER M 69 22.05 -34.03 -4.14
C SER M 69 21.05 -32.88 -4.03
N THR M 70 19.81 -33.21 -3.67
CA THR M 70 18.71 -32.26 -3.55
C THR M 70 18.87 -31.37 -2.34
N VAL M 71 18.48 -30.12 -2.53
CA VAL M 71 18.42 -29.10 -1.49
C VAL M 71 16.92 -28.79 -1.20
N TRP M 72 16.12 -28.67 -2.27
CA TRP M 72 14.71 -28.27 -2.21
C TRP M 72 13.97 -28.74 -3.48
N ARG M 73 12.69 -29.12 -3.35
CA ARG M 73 11.87 -29.51 -4.51
C ARG M 73 10.45 -28.96 -4.36
N SER M 74 9.83 -28.55 -5.49
CA SER M 74 8.50 -27.92 -5.57
C SER M 74 7.34 -28.90 -5.36
N ARG M 75 7.63 -30.22 -5.48
CA ARG M 75 6.78 -31.42 -5.28
C ARG M 75 5.65 -31.60 -6.27
N ALA M 76 4.98 -30.51 -6.72
CA ALA M 76 3.88 -30.60 -7.67
C ALA M 76 4.31 -31.36 -8.91
N LYS M 77 3.62 -32.48 -9.19
CA LYS M 77 3.92 -33.36 -10.32
C LYS M 77 2.68 -33.65 -11.14
N SER M 78 2.89 -33.98 -12.40
CA SER M 78 1.85 -34.44 -13.30
C SER M 78 2.41 -35.62 -14.10
N VAL M 79 1.82 -35.94 -15.26
CA VAL M 79 2.24 -37.07 -16.11
C VAL M 79 3.68 -36.83 -16.62
N LYS M 80 4.34 -37.89 -17.10
CA LYS M 80 5.69 -37.79 -17.67
C LYS M 80 5.62 -37.05 -19.00
N GLY M 81 6.41 -36.00 -19.12
CA GLY M 81 6.43 -35.20 -20.34
C GLY M 81 7.46 -34.10 -20.32
N ASN M 82 7.25 -33.10 -21.20
CA ASN M 82 8.11 -31.92 -21.34
C ASN M 82 7.46 -30.77 -20.62
N TYR M 83 8.23 -30.08 -19.75
CA TYR M 83 7.71 -28.97 -18.96
C TYR M 83 8.55 -27.72 -19.15
N ALA M 84 7.94 -26.58 -18.80
CA ALA M 84 8.55 -25.26 -18.86
C ALA M 84 8.18 -24.46 -17.63
N ALA M 85 9.19 -23.96 -16.92
CA ALA M 85 9.04 -23.05 -15.78
C ALA M 85 9.21 -21.66 -16.37
N VAL M 86 8.17 -20.83 -16.35
CA VAL M 86 8.19 -19.53 -17.01
C VAL M 86 8.06 -18.37 -16.02
N LEU M 87 8.87 -17.34 -16.19
CA LEU M 87 8.72 -16.14 -15.37
C LEU M 87 7.70 -15.21 -16.08
N HIS M 88 6.45 -15.23 -15.57
CA HIS M 88 5.32 -14.43 -16.08
C HIS M 88 5.59 -12.93 -15.84
N PRO M 89 5.20 -12.02 -16.77
CA PRO M 89 5.48 -10.59 -16.56
C PRO M 89 4.77 -9.97 -15.34
N ASP M 90 3.74 -10.63 -14.76
CA ASP M 90 3.10 -10.07 -13.55
C ASP M 90 3.89 -10.51 -12.28
N GLY M 91 4.98 -11.24 -12.49
CA GLY M 91 5.94 -11.58 -11.44
C GLY M 91 5.86 -12.89 -10.71
N ARG M 92 5.24 -13.88 -11.31
CA ARG M 92 5.14 -15.22 -10.73
C ARG M 92 5.91 -16.18 -11.58
N LEU M 93 6.61 -17.13 -10.94
CA LEU M 93 7.28 -18.23 -11.65
C LEU M 93 6.24 -19.31 -11.72
N VAL M 94 5.94 -19.81 -12.93
CA VAL M 94 4.88 -20.80 -13.14
C VAL M 94 5.45 -21.99 -13.91
N VAL M 95 5.11 -23.20 -13.47
CA VAL M 95 5.46 -24.45 -14.13
C VAL M 95 4.27 -24.88 -14.95
N PHE M 96 4.46 -25.01 -16.28
CA PHE M 96 3.44 -25.40 -17.24
C PHE M 96 3.77 -26.72 -17.86
N GLY M 97 2.77 -27.58 -18.03
CA GLY M 97 3.04 -28.86 -18.65
C GLY M 97 2.08 -29.99 -18.37
N PRO M 98 2.24 -31.12 -19.11
CA PRO M 98 3.27 -31.36 -20.13
C PRO M 98 2.96 -30.65 -21.47
N SER M 99 3.91 -30.66 -22.42
CA SER M 99 3.71 -30.05 -23.74
C SER M 99 2.55 -30.75 -24.47
N VAL M 100 1.70 -30.00 -25.17
CA VAL M 100 0.54 -30.58 -25.87
C VAL M 100 0.67 -30.45 -27.37
N PHE M 101 1.54 -29.55 -27.82
CA PHE M 101 1.71 -29.26 -29.25
C PHE M 101 3.07 -28.69 -29.52
N LYS M 102 3.63 -29.05 -30.67
CA LYS M 102 4.95 -28.59 -31.08
C LYS M 102 4.95 -28.24 -32.56
N ILE M 103 5.62 -27.13 -32.89
CA ILE M 103 5.85 -26.66 -34.26
C ILE M 103 7.34 -26.86 -34.47
N ASP M 104 7.69 -27.75 -35.41
CA ASP M 104 9.07 -28.14 -35.67
C ASP M 104 9.58 -27.53 -36.99
N PRO M 105 10.41 -26.47 -36.91
CA PRO M 105 10.94 -25.87 -38.14
C PRO M 105 12.26 -26.49 -38.61
N TRP M 106 12.69 -27.60 -37.96
CA TRP M 106 13.92 -28.33 -38.27
C TRP M 106 13.66 -29.57 -39.16
N VAL M 107 12.40 -30.03 -39.23
CA VAL M 107 11.96 -31.14 -40.09
C VAL M 107 10.87 -30.62 -41.05
N PRO M 108 10.75 -31.15 -42.30
CA PRO M 108 9.74 -30.61 -43.23
C PRO M 108 8.30 -30.77 -42.75
N ASN N 1 -6.04 -7.45 -19.48
CA ASN N 1 -5.00 -7.87 -20.44
C ASN N 1 -3.69 -8.10 -19.76
N ILE N 2 -2.95 -9.08 -20.26
CA ILE N 2 -1.66 -9.49 -19.77
C ILE N 2 -0.57 -8.70 -20.51
N PRO N 3 0.47 -8.18 -19.82
CA PRO N 3 1.60 -7.55 -20.57
C PRO N 3 2.24 -8.55 -21.54
N PHE N 4 2.80 -8.02 -22.61
CA PHE N 4 3.42 -8.82 -23.66
C PHE N 4 4.91 -9.06 -23.41
N THR N 5 5.35 -10.30 -23.67
CA THR N 5 6.75 -10.76 -23.63
C THR N 5 7.02 -11.32 -25.01
N ASP N 6 8.12 -10.89 -25.62
CA ASP N 6 8.44 -11.18 -27.03
C ASP N 6 8.47 -12.68 -27.42
N ASN N 7 8.82 -13.61 -26.51
CA ASN N 7 8.92 -15.03 -26.88
C ASN N 7 7.79 -15.90 -26.29
N LEU N 8 6.80 -15.28 -25.63
CA LEU N 8 5.68 -15.97 -24.98
C LEU N 8 4.29 -15.53 -25.48
N LEU N 9 3.34 -16.47 -25.42
CA LEU N 9 1.94 -16.17 -25.69
C LEU N 9 1.11 -16.97 -24.68
N PHE N 10 0.59 -16.28 -23.65
CA PHE N 10 -0.24 -16.88 -22.60
C PHE N 10 -1.67 -17.05 -23.06
N SER N 11 -2.42 -17.96 -22.39
CA SER N 11 -3.85 -18.14 -22.70
C SER N 11 -4.56 -16.77 -22.59
N GLY N 12 -5.36 -16.42 -23.60
CA GLY N 12 -6.10 -15.15 -23.67
C GLY N 12 -5.45 -14.08 -24.53
N GLN N 13 -4.13 -14.19 -24.75
CA GLN N 13 -3.41 -13.20 -25.54
C GLN N 13 -3.64 -13.45 -27.02
N VAL N 14 -3.56 -12.38 -27.82
CA VAL N 14 -3.82 -12.49 -29.25
C VAL N 14 -2.72 -11.82 -30.05
N LEU N 15 -2.45 -12.39 -31.24
CA LEU N 15 -1.55 -11.82 -32.24
C LEU N 15 -2.33 -11.61 -33.51
N TYR N 16 -2.04 -10.52 -34.25
CA TYR N 16 -2.68 -10.22 -35.54
C TYR N 16 -1.90 -9.15 -36.31
N GLY N 17 -2.25 -8.94 -37.58
CA GLY N 17 -1.66 -7.92 -38.45
C GLY N 17 -0.15 -7.82 -38.40
N ASP N 18 0.53 -8.97 -38.57
CA ASP N 18 1.99 -9.14 -38.58
C ASP N 18 2.61 -9.10 -37.16
N GLY N 19 1.79 -9.09 -36.12
CA GLY N 19 2.26 -9.26 -34.73
C GLY N 19 2.92 -10.63 -34.63
N ARG N 20 3.97 -10.74 -33.80
CA ARG N 20 4.79 -11.95 -33.75
C ARG N 20 5.44 -12.26 -32.40
N LEU N 21 5.92 -13.50 -32.28
CA LEU N 21 6.82 -13.94 -31.21
C LEU N 21 8.20 -13.92 -31.83
N THR N 22 9.23 -13.52 -31.07
CA THR N 22 10.60 -13.50 -31.55
C THR N 22 11.54 -14.11 -30.48
N ALA N 23 12.57 -14.82 -30.95
CA ALA N 23 13.63 -15.40 -30.12
C ALA N 23 14.81 -15.61 -31.02
N LYS N 24 15.90 -14.85 -30.78
CA LYS N 24 17.09 -14.89 -31.64
C LYS N 24 16.63 -14.53 -33.05
N ASN N 25 16.91 -15.38 -34.06
CA ASN N 25 16.51 -15.16 -35.45
C ASN N 25 15.10 -15.75 -35.73
N HIS N 26 14.52 -16.54 -34.80
CA HIS N 26 13.21 -17.16 -35.03
C HIS N 26 12.06 -16.15 -34.82
N GLN N 27 11.06 -16.19 -35.70
CA GLN N 27 9.85 -15.36 -35.63
C GLN N 27 8.64 -16.20 -35.94
N LEU N 28 7.57 -16.07 -35.13
CA LEU N 28 6.29 -16.75 -35.33
C LEU N 28 5.31 -15.63 -35.58
N VAL N 29 5.02 -15.36 -36.86
CA VAL N 29 4.25 -14.21 -37.32
C VAL N 29 2.82 -14.58 -37.73
N MET N 30 1.82 -13.91 -37.11
CA MET N 30 0.42 -13.98 -37.51
C MET N 30 0.25 -12.88 -38.55
N GLN N 31 0.55 -13.21 -39.82
CA GLN N 31 0.56 -12.26 -40.93
C GLN N 31 -0.82 -11.73 -41.29
N GLY N 32 -0.81 -10.59 -41.99
CA GLY N 32 -2.01 -9.94 -42.51
C GLY N 32 -2.69 -10.74 -43.60
N ASP N 33 -1.97 -11.72 -44.21
CA ASP N 33 -2.49 -12.60 -45.26
C ASP N 33 -3.06 -13.91 -44.69
N CYS N 34 -3.35 -13.95 -43.36
CA CYS N 34 -3.96 -15.07 -42.64
C CYS N 34 -3.04 -16.31 -42.53
N ASN N 35 -1.78 -16.18 -42.94
CA ASN N 35 -0.86 -17.30 -42.81
C ASN N 35 -0.03 -17.15 -41.53
N LEU N 36 0.02 -18.21 -40.70
CA LEU N 36 0.85 -18.25 -39.50
C LEU N 36 2.19 -18.84 -39.95
N VAL N 37 3.26 -18.02 -39.95
CA VAL N 37 4.55 -18.48 -40.48
C VAL N 37 5.65 -18.40 -39.43
N LEU N 38 6.42 -19.50 -39.30
CA LEU N 38 7.60 -19.55 -38.46
C LEU N 38 8.83 -19.37 -39.37
N TYR N 39 9.46 -18.19 -39.31
CA TYR N 39 10.68 -17.88 -40.04
C TYR N 39 11.83 -18.20 -39.11
N GLY N 40 12.49 -19.32 -39.35
CA GLY N 40 13.57 -19.75 -38.50
C GLY N 40 13.83 -21.24 -38.69
N GLY N 41 14.75 -21.78 -37.90
CA GLY N 41 15.13 -23.18 -38.02
C GLY N 41 15.84 -23.45 -39.33
N LYS N 42 15.55 -24.59 -39.98
CA LYS N 42 16.12 -25.01 -41.26
C LYS N 42 15.08 -24.89 -42.40
N TYR N 43 13.86 -25.40 -42.16
CA TYR N 43 12.77 -25.40 -43.16
C TYR N 43 11.71 -24.36 -42.85
N GLY N 44 11.65 -23.94 -41.60
CA GLY N 44 10.60 -23.05 -41.13
C GLY N 44 9.30 -23.85 -41.06
N TRP N 45 8.17 -23.16 -40.94
CA TRP N 45 6.85 -23.77 -40.86
C TRP N 45 5.78 -22.77 -41.26
N GLN N 46 4.64 -23.28 -41.76
CA GLN N 46 3.51 -22.45 -42.11
C GLN N 46 2.20 -23.19 -41.80
N SER N 47 1.15 -22.44 -41.47
CA SER N 47 -0.18 -23.03 -41.26
C SER N 47 -0.79 -23.36 -42.64
N ASN N 48 -0.21 -22.79 -43.72
CA ASN N 48 -0.58 -22.91 -45.14
C ASN N 48 -2.02 -22.42 -45.33
N THR N 49 -2.30 -21.18 -44.88
CA THR N 49 -3.65 -20.59 -44.91
C THR N 49 -3.66 -19.18 -45.54
N HIS N 50 -2.65 -18.86 -46.38
CA HIS N 50 -2.54 -17.59 -47.11
C HIS N 50 -3.84 -17.34 -47.88
N GLY N 51 -4.44 -16.17 -47.64
CA GLY N 51 -5.67 -15.70 -48.27
C GLY N 51 -6.97 -16.40 -47.89
N ASN N 52 -6.97 -17.22 -46.81
CA ASN N 52 -8.16 -17.98 -46.39
C ASN N 52 -9.18 -17.12 -45.64
N GLY N 53 -8.76 -15.94 -45.20
CA GLY N 53 -9.58 -15.00 -44.45
C GLY N 53 -8.96 -13.63 -44.29
N GLU N 54 -9.74 -12.66 -43.83
CA GLU N 54 -9.30 -11.28 -43.65
C GLU N 54 -9.24 -10.91 -42.18
N HIS N 55 -8.24 -10.08 -41.80
CA HIS N 55 -7.99 -9.58 -40.44
C HIS N 55 -7.93 -10.77 -39.44
N CYS N 56 -7.18 -11.81 -39.83
CA CYS N 56 -7.05 -13.02 -39.01
C CYS N 56 -6.24 -12.77 -37.74
N PHE N 57 -6.64 -13.46 -36.66
CA PHE N 57 -5.93 -13.38 -35.40
C PHE N 57 -5.70 -14.76 -34.82
N LEU N 58 -4.67 -14.85 -34.00
CA LEU N 58 -4.20 -16.05 -33.33
C LEU N 58 -4.46 -15.93 -31.86
N ARG N 59 -5.12 -16.94 -31.29
CA ARG N 59 -5.42 -16.91 -29.87
C ARG N 59 -5.26 -18.29 -29.24
N LEU N 60 -4.55 -18.35 -28.11
CA LEU N 60 -4.39 -19.58 -27.33
C LEU N 60 -5.44 -19.55 -26.24
N ASN N 61 -6.26 -20.62 -26.14
CA ASN N 61 -7.32 -20.67 -25.14
C ASN N 61 -6.84 -21.36 -23.83
N HIS N 62 -7.78 -21.57 -22.91
CA HIS N 62 -7.49 -22.17 -21.61
C HIS N 62 -7.70 -23.70 -21.62
N LYS N 63 -7.51 -24.32 -22.80
CA LYS N 63 -7.51 -25.78 -23.01
C LYS N 63 -6.27 -26.17 -23.83
N GLY N 64 -5.38 -25.21 -24.09
CA GLY N 64 -4.16 -25.41 -24.85
C GLY N 64 -4.33 -25.58 -26.34
N GLU N 65 -5.45 -25.08 -26.88
CA GLU N 65 -5.74 -25.12 -28.30
C GLU N 65 -5.38 -23.77 -28.90
N LEU N 66 -4.52 -23.79 -29.94
CA LEU N 66 -4.10 -22.57 -30.63
C LEU N 66 -4.94 -22.46 -31.87
N ILE N 67 -5.71 -21.36 -32.01
CA ILE N 67 -6.62 -21.22 -33.14
C ILE N 67 -6.40 -19.93 -33.91
N ILE N 68 -6.55 -20.01 -35.26
CA ILE N 68 -6.57 -18.87 -36.16
C ILE N 68 -8.03 -18.65 -36.52
N LYS N 69 -8.48 -17.45 -36.28
CA LYS N 69 -9.84 -17.02 -36.57
C LYS N 69 -9.80 -15.86 -37.53
N ASP N 70 -10.76 -15.77 -38.44
CA ASP N 70 -10.86 -14.59 -39.30
C ASP N 70 -11.66 -13.53 -38.54
N ASP N 71 -11.95 -12.40 -39.21
CA ASP N 71 -12.63 -11.26 -38.59
C ASP N 71 -14.04 -11.59 -38.12
N ASP N 72 -14.69 -12.59 -38.76
CA ASP N 72 -16.05 -13.04 -38.45
C ASP N 72 -16.05 -14.28 -37.53
N PHE N 73 -14.89 -14.61 -36.91
CA PHE N 73 -14.67 -15.76 -36.02
C PHE N 73 -14.90 -17.11 -36.75
N LYS N 74 -14.54 -17.16 -38.05
CA LYS N 74 -14.57 -18.43 -38.75
C LYS N 74 -13.19 -19.05 -38.49
N THR N 75 -13.18 -20.31 -38.04
CA THR N 75 -11.93 -21.05 -37.80
C THR N 75 -11.23 -21.24 -39.14
N ILE N 76 -9.94 -20.89 -39.17
CA ILE N 76 -9.06 -20.99 -40.34
C ILE N 76 -8.07 -22.14 -40.13
N TRP N 77 -7.63 -22.29 -38.87
CA TRP N 77 -6.65 -23.31 -38.49
C TRP N 77 -6.75 -23.58 -36.99
N SER N 78 -6.42 -24.81 -36.59
CA SER N 78 -6.36 -25.18 -35.19
C SER N 78 -5.20 -26.12 -34.96
N SER N 79 -4.53 -25.97 -33.81
CA SER N 79 -3.43 -26.85 -33.42
C SER N 79 -3.99 -28.23 -33.08
N ASN N 80 -5.32 -28.32 -32.81
CA ASN N 80 -6.08 -29.52 -32.45
C ASN N 80 -5.44 -30.19 -31.21
N SER N 81 -4.99 -29.37 -30.24
CA SER N 81 -4.30 -29.86 -29.05
C SER N 81 -5.06 -29.56 -27.73
N SER N 82 -6.39 -29.63 -27.77
CA SER N 82 -7.26 -29.40 -26.63
C SER N 82 -6.98 -30.43 -25.52
N SER N 83 -6.65 -29.93 -24.32
CA SER N 83 -6.32 -30.73 -23.15
C SER N 83 -7.07 -30.20 -21.89
N LYS N 84 -6.58 -30.54 -20.66
CA LYS N 84 -7.19 -30.17 -19.38
C LYS N 84 -7.37 -28.65 -19.20
N GLN N 85 -8.52 -28.23 -18.64
CA GLN N 85 -8.80 -26.81 -18.39
C GLN N 85 -7.72 -26.20 -17.47
N GLY N 86 -7.26 -25.00 -17.81
CA GLY N 86 -6.23 -24.31 -17.04
C GLY N 86 -5.47 -23.29 -17.84
N ASP N 87 -4.39 -22.75 -17.26
CA ASP N 87 -3.54 -21.74 -17.90
C ASP N 87 -2.45 -22.38 -18.74
N TYR N 88 -2.29 -21.90 -19.99
CA TYR N 88 -1.31 -22.44 -20.92
C TYR N 88 -0.37 -21.35 -21.43
N VAL N 89 0.75 -21.77 -22.00
CA VAL N 89 1.70 -20.83 -22.58
C VAL N 89 2.27 -21.42 -23.86
N LEU N 90 2.35 -20.58 -24.89
CA LEU N 90 3.06 -20.90 -26.11
C LEU N 90 4.43 -20.24 -26.00
N ILE N 91 5.50 -20.98 -26.20
CA ILE N 91 6.86 -20.41 -26.14
C ILE N 91 7.56 -20.61 -27.47
N LEU N 92 8.07 -19.51 -28.04
CA LEU N 92 8.96 -19.60 -29.20
C LEU N 92 10.35 -19.66 -28.55
N ARG N 93 10.82 -20.90 -28.41
CA ARG N 93 12.04 -21.26 -27.73
C ARG N 93 13.26 -20.85 -28.52
N GLN N 93 10.82 -20.90 -28.41
CA GLN N 93 12.04 -21.26 -27.73
C GLN N 93 13.26 -20.85 -28.52
N ASP N 94 14.35 -20.61 -27.81
CA ASP N 94 15.64 -20.25 -28.40
C ASP N 94 16.12 -21.29 -29.44
N ASP N 95 15.71 -22.56 -29.29
CA ASP N 95 16.13 -23.60 -30.24
C ASP N 95 15.16 -23.70 -31.46
N GLY N 96 14.26 -22.72 -31.64
CA GLY N 96 13.37 -22.66 -32.80
C GLY N 96 12.03 -23.35 -32.71
N PHE N 97 11.89 -24.36 -31.80
CA PHE N 97 10.58 -25.01 -31.64
C PHE N 97 9.56 -24.05 -31.00
N ALA N 98 8.31 -24.12 -31.45
CA ALA N 98 7.25 -23.34 -30.81
C ALA N 98 6.39 -24.36 -30.14
N VAL N 99 6.37 -24.33 -28.81
CA VAL N 99 5.70 -25.39 -28.07
C VAL N 99 4.62 -24.81 -27.16
N ILE N 100 3.46 -25.48 -27.09
CA ILE N 100 2.42 -25.09 -26.14
C ILE N 100 2.56 -25.99 -24.91
N TYR N 101 2.68 -25.38 -23.72
CA TYR N 101 2.80 -26.11 -22.45
C TYR N 101 1.63 -25.77 -21.56
N GLY N 102 1.11 -26.78 -20.88
CA GLY N 102 0.04 -26.57 -19.92
C GLY N 102 -0.70 -27.83 -19.51
N PRO N 103 -1.55 -27.73 -18.46
CA PRO N 103 -1.82 -26.52 -17.67
C PRO N 103 -0.73 -26.17 -16.64
N ALA N 104 -0.86 -24.98 -16.04
CA ALA N 104 0.00 -24.49 -14.96
C ALA N 104 -0.22 -25.42 -13.78
N ILE N 105 0.86 -26.03 -13.27
CA ILE N 105 0.72 -27.00 -12.19
C ILE N 105 1.31 -26.47 -10.88
N TRP N 106 2.13 -25.40 -10.94
CA TRP N 106 2.75 -24.83 -9.74
C TRP N 106 3.06 -23.35 -9.96
N GLU N 107 2.94 -22.52 -8.91
CA GLU N 107 3.25 -21.08 -9.00
C GLU N 107 3.82 -20.53 -7.68
N THR N 108 4.61 -19.45 -7.74
CA THR N 108 5.19 -18.81 -6.55
C THR N 108 4.17 -17.94 -5.78
N SER N 109 3.07 -17.54 -6.45
CA SER N 109 2.04 -16.70 -5.83
C SER N 109 0.68 -17.02 -6.42
N LEU O 1 -12.37 19.54 -25.01
CA LEU O 1 -12.09 18.52 -26.01
C LEU O 1 -11.44 17.29 -25.42
N GLY O 2 -11.47 16.18 -26.18
CA GLY O 2 -10.74 14.97 -25.83
C GLY O 2 -9.28 15.28 -26.12
N THR O 3 -8.33 14.53 -25.53
CA THR O 3 -6.91 14.84 -25.78
C THR O 3 -6.41 14.33 -27.13
N ASN O 4 -7.13 13.37 -27.74
CA ASN O 4 -6.62 12.74 -28.96
C ASN O 4 -7.68 12.52 -30.05
N TYR O 5 -8.82 13.21 -29.96
CA TYR O 5 -9.86 13.11 -30.97
C TYR O 5 -10.66 14.39 -31.04
N LEU O 6 -11.27 14.61 -32.21
CA LEU O 6 -12.13 15.74 -32.45
C LEU O 6 -13.40 15.20 -33.07
N LEU O 7 -14.54 15.50 -32.41
CA LEU O 7 -15.88 15.08 -32.86
C LEU O 7 -16.51 16.13 -33.75
N SER O 8 -17.41 15.71 -34.66
CA SER O 8 -18.07 16.67 -35.54
C SER O 8 -18.94 17.59 -34.68
N GLY O 9 -18.83 18.88 -34.96
CA GLY O 9 -19.49 19.91 -34.16
C GLY O 9 -18.52 20.59 -33.21
N GLN O 10 -17.41 19.92 -32.88
CA GLN O 10 -16.40 20.47 -31.96
C GLN O 10 -15.37 21.28 -32.73
N THR O 11 -14.59 22.09 -32.01
CA THR O 11 -13.57 22.93 -32.65
C THR O 11 -12.22 22.80 -31.96
N LEU O 12 -11.17 22.56 -32.75
CA LEU O 12 -9.80 22.60 -32.26
C LEU O 12 -9.37 24.04 -32.50
N ASN O 13 -9.37 24.84 -31.44
CA ASN O 13 -9.12 26.27 -31.48
C ASN O 13 -7.64 26.60 -31.79
N THR O 14 -7.35 27.88 -32.10
CA THR O 14 -5.98 28.31 -32.43
C THR O 14 -5.03 27.95 -31.30
N ASP O 15 -3.89 27.35 -31.66
CA ASP O 15 -2.80 26.90 -30.78
C ASP O 15 -3.20 25.65 -29.95
N GLY O 16 -4.34 25.04 -30.29
CA GLY O 16 -4.81 23.82 -29.63
C GLY O 16 -4.07 22.58 -30.14
N HIS O 17 -4.03 21.52 -29.29
CA HIS O 17 -3.37 20.25 -29.61
C HIS O 17 -4.26 19.03 -29.53
N LEU O 18 -3.94 18.03 -30.34
CA LEU O 18 -4.40 16.64 -30.25
C LEU O 18 -3.11 15.85 -30.17
N LYS O 19 -2.97 14.98 -29.17
CA LYS O 19 -1.69 14.31 -28.97
C LYS O 19 -1.87 12.86 -28.56
N ASN O 20 -1.02 11.99 -29.10
CA ASN O 20 -0.97 10.57 -28.79
C ASN O 20 0.50 10.14 -28.84
N GLY O 21 1.11 10.03 -27.67
CA GLY O 21 2.54 9.71 -27.53
C GLY O 21 3.38 10.84 -28.10
N ASP O 22 4.31 10.53 -29.00
CA ASP O 22 5.18 11.54 -29.64
C ASP O 22 4.48 12.34 -30.77
N PHE O 23 3.31 11.91 -31.18
CA PHE O 23 2.58 12.54 -32.29
C PHE O 23 1.72 13.65 -31.76
N ASP O 24 2.02 14.87 -32.21
CA ASP O 24 1.38 16.07 -31.70
C ASP O 24 0.77 16.90 -32.83
N LEU O 25 -0.58 16.92 -32.90
CA LEU O 25 -1.29 17.68 -33.94
C LEU O 25 -1.59 19.06 -33.42
N VAL O 26 -1.06 20.08 -34.09
CA VAL O 26 -1.23 21.46 -33.62
C VAL O 26 -1.92 22.33 -34.68
N MET O 27 -3.01 23.01 -34.29
CA MET O 27 -3.70 24.00 -35.12
C MET O 27 -3.02 25.29 -34.76
N GLN O 28 -1.97 25.67 -35.50
CA GLN O 28 -1.12 26.79 -35.11
C GLN O 28 -1.69 28.19 -35.37
N ASN O 29 -1.08 29.19 -34.69
CA ASN O 29 -1.35 30.63 -34.83
C ASN O 29 -1.08 31.15 -36.26
N ASP O 30 -0.25 30.45 -37.06
CA ASP O 30 0.07 30.85 -38.44
C ASP O 30 -0.91 30.23 -39.46
N CYS O 31 -1.98 29.53 -38.98
CA CYS O 31 -3.03 28.84 -39.77
C CYS O 31 -2.55 27.46 -40.29
N ASN O 32 -1.28 27.05 -40.01
CA ASN O 32 -0.83 25.74 -40.45
C ASN O 32 -1.23 24.65 -39.43
N LEU O 33 -1.81 23.55 -39.91
CA LEU O 33 -2.16 22.40 -39.10
C LEU O 33 -1.06 21.38 -39.33
N VAL O 34 -0.20 21.19 -38.34
CA VAL O 34 0.99 20.36 -38.44
C VAL O 34 0.90 19.16 -37.51
N LEU O 35 1.16 17.96 -38.04
CA LEU O 35 1.20 16.74 -37.24
C LEU O 35 2.68 16.48 -36.94
N TYR O 36 3.16 16.98 -35.77
CA TYR O 36 4.57 16.86 -35.45
C TYR O 36 4.90 15.40 -35.23
N ASN O 37 5.98 14.93 -35.91
CA ASN O 37 6.50 13.54 -35.91
C ASN O 37 5.67 12.59 -36.80
N GLY O 38 4.60 13.11 -37.41
CA GLY O 38 3.71 12.35 -38.28
C GLY O 38 3.92 12.58 -39.77
N ASN O 39 4.89 13.44 -40.12
CA ASN O 39 5.23 13.79 -41.50
C ASN O 39 3.97 14.19 -42.29
N TRP O 40 3.22 15.17 -41.76
CA TRP O 40 2.01 15.69 -42.39
C TRP O 40 1.70 17.08 -41.90
N GLN O 41 1.16 17.90 -42.79
CA GLN O 41 0.67 19.24 -42.53
C GLN O 41 -0.35 19.63 -43.58
N SER O 42 -1.23 20.56 -43.24
CA SER O 42 -2.18 21.09 -44.20
C SER O 42 -1.47 22.02 -45.20
N ASN O 43 -0.26 22.56 -44.83
CA ASN O 43 0.55 23.46 -45.65
C ASN O 43 -0.26 24.75 -45.93
N THR O 44 -0.89 25.25 -44.86
CA THR O 44 -1.73 26.44 -44.92
C THR O 44 -1.13 27.58 -44.08
N ALA O 45 0.21 27.59 -43.86
CA ALA O 45 0.83 28.70 -43.14
C ALA O 45 0.61 30.01 -43.90
N ASN O 46 0.43 31.13 -43.18
CA ASN O 46 0.19 32.47 -43.77
C ASN O 46 -1.10 32.58 -44.60
N ASN O 47 -2.10 31.70 -44.34
CA ASN O 47 -3.39 31.70 -45.04
C ASN O 47 -4.50 32.34 -44.19
N GLY O 48 -4.13 32.88 -43.03
CA GLY O 48 -5.07 33.53 -42.13
C GLY O 48 -4.64 33.58 -40.70
N ARG O 49 -5.43 34.28 -39.88
CA ARG O 49 -5.22 34.45 -38.44
C ARG O 49 -6.41 33.89 -37.67
N ASP O 50 -6.16 33.45 -36.41
CA ASP O 50 -7.12 32.87 -35.46
C ASP O 50 -7.89 31.72 -36.12
N CYS O 51 -7.13 30.87 -36.83
CA CYS O 51 -7.66 29.72 -37.56
C CYS O 51 -8.09 28.62 -36.61
N LYS O 52 -9.12 27.88 -37.01
CA LYS O 52 -9.70 26.81 -36.22
C LYS O 52 -9.98 25.58 -37.07
N LEU O 53 -9.89 24.40 -36.46
CA LEU O 53 -10.18 23.14 -37.13
C LEU O 53 -11.52 22.59 -36.66
N THR O 54 -12.40 22.32 -37.64
CA THR O 54 -13.73 21.76 -37.42
C THR O 54 -13.90 20.47 -38.22
N LEU O 55 -14.98 19.76 -37.96
CA LEU O 55 -15.29 18.50 -38.61
C LEU O 55 -16.76 18.52 -38.92
N THR O 56 -17.10 18.48 -40.23
CA THR O 56 -18.49 18.53 -40.69
C THR O 56 -19.24 17.25 -40.35
N ASP O 57 -20.57 17.28 -40.55
CA ASP O 57 -21.46 16.14 -40.38
C ASP O 57 -21.36 15.18 -41.58
N TYR O 58 -20.37 15.41 -42.48
CA TYR O 58 -20.09 14.58 -43.63
C TYR O 58 -18.65 14.01 -43.52
N GLY O 59 -17.98 14.34 -42.42
CA GLY O 59 -16.65 13.84 -42.08
C GLY O 59 -15.50 14.56 -42.74
N GLU O 60 -15.76 15.80 -43.17
CA GLU O 60 -14.72 16.62 -43.78
C GLU O 60 -14.08 17.50 -42.69
N LEU O 61 -12.74 17.49 -42.66
CA LEU O 61 -11.92 18.34 -41.78
C LEU O 61 -11.80 19.66 -42.48
N VAL O 62 -12.06 20.74 -41.74
CA VAL O 62 -12.10 22.08 -42.34
C VAL O 62 -11.33 23.06 -41.45
N ILE O 63 -10.39 23.81 -42.06
CA ILE O 63 -9.67 24.92 -41.44
C ILE O 63 -10.33 26.19 -41.91
N LYS O 64 -10.76 27.03 -40.97
CA LYS O 64 -11.37 28.33 -41.25
C LYS O 64 -10.56 29.37 -40.55
N ASN O 65 -10.38 30.57 -41.16
CA ASN O 65 -9.64 31.65 -40.50
C ASN O 65 -10.60 32.36 -39.52
N GLY O 66 -10.11 33.37 -38.78
CA GLY O 66 -10.88 34.11 -37.79
C GLY O 66 -12.23 34.64 -38.24
N ASP O 67 -12.31 35.08 -39.50
CA ASP O 67 -13.53 35.64 -40.09
C ASP O 67 -14.40 34.56 -40.79
N GLY O 68 -14.18 33.29 -40.44
CA GLY O 68 -14.96 32.15 -40.90
C GLY O 68 -14.82 31.71 -42.34
N SER O 69 -13.79 32.16 -43.08
CA SER O 69 -13.58 31.73 -44.47
C SER O 69 -12.80 30.39 -44.50
N THR O 70 -13.24 29.44 -45.35
CA THR O 70 -12.58 28.14 -45.48
C THR O 70 -11.21 28.34 -46.14
N VAL O 71 -10.18 27.84 -45.47
CA VAL O 71 -8.77 27.95 -45.87
C VAL O 71 -8.32 26.61 -46.48
N TRP O 72 -8.79 25.50 -45.90
CA TRP O 72 -8.44 24.14 -46.29
C TRP O 72 -9.57 23.20 -45.91
N ARG O 73 -9.73 22.13 -46.69
CA ARG O 73 -10.72 21.10 -46.42
C ARG O 73 -10.20 19.78 -47.00
N SER O 74 -10.40 18.67 -46.27
CA SER O 74 -9.91 17.33 -46.66
C SER O 74 -10.56 16.80 -47.94
N ARG O 75 -11.76 17.32 -48.30
CA ARG O 75 -12.59 16.96 -49.47
C ARG O 75 -12.94 15.46 -49.55
N ALA O 76 -12.69 14.70 -48.47
CA ALA O 76 -13.12 13.33 -48.35
C ALA O 76 -14.44 13.41 -47.59
N LYS O 77 -15.53 13.11 -48.29
CA LYS O 77 -16.87 13.23 -47.70
C LYS O 77 -17.61 11.91 -47.74
N SER O 78 -18.39 11.66 -46.69
CA SER O 78 -19.23 10.46 -46.64
C SER O 78 -20.67 10.87 -46.29
N VAL O 79 -21.50 9.93 -45.82
CA VAL O 79 -22.92 10.16 -45.49
C VAL O 79 -23.08 11.11 -44.31
N LYS O 80 -24.28 11.69 -44.15
CA LYS O 80 -24.56 12.58 -43.02
C LYS O 80 -24.55 11.76 -41.73
N GLY O 81 -23.92 12.31 -40.70
CA GLY O 81 -23.86 11.66 -39.39
C GLY O 81 -22.82 12.25 -38.47
N ASN O 82 -22.50 11.50 -37.39
CA ASN O 82 -21.52 11.91 -36.37
C ASN O 82 -20.17 11.27 -36.69
N TYR O 83 -19.12 12.09 -36.76
CA TYR O 83 -17.77 11.64 -37.11
C TYR O 83 -16.80 11.95 -36.01
N ALA O 84 -15.64 11.27 -36.06
CA ALA O 84 -14.54 11.48 -35.14
C ALA O 84 -13.22 11.44 -35.87
N ALA O 85 -12.40 12.47 -35.68
CA ALA O 85 -11.00 12.56 -36.17
C ALA O 85 -10.14 12.10 -35.02
N VAL O 86 -9.45 10.97 -35.18
CA VAL O 86 -8.70 10.34 -34.10
C VAL O 86 -7.22 10.32 -34.43
N LEU O 87 -6.36 10.68 -33.44
CA LEU O 87 -4.92 10.59 -33.59
C LEU O 87 -4.48 9.17 -33.19
N HIS O 88 -4.30 8.30 -34.21
CA HIS O 88 -3.93 6.90 -34.04
C HIS O 88 -2.51 6.83 -33.42
N PRO O 89 -2.24 5.90 -32.47
CA PRO O 89 -0.89 5.83 -31.85
C PRO O 89 0.27 5.60 -32.82
N ASP O 90 0.01 5.12 -34.04
CA ASP O 90 1.07 4.91 -35.02
C ASP O 90 1.41 6.20 -35.81
N GLY O 91 0.80 7.31 -35.43
CA GLY O 91 1.10 8.63 -35.98
C GLY O 91 0.29 9.13 -37.16
N ARG O 92 -0.94 8.64 -37.31
CA ARG O 92 -1.83 9.08 -38.37
C ARG O 92 -3.04 9.77 -37.76
N LEU O 93 -3.59 10.78 -38.46
CA LEU O 93 -4.87 11.36 -38.06
C LEU O 93 -5.86 10.69 -38.97
N VAL O 94 -6.91 10.10 -38.41
CA VAL O 94 -7.87 9.35 -39.22
C VAL O 94 -9.29 9.83 -38.92
N VAL O 95 -10.09 10.05 -39.98
CA VAL O 95 -11.48 10.42 -39.80
C VAL O 95 -12.30 9.13 -39.87
N PHE O 96 -13.07 8.84 -38.82
CA PHE O 96 -13.93 7.66 -38.73
C PHE O 96 -15.35 8.09 -38.68
N GLY O 97 -16.20 7.39 -39.43
CA GLY O 97 -17.62 7.68 -39.37
C GLY O 97 -18.47 7.20 -40.52
N PRO O 98 -19.80 7.26 -40.35
CA PRO O 98 -20.54 7.81 -39.20
C PRO O 98 -20.54 6.89 -37.98
N SER O 99 -21.08 7.38 -36.85
CA SER O 99 -21.22 6.58 -35.63
C SER O 99 -22.25 5.50 -35.92
N VAL O 100 -21.97 4.26 -35.50
CA VAL O 100 -22.85 3.14 -35.81
C VAL O 100 -23.44 2.53 -34.54
N PHE O 101 -22.92 2.91 -33.37
CA PHE O 101 -23.37 2.34 -32.10
C PHE O 101 -23.02 3.29 -30.99
N LYS O 102 -23.89 3.40 -30.00
CA LYS O 102 -23.63 4.29 -28.86
C LYS O 102 -24.11 3.66 -27.56
N ILE O 103 -23.21 3.63 -26.56
CA ILE O 103 -23.53 3.21 -25.20
C ILE O 103 -23.82 4.49 -24.43
N ASP O 104 -25.05 4.67 -23.95
CA ASP O 104 -25.43 5.88 -23.24
C ASP O 104 -25.60 5.61 -21.73
N PRO O 105 -24.62 6.02 -20.89
CA PRO O 105 -24.75 5.83 -19.43
C PRO O 105 -25.56 6.96 -18.75
N TRP O 106 -26.12 7.90 -19.55
CA TRP O 106 -26.88 9.03 -19.01
C TRP O 106 -28.40 8.75 -18.93
N VAL O 107 -28.87 7.73 -19.66
CA VAL O 107 -30.27 7.28 -19.66
C VAL O 107 -30.28 5.76 -19.32
N PRO O 108 -31.33 5.21 -18.67
CA PRO O 108 -31.32 3.77 -18.36
C PRO O 108 -31.39 2.89 -19.62
N ASN P 1 0.00 -6.24 -34.13
CA ASN P 1 -0.81 -5.66 -33.05
C ASN P 1 -0.64 -4.14 -33.01
N ILE P 2 -1.72 -3.44 -32.60
CA ILE P 2 -1.74 -1.98 -32.54
C ILE P 2 -1.40 -1.54 -31.10
N PRO P 3 -0.58 -0.48 -30.90
CA PRO P 3 -0.36 0.02 -29.52
C PRO P 3 -1.66 0.50 -28.86
N PHE P 4 -1.74 0.37 -27.53
CA PHE P 4 -2.94 0.71 -26.77
C PHE P 4 -2.97 2.18 -26.37
N THR P 5 -4.18 2.76 -26.43
CA THR P 5 -4.52 4.11 -26.00
C THR P 5 -5.68 3.93 -25.03
N ASP P 6 -5.54 4.47 -23.83
CA ASP P 6 -6.47 4.34 -22.71
C ASP P 6 -7.94 4.59 -23.03
N ASN P 7 -8.27 5.51 -23.97
CA ASN P 7 -9.68 5.80 -24.24
C ASN P 7 -10.16 5.26 -25.59
N LEU P 8 -9.35 4.42 -26.28
CA LEU P 8 -9.69 3.94 -27.63
C LEU P 8 -9.60 2.43 -27.75
N LEU P 9 -10.35 1.89 -28.69
CA LEU P 9 -10.29 0.48 -29.05
C LEU P 9 -10.51 0.39 -30.54
N PHE P 10 -9.42 0.11 -31.30
CA PHE P 10 -9.51 0.02 -32.76
C PHE P 10 -9.89 -1.39 -33.18
N SER P 11 -10.41 -1.55 -34.41
CA SER P 11 -10.77 -2.87 -34.95
C SER P 11 -9.61 -3.84 -34.78
N GLY P 12 -9.90 -5.03 -34.26
CA GLY P 12 -8.88 -6.05 -34.05
C GLY P 12 -8.30 -6.06 -32.65
N GLN P 13 -8.44 -4.93 -31.89
CA GLN P 13 -7.90 -4.91 -30.51
C GLN P 13 -8.83 -5.71 -29.60
N VAL P 14 -8.28 -6.24 -28.50
CA VAL P 14 -9.11 -7.03 -27.59
C VAL P 14 -8.95 -6.55 -26.14
N LEU P 15 -10.03 -6.66 -25.35
CA LEU P 15 -10.03 -6.37 -23.92
C LEU P 15 -10.53 -7.60 -23.20
N TYR P 16 -9.92 -7.94 -22.08
CA TYR P 16 -10.30 -9.09 -21.27
C TYR P 16 -9.68 -8.97 -19.88
N GLY P 17 -10.12 -9.83 -18.96
CA GLY P 17 -9.60 -9.91 -17.59
C GLY P 17 -9.44 -8.59 -16.87
N ASP P 18 -10.52 -7.78 -16.87
CA ASP P 18 -10.59 -6.44 -16.28
C ASP P 18 -9.78 -5.37 -17.09
N GLY P 19 -9.43 -5.68 -18.33
CA GLY P 19 -8.83 -4.71 -19.25
C GLY P 19 -9.89 -3.63 -19.49
N ARG P 20 -9.48 -2.37 -19.59
CA ARG P 20 -10.52 -1.35 -19.72
C ARG P 20 -10.14 -0.11 -20.53
N LEU P 21 -11.17 0.64 -20.92
CA LEU P 21 -11.01 1.97 -21.50
C LEU P 21 -11.27 2.94 -20.36
N THR P 22 -10.55 4.05 -20.33
CA THR P 22 -10.70 5.09 -19.30
C THR P 22 -10.68 6.48 -19.90
N ALA P 23 -11.56 7.35 -19.40
CA ALA P 23 -11.68 8.77 -19.74
C ALA P 23 -12.26 9.50 -18.54
N LYS P 24 -11.46 10.40 -17.92
CA LYS P 24 -11.92 11.12 -16.73
C LYS P 24 -12.36 10.08 -15.68
N ASN P 25 -13.60 10.17 -15.15
CA ASN P 25 -14.10 9.20 -14.15
C ASN P 25 -14.72 7.96 -14.82
N HIS P 26 -14.93 8.00 -16.14
CA HIS P 26 -15.58 6.92 -16.88
C HIS P 26 -14.61 5.76 -17.14
N GLN P 27 -15.13 4.54 -16.98
CA GLN P 27 -14.40 3.31 -17.26
C GLN P 27 -15.31 2.32 -17.95
N LEU P 28 -14.82 1.72 -19.04
CA LEU P 28 -15.56 0.68 -19.76
C LEU P 28 -14.73 -0.60 -19.60
N VAL P 29 -15.18 -1.51 -18.71
CA VAL P 29 -14.40 -2.68 -18.29
C VAL P 29 -14.95 -4.01 -18.82
N MET P 30 -14.09 -4.82 -19.49
CA MET P 30 -14.46 -6.18 -19.89
C MET P 30 -14.03 -7.03 -18.71
N GLN P 31 -14.98 -7.28 -17.80
CA GLN P 31 -14.66 -7.89 -16.51
C GLN P 31 -14.38 -9.38 -16.56
N GLY P 32 -13.73 -9.86 -15.50
CA GLY P 32 -13.40 -11.28 -15.32
C GLY P 32 -14.65 -12.15 -15.24
N ASP P 33 -15.77 -11.56 -14.80
CA ASP P 33 -17.05 -12.25 -14.62
C ASP P 33 -17.92 -12.22 -15.90
N CYS P 34 -17.34 -11.84 -17.06
CA CYS P 34 -17.95 -11.81 -18.41
C CYS P 34 -18.97 -10.66 -18.58
N ASN P 35 -19.02 -9.69 -17.63
CA ASN P 35 -19.92 -8.53 -17.77
C ASN P 35 -19.14 -7.34 -18.32
N LEU P 36 -19.67 -6.69 -19.36
CA LEU P 36 -19.02 -5.49 -19.90
C LEU P 36 -19.69 -4.31 -19.20
N VAL P 37 -18.91 -3.56 -18.40
CA VAL P 37 -19.55 -2.50 -17.59
C VAL P 37 -18.96 -1.13 -17.83
N LEU P 38 -19.87 -0.16 -18.02
CA LEU P 38 -19.50 1.24 -18.09
C LEU P 38 -19.80 1.85 -16.73
N TYR P 39 -18.73 2.11 -15.96
CA TYR P 39 -18.85 2.81 -14.67
C TYR P 39 -18.69 4.27 -14.97
N GLY P 40 -19.77 5.01 -14.90
CA GLY P 40 -19.73 6.44 -15.21
C GLY P 40 -21.07 6.98 -15.59
N GLY P 41 -21.12 8.26 -15.95
CA GLY P 41 -22.37 8.93 -16.24
C GLY P 41 -23.27 9.01 -15.03
N LYS P 42 -24.57 8.92 -15.24
CA LYS P 42 -25.58 8.95 -14.19
C LYS P 42 -25.95 7.52 -13.78
N TYR P 43 -26.19 6.65 -14.75
CA TYR P 43 -26.67 5.30 -14.49
C TYR P 43 -25.65 4.23 -14.75
N GLY P 44 -24.58 4.60 -15.47
CA GLY P 44 -23.62 3.63 -15.98
C GLY P 44 -24.31 2.77 -17.03
N TRP P 45 -23.71 1.65 -17.40
CA TRP P 45 -24.29 0.71 -18.37
C TRP P 45 -23.71 -0.67 -18.13
N GLN P 46 -24.43 -1.71 -18.55
CA GLN P 46 -23.91 -3.07 -18.46
C GLN P 46 -24.47 -3.92 -19.59
N SER P 47 -23.65 -4.86 -20.10
CA SER P 47 -24.10 -5.80 -21.12
C SER P 47 -25.08 -6.81 -20.46
N ASN P 48 -25.03 -6.90 -19.10
CA ASN P 48 -25.87 -7.75 -18.25
C ASN P 48 -25.56 -9.25 -18.54
N THR P 49 -24.25 -9.55 -18.62
CA THR P 49 -23.82 -10.91 -18.96
C THR P 49 -22.94 -11.51 -17.85
N HIS P 50 -23.12 -11.04 -16.60
CA HIS P 50 -22.39 -11.56 -15.43
C HIS P 50 -22.54 -13.10 -15.39
N GLY P 51 -21.41 -13.79 -15.29
CA GLY P 51 -21.30 -15.24 -15.21
C GLY P 51 -21.74 -16.06 -16.41
N ASN P 52 -21.91 -15.41 -17.60
CA ASN P 52 -22.39 -16.13 -18.80
C ASN P 52 -21.28 -16.92 -19.51
N GLY P 53 -20.04 -16.75 -19.07
CA GLY P 53 -18.90 -17.46 -19.64
C GLY P 53 -17.62 -17.29 -18.84
N GLU P 54 -16.59 -18.03 -19.24
CA GLU P 54 -15.26 -18.03 -18.64
C GLU P 54 -14.25 -17.41 -19.60
N HIS P 55 -13.26 -16.66 -19.07
CA HIS P 55 -12.19 -15.98 -19.81
C HIS P 55 -12.76 -15.24 -21.06
N CYS P 56 -13.81 -14.44 -20.85
CA CYS P 56 -14.48 -13.69 -21.90
C CYS P 56 -13.62 -12.53 -22.42
N PHE P 57 -13.69 -12.24 -23.73
CA PHE P 57 -12.93 -11.12 -24.29
C PHE P 57 -13.82 -10.28 -25.22
N LEU P 58 -13.47 -9.02 -25.33
CA LEU P 58 -14.15 -8.03 -26.15
C LEU P 58 -13.33 -7.73 -27.38
N ARG P 59 -13.96 -7.77 -28.54
CA ARG P 59 -13.26 -7.46 -29.78
C ARG P 59 -14.14 -6.65 -30.70
N LEU P 60 -13.58 -5.58 -31.28
CA LEU P 60 -14.28 -4.78 -32.29
C LEU P 60 -13.85 -5.33 -33.66
N ASN P 61 -14.80 -5.66 -34.55
CA ASN P 61 -14.37 -6.22 -35.83
C ASN P 61 -14.23 -5.11 -36.90
N HIS P 62 -14.00 -5.52 -38.16
CA HIS P 62 -13.82 -4.63 -39.29
C HIS P 62 -15.15 -4.37 -40.02
N LYS P 63 -16.28 -4.53 -39.30
CA LYS P 63 -17.64 -4.15 -39.77
C LYS P 63 -18.32 -3.29 -38.69
N GLY P 64 -17.56 -2.83 -37.70
CA GLY P 64 -18.09 -2.00 -36.62
C GLY P 64 -18.95 -2.69 -35.58
N GLU P 65 -18.92 -4.03 -35.55
CA GLU P 65 -19.67 -4.82 -34.58
C GLU P 65 -18.74 -5.15 -33.41
N LEU P 66 -19.20 -4.87 -32.19
CA LEU P 66 -18.47 -5.13 -30.94
C LEU P 66 -19.03 -6.39 -30.32
N ILE P 67 -18.18 -7.41 -30.10
CA ILE P 67 -18.68 -8.69 -29.62
C ILE P 67 -17.96 -9.17 -28.37
N ILE P 68 -18.72 -9.83 -27.47
CA ILE P 68 -18.14 -10.51 -26.32
C ILE P 68 -18.15 -11.98 -26.65
N LYS P 69 -16.99 -12.61 -26.52
CA LYS P 69 -16.85 -14.05 -26.74
C LYS P 69 -16.32 -14.69 -25.48
N ASP P 70 -16.67 -15.96 -25.22
CA ASP P 70 -16.10 -16.70 -24.11
C ASP P 70 -14.85 -17.41 -24.66
N ASP P 71 -14.15 -18.18 -23.82
CA ASP P 71 -12.89 -18.84 -24.17
C ASP P 71 -13.01 -19.82 -25.35
N ASP P 72 -14.22 -20.37 -25.58
CA ASP P 72 -14.48 -21.30 -26.69
C ASP P 72 -15.14 -20.56 -27.87
N PHE P 73 -15.06 -19.21 -27.90
CA PHE P 73 -15.65 -18.34 -28.95
C PHE P 73 -17.20 -18.49 -29.07
N LYS P 74 -17.89 -18.71 -27.94
CA LYS P 74 -19.33 -18.68 -27.94
C LYS P 74 -19.73 -17.21 -27.76
N THR P 75 -20.62 -16.70 -28.63
CA THR P 75 -21.08 -15.31 -28.55
C THR P 75 -21.86 -15.12 -27.25
N ILE P 76 -21.44 -14.13 -26.46
CA ILE P 76 -22.02 -13.79 -25.17
C ILE P 76 -22.90 -12.55 -25.32
N TRP P 77 -22.48 -11.62 -26.18
CA TRP P 77 -23.16 -10.37 -26.43
C TRP P 77 -22.62 -9.76 -27.70
N SER P 78 -23.45 -8.99 -28.38
CA SER P 78 -23.08 -8.29 -29.59
C SER P 78 -23.75 -6.94 -29.62
N SER P 79 -23.07 -5.94 -30.18
CA SER P 79 -23.60 -4.60 -30.35
C SER P 79 -24.69 -4.59 -31.42
N ASN P 80 -24.71 -5.63 -32.30
CA ASN P 80 -25.64 -5.79 -33.45
C ASN P 80 -25.57 -4.53 -34.32
N SER P 81 -24.35 -4.01 -34.53
CA SER P 81 -24.12 -2.81 -35.32
C SER P 81 -23.25 -3.13 -36.54
N SER P 82 -23.36 -4.38 -37.08
CA SER P 82 -22.59 -4.77 -38.26
C SER P 82 -22.91 -3.80 -39.41
N SER P 83 -21.85 -3.20 -39.97
CA SER P 83 -21.95 -2.16 -40.99
C SER P 83 -20.97 -2.43 -42.18
N LYS P 84 -20.61 -1.40 -42.96
CA LYS P 84 -19.70 -1.50 -44.12
C LYS P 84 -18.30 -1.99 -43.69
N GLN P 85 -17.64 -2.78 -44.55
CA GLN P 85 -16.27 -3.24 -44.25
C GLN P 85 -15.29 -2.05 -44.24
N GLY P 86 -14.40 -2.02 -43.26
CA GLY P 86 -13.39 -0.99 -43.11
C GLY P 86 -12.80 -0.99 -41.72
N ASP P 87 -12.07 0.04 -41.36
CA ASP P 87 -11.45 0.21 -40.04
C ASP P 87 -12.35 1.03 -39.13
N TYR P 88 -12.60 0.55 -37.90
CA TYR P 88 -13.49 1.24 -36.95
C TYR P 88 -12.75 1.54 -35.66
N VAL P 89 -13.34 2.41 -34.82
CA VAL P 89 -12.77 2.76 -33.53
C VAL P 89 -13.93 2.91 -32.55
N LEU P 90 -13.74 2.39 -31.34
CA LEU P 90 -14.63 2.56 -30.20
C LEU P 90 -13.99 3.59 -29.34
N ILE P 91 -14.71 4.69 -29.07
CA ILE P 91 -14.16 5.75 -28.24
C ILE P 91 -14.94 5.89 -26.96
N LEU P 92 -14.24 5.87 -25.84
CA LEU P 92 -14.88 6.20 -24.56
C LEU P 92 -14.61 7.68 -24.39
N ARG P 93 -15.54 8.48 -24.87
CA ARG P 93 -15.50 9.93 -24.88
C ARG P 93 -15.49 10.53 -23.50
N GLN P 93 -15.54 8.48 -24.87
CA GLN P 93 -15.50 9.93 -24.88
C GLN P 93 -15.49 10.53 -23.50
N ASP P 94 -14.93 11.76 -23.39
CA ASP P 94 -14.90 12.52 -22.14
C ASP P 94 -16.30 12.79 -21.56
N ASP P 95 -17.32 12.83 -22.43
CA ASP P 95 -18.71 13.09 -22.02
C ASP P 95 -19.44 11.79 -21.61
N GLY P 96 -18.69 10.70 -21.47
CA GLY P 96 -19.20 9.43 -20.96
C GLY P 96 -19.81 8.45 -21.93
N PHE P 97 -20.15 8.90 -23.16
CA PHE P 97 -20.70 7.96 -24.14
C PHE P 97 -19.59 7.07 -24.71
N ALA P 98 -19.89 5.79 -24.95
CA ALA P 98 -18.97 4.84 -25.61
C ALA P 98 -19.52 4.67 -27.03
N VAL P 99 -18.82 5.23 -28.02
CA VAL P 99 -19.36 5.29 -29.38
C VAL P 99 -18.44 4.60 -30.38
N ILE P 100 -19.06 3.84 -31.31
CA ILE P 100 -18.32 3.17 -32.37
C ILE P 100 -18.47 4.02 -33.63
N TYR P 101 -17.35 4.44 -34.19
CA TYR P 101 -17.26 5.23 -35.42
C TYR P 101 -16.60 4.42 -36.53
N GLY P 102 -17.11 4.54 -37.74
CA GLY P 102 -16.48 3.93 -38.90
C GLY P 102 -17.38 3.78 -40.10
N PRO P 103 -16.83 3.37 -41.26
CA PRO P 103 -15.40 3.07 -41.48
C PRO P 103 -14.54 4.34 -41.55
N ALA P 104 -13.21 4.16 -41.55
CA ALA P 104 -12.25 5.23 -41.74
C ALA P 104 -12.40 5.73 -43.18
N ILE P 105 -12.56 7.04 -43.38
CA ILE P 105 -12.80 7.60 -44.72
C ILE P 105 -11.65 8.48 -45.21
N TRP P 106 -10.76 8.89 -44.30
CA TRP P 106 -9.62 9.77 -44.62
C TRP P 106 -8.51 9.54 -43.62
N GLU P 107 -7.26 9.70 -44.05
CA GLU P 107 -6.10 9.58 -43.16
C GLU P 107 -4.97 10.43 -43.69
N THR P 108 -4.06 10.88 -42.81
CA THR P 108 -2.88 11.67 -43.16
C THR P 108 -1.80 10.81 -43.83
N SER P 109 -1.78 9.50 -43.55
CA SER P 109 -0.80 8.57 -44.14
C SER P 109 -1.46 7.26 -44.53
C1 MAN Q . 1.89 -24.62 1.79
C2 MAN Q . 1.25 -25.41 2.92
C3 MAN Q . 0.03 -24.65 3.51
C4 MAN Q . 0.47 -23.25 3.93
C5 MAN Q . 1.15 -22.52 2.76
C6 MAN Q . 1.75 -21.22 3.28
O1 MAN Q . 0.97 -24.51 0.72
O2 MAN Q . 2.22 -25.62 3.97
O3 MAN Q . -0.37 -25.36 4.70
O4 MAN Q . -0.68 -22.49 4.35
O5 MAN Q . 2.26 -23.29 2.25
O6 MAN Q . 2.07 -20.40 2.15
C1 MAN Q . -1.80 -25.50 4.75
C2 MAN Q . -2.21 -25.94 6.15
C3 MAN Q . -1.66 -27.36 6.43
C4 MAN Q . -2.12 -28.35 5.37
C5 MAN Q . -1.72 -27.78 3.99
C6 MAN Q . -2.13 -28.70 2.84
O2 MAN Q . -3.66 -25.95 6.20
O3 MAN Q . -2.08 -27.84 7.73
O4 MAN Q . -1.46 -29.63 5.63
O5 MAN Q . -2.28 -26.45 3.80
O6 MAN Q . -3.55 -28.80 2.81
C1 MAN Q . 0.93 -19.75 1.56
C2 MAN Q . 1.40 -18.96 0.35
C3 MAN Q . 2.31 -17.80 0.82
C4 MAN Q . 1.61 -16.96 1.89
C5 MAN Q . 1.18 -17.89 3.01
C6 MAN Q . 0.75 -17.12 4.29
O2 MAN Q . 0.27 -18.44 -0.35
O3 MAN Q . 2.70 -16.99 -0.30
O4 MAN Q . 2.55 -15.99 2.41
O5 MAN Q . 0.25 -18.86 2.49
O6 MAN Q . -0.68 -17.03 4.38
C1 MAN R . 9.11 -3.95 50.48
C2 MAN R . 8.04 -3.27 49.59
C3 MAN R . 6.89 -4.24 49.36
C4 MAN R . 7.41 -5.54 48.72
C5 MAN R . 8.56 -6.15 49.54
C6 MAN R . 9.18 -7.25 48.67
O1 MAN R . 8.55 -4.22 51.77
O2 MAN R . 8.63 -2.88 48.34
O3 MAN R . 5.97 -3.66 48.44
O4 MAN R . 6.33 -6.49 48.66
O5 MAN R . 9.60 -5.18 49.82
O6 MAN R . 9.97 -8.13 49.47
C1 MAN R . 4.67 -3.49 49.03
C2 MAN R . 3.68 -3.06 47.94
C3 MAN R . 3.98 -1.64 47.48
C4 MAN R . 3.96 -0.70 48.68
C5 MAN R . 5.00 -1.18 49.69
C6 MAN R . 5.06 -0.26 50.90
O2 MAN R . 2.34 -3.12 48.44
O3 MAN R . 2.97 -1.22 46.53
O4 MAN R . 4.30 0.63 48.22
O5 MAN R . 4.68 -2.52 50.12
O6 MAN R . 3.80 -0.26 51.57
C1 MAN R . 9.21 -9.21 50.06
C2 MAN R . 10.19 -10.14 50.79
C3 MAN R . 11.13 -10.73 49.73
C4 MAN R . 10.31 -11.56 48.74
C5 MAN R . 9.36 -10.57 48.04
C6 MAN R . 8.56 -11.26 46.93
O2 MAN R . 9.43 -11.21 51.42
O3 MAN R . 12.18 -11.50 50.35
O4 MAN R . 11.16 -12.24 47.82
O5 MAN R . 8.48 -9.97 49.05
O6 MAN R . 7.58 -12.12 47.51
C1 MAN S . 24.08 -17.19 -38.99
C2 MAN S . 23.72 -18.11 -37.81
C3 MAN S . 22.34 -17.74 -37.26
C4 MAN S . 22.30 -16.25 -36.95
C5 MAN S . 22.75 -15.42 -38.15
C6 MAN S . 22.84 -13.93 -37.73
O1 MAN S . 23.19 -17.39 -40.08
O2 MAN S . 24.68 -17.96 -36.76
O3 MAN S . 22.08 -18.48 -36.05
O4 MAN S . 20.96 -15.93 -36.63
O5 MAN S . 24.06 -15.83 -38.59
O6 MAN S . 23.20 -13.12 -38.86
C1 MAN S . 20.79 -19.14 -36.05
C2 MAN S . 20.50 -19.62 -34.62
C3 MAN S . 21.47 -20.76 -34.25
C4 MAN S . 21.35 -21.89 -35.26
C5 MAN S . 21.66 -21.33 -36.67
C6 MAN S . 21.59 -22.45 -37.70
O2 MAN S . 19.14 -20.07 -34.51
O3 MAN S . 21.10 -21.30 -32.96
O4 MAN S . 22.28 -22.97 -34.90
O5 MAN S . 20.74 -20.25 -37.01
O6 MAN S . 20.25 -22.92 -37.80
C1 MAN S . 22.02 -12.82 -39.69
C2 MAN S . 22.40 -12.28 -41.10
C3 MAN S . 22.94 -10.85 -41.03
C4 MAN S . 22.05 -9.95 -40.18
C5 MAN S . 21.85 -10.62 -38.84
C6 MAN S . 21.07 -9.71 -37.89
O2 MAN S . 21.25 -12.33 -41.96
O3 MAN S . 23.09 -10.28 -42.35
O4 MAN S . 22.72 -8.69 -39.98
O5 MAN S . 21.17 -11.87 -39.04
O6 MAN S . 19.70 -9.70 -38.24
C1 MAN T . 22.47 8.29 7.64
C2 MAN T . 21.32 8.60 6.68
C3 MAN T . 20.43 7.36 6.51
C4 MAN T . 21.27 6.18 6.05
C5 MAN T . 22.45 5.93 6.95
C6 MAN T . 23.37 4.96 6.19
O1 MAN T . 21.93 7.98 8.94
O2 MAN T . 21.83 9.02 5.39
O3 MAN T . 19.45 7.63 5.50
O4 MAN T . 20.47 4.99 6.02
O5 MAN T . 23.22 7.13 7.15
O6 MAN T . 24.34 4.47 7.10
C1 MAN T . 18.14 7.30 5.96
C2 MAN T . 17.16 7.39 4.79
C3 MAN T . 17.13 8.83 4.27
C4 MAN T . 16.75 9.79 5.43
C5 MAN T . 17.73 9.60 6.59
C6 MAN T . 17.39 10.52 7.77
O2 MAN T . 15.85 7.01 5.26
O3 MAN T . 16.21 8.93 3.19
O4 MAN T . 16.81 11.16 4.97
O5 MAN T . 17.71 8.21 7.01
O6 MAN T . 18.08 10.08 8.94
C1 MAN T . 23.89 3.27 7.75
C2 MAN T . 25.02 2.76 8.67
C3 MAN T . 26.21 2.29 7.79
C4 MAN T . 25.74 1.29 6.74
C5 MAN T . 24.60 1.89 5.91
C6 MAN T . 24.14 0.91 4.83
O2 MAN T . 24.53 1.63 9.45
O3 MAN T . 27.22 1.68 8.61
O4 MAN T . 26.83 0.91 5.89
O5 MAN T . 23.51 2.22 6.80
O6 MAN T . 23.75 -0.32 5.44
C1 MAN U . -27.64 15.06 37.54
C2 MAN U . -27.81 15.68 36.12
C3 MAN U . -27.64 14.58 35.05
C4 MAN U . -26.34 13.83 35.26
C5 MAN U . -26.22 13.32 36.72
C6 MAN U . -24.83 12.71 36.90
O1 MAN U . -28.67 14.09 37.76
O2 MAN U . -26.81 16.71 35.94
O3 MAN U . -27.58 15.17 33.75
O4 MAN U . -26.34 12.71 34.36
O5 MAN U . -26.36 14.42 37.65
O6 MAN U . -24.69 12.23 38.23
C1 MAN U . -28.44 14.54 32.83
C2 MAN U . -28.08 15.03 31.43
C3 MAN U . -28.47 16.48 31.27
C4 MAN U . -29.97 16.67 31.57
C5 MAN U . -30.25 16.19 33.01
C6 MAN U . -31.74 16.37 33.32
O2 MAN U . -28.78 14.23 30.44
O3 MAN U . -28.18 16.93 29.93
O4 MAN U . -30.30 18.07 31.48
O5 MAN U . -29.85 14.80 33.16
O6 MAN U . -32.51 15.52 32.48
C1 MAN U . -25.19 10.89 38.37
C2 MAN U . -25.29 10.50 39.86
C3 MAN U . -23.91 10.11 40.44
C4 MAN U . -23.07 9.23 39.51
C5 MAN U . -23.08 9.81 38.10
C6 MAN U . -22.28 8.89 37.16
O2 MAN U . -26.24 9.42 40.02
O3 MAN U . -24.09 9.47 41.74
O4 MAN U . -21.73 9.25 39.99
O5 MAN U . -24.44 9.92 37.64
O6 MAN U . -21.48 9.67 36.23
C1 MAN V . 17.54 15.46 9.69
C2 MAN V . 16.90 14.08 9.87
C3 MAN V . 15.55 14.02 9.13
C4 MAN V . 14.65 15.17 9.58
C5 MAN V . 15.34 16.52 9.51
C6 MAN V . 14.43 17.50 10.25
O1 MAN V . 17.85 15.65 8.30
O2 MAN V . 16.72 13.82 11.27
O3 MAN V . 14.89 12.79 9.46
O4 MAN V . 13.48 15.21 8.75
O5 MAN V . 16.64 16.50 10.18
O6 MAN V . 14.83 18.84 9.95
C1 MAN V . 14.20 19.29 8.73
C2 MAN V . 14.69 20.71 8.44
C3 MAN V . 14.23 21.62 9.60
C4 MAN V . 12.71 21.54 9.78
C5 MAN V . 12.29 20.07 9.97
C6 MAN V . 10.78 19.97 10.14
O2 MAN V . 14.09 21.17 7.21
O3 MAN V . 14.65 22.97 9.39
O4 MAN V . 12.34 22.29 10.94
O5 MAN V . 12.76 19.28 8.84
O6 MAN V . 10.12 20.37 8.94
C1 MAN W . -17.55 15.25 -8.80
C2 MAN W . -17.72 15.58 -10.31
C3 MAN W . -17.24 14.40 -11.17
C4 MAN W . -15.81 14.03 -10.80
C5 MAN W . -15.68 13.77 -9.29
C6 MAN W . -14.20 13.67 -8.91
O1 MAN W . -18.43 14.19 -8.45
O2 MAN W . -16.97 16.76 -10.64
O3 MAN W . -17.21 14.84 -12.55
O4 MAN W . -15.39 12.85 -11.56
O5 MAN W . -16.18 14.88 -8.50
O6 MAN W . -14.11 13.20 -7.55
C1 MAN W . -17.77 13.86 -13.41
C2 MAN W . -17.46 14.23 -14.86
C3 MAN W . -18.16 15.56 -15.21
C4 MAN W . -19.67 15.41 -15.00
C5 MAN W . -19.92 15.02 -13.52
C6 MAN W . -21.41 14.79 -13.25
O2 MAN W . -17.93 13.18 -15.72
O3 MAN W . -17.87 15.87 -16.60
O4 MAN W . -20.35 16.66 -15.32
O5 MAN W . -19.21 13.81 -13.20
O6 MAN W . -21.85 13.61 -13.92
C1 MAN W . -14.37 11.80 -7.44
C2 MAN W . -14.35 11.39 -5.96
C3 MAN W . -12.96 11.66 -5.37
C4 MAN W . -11.88 10.97 -6.22
C5 MAN W . -12.05 11.44 -7.65
C6 MAN W . -10.83 11.16 -8.54
O2 MAN W . -14.67 9.99 -5.82
O3 MAN W . -12.92 11.22 -4.01
O4 MAN W . -10.58 11.34 -5.73
O5 MAN W . -13.34 11.05 -8.15
O6 MAN W . -11.08 10.12 -9.49
C1 MAN X . 28.04 26.28 -34.12
C2 MAN X . 27.69 24.79 -33.85
C3 MAN X . 26.48 24.39 -34.68
C4 MAN X . 25.28 25.28 -34.36
C5 MAN X . 25.63 26.77 -34.49
C6 MAN X . 24.52 27.55 -33.78
O1 MAN X . 28.40 26.46 -35.50
O2 MAN X . 27.40 24.62 -32.43
O3 MAN X . 26.09 23.05 -34.37
O4 MAN X . 24.19 24.96 -35.26
O5 MAN X . 26.88 27.11 -33.80
O6 MAN X . 24.55 28.93 -34.18
C1 MAN X . 25.98 22.22 -35.54
C2 MAN X . 25.45 20.84 -35.12
C3 MAN X . 26.40 20.16 -34.12
C4 MAN X . 27.83 20.10 -34.69
C5 MAN X . 28.28 21.47 -35.22
C6 MAN X . 29.62 21.32 -35.95
O2 MAN X . 25.30 20.00 -36.28
O3 MAN X . 25.94 18.82 -33.88
O4 MAN X . 28.71 19.69 -33.63
O5 MAN X . 27.29 22.03 -36.14
O6 MAN X . 30.39 22.53 -35.80
C1 MAN X . 23.80 29.12 -35.41
C2 MAN X . 23.81 30.63 -35.73
C3 MAN X . 22.93 31.36 -34.70
C4 MAN X . 21.52 30.76 -34.70
C5 MAN X . 21.63 29.28 -34.35
C6 MAN X . 20.24 28.66 -34.17
O2 MAN X . 23.32 30.82 -37.06
O3 MAN X . 22.87 32.75 -34.98
O4 MAN X . 20.72 31.44 -33.69
O5 MAN X . 22.44 28.62 -35.37
O6 MAN X . 19.61 28.50 -35.43
C1 MAN Y . -1.83 -23.69 43.33
C2 MAN Y . -0.71 -24.03 42.35
C3 MAN Y . -0.12 -22.74 41.71
C4 MAN Y . -1.24 -21.86 41.13
C5 MAN Y . -2.33 -21.63 42.18
C6 MAN Y . -3.49 -20.91 41.51
O1 MAN Y . -1.29 -23.00 44.45
O2 MAN Y . -1.29 -24.82 41.32
O3 MAN Y . 0.74 -23.15 40.63
O4 MAN Y . -0.72 -20.60 40.66
O5 MAN Y . -2.85 -22.93 42.63
O6 MAN Y . -4.43 -20.49 42.48
C1 MAN Y . 1.92 -22.36 40.60
C2 MAN Y . 2.62 -22.57 39.24
C3 MAN Y . 3.13 -23.98 39.08
C4 MAN Y . 4.00 -24.38 40.28
C5 MAN Y . 3.22 -24.13 41.60
C6 MAN Y . 4.10 -24.42 42.85
O2 MAN Y . 3.68 -21.63 39.09
O3 MAN Y . 3.88 -24.11 37.84
O4 MAN Y . 4.36 -25.78 40.14
O5 MAN Y . 2.78 -22.73 41.68
O6 MAN Y . 5.37 -23.76 42.67
C1 MAN Y . -4.09 -19.19 43.01
C2 MAN Y . -5.08 -18.86 44.14
C3 MAN Y . -6.50 -18.48 43.62
C4 MAN Y . -6.46 -17.56 42.39
C5 MAN Y . -5.44 -18.10 41.39
C6 MAN Y . -5.45 -17.32 40.07
O2 MAN Y . -4.52 -17.83 44.97
O3 MAN Y . -7.25 -17.85 44.66
O4 MAN Y . -7.75 -17.58 41.79
O5 MAN Y . -4.14 -18.13 42.02
O6 MAN Y . -4.75 -16.08 40.23
C1 MAN Z . -18.67 -16.90 -6.44
C2 MAN Z . -18.29 -15.65 -5.64
C3 MAN Z . -16.79 -15.66 -5.38
C4 MAN Z . -16.36 -16.94 -4.67
C5 MAN Z . -16.91 -18.19 -5.36
C6 MAN Z . -16.74 -19.36 -4.39
O1 MAN Z . -17.97 -16.92 -7.69
O2 MAN Z . -19.03 -15.63 -4.38
O3 MAN Z . -16.45 -14.57 -4.56
O4 MAN Z . -14.91 -17.00 -4.63
O5 MAN Z . -18.32 -18.07 -5.67
O6 MAN Z . -16.71 -20.59 -5.13
C1 MAN Z . -15.49 -13.69 -5.15
C2 MAN Z . -14.98 -12.72 -4.08
C3 MAN Z . -16.10 -11.76 -3.63
C4 MAN Z . -16.73 -11.11 -4.84
C5 MAN Z . -17.25 -12.17 -5.80
C6 MAN Z . -17.84 -11.49 -7.03
O2 MAN Z . -13.88 -11.97 -4.60
O3 MAN Z . -15.57 -10.73 -2.78
O4 MAN Z . -17.82 -10.25 -4.44
O5 MAN Z . -16.12 -12.98 -6.24
O6 MAN Z . -16.94 -10.45 -7.46
C1 MAN Z . -15.36 -20.86 -5.59
C2 MAN Z . -15.34 -22.21 -6.29
C3 MAN Z . -15.71 -23.28 -5.27
C4 MAN Z . -14.69 -23.26 -4.11
C5 MAN Z . -14.68 -21.86 -3.49
C6 MAN Z . -13.66 -21.73 -2.34
O2 MAN Z . -14.00 -22.45 -6.80
O3 MAN Z . -15.73 -24.55 -5.91
O4 MAN Z . -15.03 -24.25 -3.15
O5 MAN Z . -14.38 -20.89 -4.52
O6 MAN Z . -12.29 -21.71 -2.82
C1 MAN AA . -4.09 22.90 3.81
C2 MAN AA . -4.34 23.50 5.19
C3 MAN AA . -3.72 22.59 6.30
C4 MAN AA . -4.22 21.14 6.13
C5 MAN AA . -3.94 20.65 4.70
C6 MAN AA . -4.57 19.27 4.54
O1 MAN AA . -2.69 22.95 3.50
O2 MAN AA . -5.74 23.54 5.37
O3 MAN AA . -4.15 23.07 7.57
O4 MAN AA . -3.56 20.27 7.06
O5 MAN AA . -4.58 21.53 3.76
O6 MAN AA . -4.18 18.70 3.29
C1 MAN AA . -3.09 23.09 8.54
C2 MAN AA . -3.70 23.30 9.93
C3 MAN AA . -4.40 24.67 9.97
C4 MAN AA . -3.38 25.77 9.61
C5 MAN AA . -2.79 25.46 8.22
C6 MAN AA . -1.78 26.52 7.78
O2 MAN AA . -2.66 23.28 10.92
O3 MAN AA . -4.94 24.93 11.28
O4 MAN AA . -4.07 27.03 9.58
O5 MAN AA . -2.14 24.16 8.24
O6 MAN AA . -0.58 26.36 8.54
C1 MAN AA . -2.87 18.08 3.36
C2 MAN AA . -2.55 17.40 2.02
C3 MAN AA . -3.59 16.32 1.77
C4 MAN AA . -3.55 15.29 2.90
C5 MAN AA . -3.81 16.03 4.23
C6 MAN AA . -3.92 15.05 5.40
O2 MAN AA . -1.25 16.80 2.09
O3 MAN AA . -3.36 15.68 0.51
O4 MAN AA . -4.60 14.31 2.66
O5 MAN AA . -2.80 17.08 4.41
O6 MAN AA . -2.99 15.40 6.44
C1 MAN BA . -39.22 -4.46 32.88
C2 MAN BA . -37.81 -5.07 32.81
C3 MAN BA . -36.81 -4.17 33.52
C4 MAN BA . -36.88 -2.75 32.97
C5 MAN BA . -38.30 -2.21 32.94
C6 MAN BA . -38.32 -0.92 32.12
O1 MAN BA . -39.66 -4.37 34.26
O2 MAN BA . -37.42 -5.21 31.43
O3 MAN BA . -35.50 -4.68 33.30
O4 MAN BA . -36.05 -1.88 33.77
O5 MAN BA . -39.20 -3.14 32.28
O6 MAN BA . -39.55 -0.23 32.35
C1 MAN BA . -34.81 -4.95 34.52
C2 MAN BA . -33.34 -5.20 34.18
C3 MAN BA . -33.19 -6.55 33.46
C4 MAN BA . -33.82 -7.67 34.26
C5 MAN BA . -35.29 -7.33 34.53
C6 MAN BA . -35.92 -8.46 35.39
O2 MAN BA . -32.58 -5.21 35.39
O3 MAN BA . -31.80 -6.86 33.21
O4 MAN BA . -33.73 -8.87 33.49
O5 MAN BA . -35.39 -6.07 35.25
O6 MAN BA . -37.28 -8.11 35.68
C1 MAN BA . -39.35 0.81 33.34
C2 MAN BA . -40.64 1.64 33.52
C3 MAN BA . -40.84 2.52 32.28
C4 MAN BA . -39.60 3.39 32.02
C5 MAN BA . -38.35 2.52 31.93
C6 MAN BA . -37.12 3.40 31.73
O2 MAN BA . -40.46 2.50 34.66
O3 MAN BA . -42.01 3.36 32.45
O4 MAN BA . -39.79 4.13 30.80
O5 MAN BA . -38.21 1.69 33.12
O6 MAN BA . -36.66 3.92 32.98
C1 MAN CA . 18.75 -14.29 2.33
C2 MAN CA . 19.89 -14.34 1.31
C3 MAN CA . 19.99 -13.01 0.54
C4 MAN CA . 18.63 -12.64 -0.06
C5 MAN CA . 17.54 -12.62 1.02
C6 MAN CA . 16.20 -12.38 0.33
O1 MAN CA . 19.07 -13.34 3.32
O2 MAN CA . 19.66 -15.42 0.41
O3 MAN CA . 20.93 -13.18 -0.52
O4 MAN CA . 18.73 -11.34 -0.68
O5 MAN CA . 17.49 -13.91 1.69
O6 MAN CA . 15.19 -12.22 1.32
C1 MAN CA . 21.77 -12.02 -0.67
C2 MAN CA . 22.48 -12.15 -2.00
C3 MAN CA . 23.36 -13.44 -1.99
C4 MAN CA . 24.34 -13.36 -0.78
C5 MAN CA . 23.49 -13.19 0.50
C6 MAN CA . 24.32 -13.16 1.79
O2 MAN CA . 23.29 -11.00 -2.15
O3 MAN CA . 24.11 -13.56 -3.20
O4 MAN CA . 25.13 -14.55 -0.70
O5 MAN CA . 22.75 -11.95 0.39
O6 MAN CA . 25.35 -12.20 1.61
C1 MAN CA . 15.05 -10.83 1.69
C2 MAN CA . 13.95 -10.70 2.75
C3 MAN CA . 12.59 -11.06 2.12
C4 MAN CA . 12.33 -10.15 0.93
C5 MAN CA . 13.47 -10.38 -0.08
C6 MAN CA . 13.18 -9.72 -1.43
O2 MAN CA . 13.92 -9.35 3.24
O3 MAN CA . 11.54 -10.94 3.09
O4 MAN CA . 11.07 -10.49 0.34
O5 MAN CA . 14.74 -10.00 0.54
O6 MAN CA . 13.86 -8.46 -1.52
C1 MAN DA . 2.87 -17.57 -48.44
C2 MAN DA . 2.82 -16.20 -47.75
C3 MAN DA . 4.26 -15.73 -47.48
C4 MAN DA . 5.04 -16.76 -46.66
C5 MAN DA . 4.93 -18.17 -47.23
C6 MAN DA . 5.43 -19.11 -46.13
O1 MAN DA . 3.55 -17.44 -49.73
O2 MAN DA . 2.11 -16.34 -46.50
O3 MAN DA . 4.24 -14.50 -46.75
O4 MAN DA . 6.43 -16.40 -46.61
O5 MAN DA . 3.54 -18.52 -47.57
O6 MAN DA . 5.75 -20.40 -46.66
C1 MAN DA . 4.99 -13.47 -47.42
C2 MAN DA . 5.02 -12.20 -46.55
C3 MAN DA . 3.61 -11.61 -46.44
C4 MAN DA . 3.01 -11.38 -47.82
C5 MAN DA . 3.05 -12.70 -48.57
C6 MAN DA . 2.34 -12.61 -49.93
O2 MAN DA . 5.90 -11.23 -47.14
O3 MAN DA . 3.62 -10.39 -45.72
O4 MAN DA . 1.67 -10.92 -47.65
O5 MAN DA . 4.42 -13.16 -48.72
O6 MAN DA . 2.26 -13.93 -50.49
C1 MAN DA . 7.14 -20.46 -47.04
C2 MAN DA . 7.47 -21.88 -47.50
C3 MAN DA . 7.39 -22.83 -46.31
C4 MAN DA . 8.34 -22.36 -45.19
C5 MAN DA . 7.99 -20.91 -44.82
C6 MAN DA . 8.90 -20.39 -43.70
O2 MAN DA . 8.79 -21.89 -48.05
O3 MAN DA . 7.73 -24.16 -46.72
O4 MAN DA . 8.16 -23.22 -44.06
O5 MAN DA . 8.08 -20.06 -46.00
O6 MAN DA . 10.23 -20.19 -44.17
C1 MAN EA . 5.73 26.08 -41.61
C2 MAN EA . 5.24 26.80 -40.36
C3 MAN EA . 5.99 26.28 -39.10
C4 MAN EA . 5.90 24.75 -39.06
C5 MAN EA . 6.40 24.17 -40.36
C6 MAN EA . 6.22 22.66 -40.30
O1 MAN EA . 7.07 26.48 -41.88
O2 MAN EA . 3.84 26.47 -40.23
O3 MAN EA . 5.30 26.76 -37.96
O4 MAN EA . 6.67 24.25 -37.98
O5 MAN EA . 5.57 24.66 -41.44
O6 MAN EA . 6.86 22.05 -41.42
C1 MAN EA . 6.20 27.25 -36.96
C2 MAN EA . 5.44 27.42 -35.63
C3 MAN EA . 4.39 28.50 -35.73
C4 MAN EA . 4.99 29.80 -36.29
C5 MAN EA . 5.72 29.51 -37.62
C6 MAN EA . 6.45 30.76 -38.15
O2 MAN EA . 6.40 27.76 -34.62
O3 MAN EA . 3.84 28.77 -34.41
O4 MAN EA . 3.90 30.74 -36.48
O5 MAN EA . 6.76 28.52 -37.38
O6 MAN EA . 7.19 31.35 -37.08
C1 MAN EA . 8.25 21.79 -41.18
C2 MAN EA . 8.85 21.21 -42.48
C3 MAN EA . 8.37 19.77 -42.76
C4 MAN EA . 8.39 18.88 -41.50
C5 MAN EA . 7.70 19.62 -40.35
C6 MAN EA . 7.52 18.74 -39.09
O2 MAN EA . 10.28 21.30 -42.41
O3 MAN EA . 9.18 19.16 -43.77
O4 MAN EA . 7.66 17.65 -41.80
O5 MAN EA . 8.42 20.85 -40.09
O6 MAN EA . 8.76 18.63 -38.40
C1 MAN FA . -22.96 -7.40 -11.85
C2 MAN FA . -21.44 -7.56 -11.75
C3 MAN FA . -20.83 -6.28 -11.11
C4 MAN FA . -21.22 -5.07 -11.92
C5 MAN FA . -22.75 -4.99 -12.10
C6 MAN FA . -23.03 -3.89 -13.13
O1 MAN FA . -23.55 -7.26 -10.55
O2 MAN FA . -20.88 -7.78 -13.08
O3 MAN FA . -19.39 -6.38 -11.14
O4 MAN FA . -20.74 -3.90 -11.24
O5 MAN FA . -23.28 -6.24 -12.64
O6 MAN FA . -24.39 -3.44 -13.06
C1 MAN FA . -18.79 -6.25 -9.84
C2 MAN FA . -17.26 -6.16 -10.02
C3 MAN FA . -16.70 -7.44 -10.67
C4 MAN FA . -17.21 -8.69 -9.94
C5 MAN FA . -18.74 -8.61 -9.85
C6 MAN FA . -19.37 -9.94 -9.40
O2 MAN FA . -16.63 -5.96 -8.74
O3 MAN FA . -15.27 -7.41 -10.64
O4 MAN FA . -16.81 -9.87 -10.63
O5 MAN FA . -19.11 -7.44 -9.09
O6 MAN FA . -20.41 -9.72 -8.45
C1 MAN FA . -24.53 -2.39 -12.09
C2 MAN FA . -25.95 -1.85 -12.10
C3 MAN FA . -26.21 -1.17 -13.43
C4 MAN FA . -25.16 -0.06 -13.68
C5 MAN FA . -23.77 -0.67 -13.62
C6 MAN FA . -22.68 0.40 -13.76
O2 MAN FA . -26.10 -0.89 -11.05
O3 MAN FA . -27.54 -0.68 -13.47
O4 MAN FA . -25.38 0.49 -14.98
O5 MAN FA . -23.58 -1.30 -12.33
O6 MAN FA . -22.78 1.42 -12.76
C5 MAN GA . 14.48 12.10 8.26
C6 MAN GA . 13.56 10.94 8.66
O6 MAN GA . 13.01 10.36 7.47
C1 EDO HA . -22.12 -3.42 22.15
O1 EDO HA . -20.79 -3.94 22.04
C2 EDO HA . -22.63 -3.90 23.49
O2 EDO HA . -22.67 -2.84 24.46
C1 EDO IA . -0.23 11.93 -23.77
O1 EDO IA . -0.26 10.89 -24.78
C2 EDO IA . 0.89 11.66 -22.78
O2 EDO IA . 1.46 12.91 -22.31
#